data_4XLW
#
_entry.id   4XLW
#
_cell.length_a   84.560
_cell.length_b   95.570
_cell.length_c   122.900
_cell.angle_alpha   90.00
_cell.angle_beta   96.21
_cell.angle_gamma   90.00
#
_symmetry.space_group_name_H-M   'P 1 21 1'
#
loop_
_entity.id
_entity.type
_entity.pdbx_description
1 polymer 'Neurogenic locus notch homolog protein 1'
2 polymer 'Delta-like protein'
3 non-polymer 'CALCIUM ION'
4 non-polymer beta-D-glucopyranose
5 non-polymer alpha-L-fucopyranose
6 non-polymer 2-acetamido-2-deoxy-beta-D-glucopyranose
#
loop_
_entity_poly.entity_id
_entity_poly.type
_entity_poly.pdbx_seq_one_letter_code
_entity_poly.pdbx_strand_id
1 'polypeptide(L)'
;DVDECALGANPCEHAGKCLNTLGSFECQCLQGYTGPRCEIDVNECISNPCQNDATCLDQIGEFQCICMPGYEGVYCEINT
DECASSPCLHNGRCVDKINEFLCQCPKGFSGHLCQSGRLEVLFQ
;
A,C,E,G
2 'polypeptide(L)'
;SSSIFQLRLQEFANERGMLANGRPCEPGCRTFFRICLKHYQATFSEGPCTFGNVSTPVLGTNSFVIRDKNSGSGRNPLQL
PLNFTWPGTFSLNIQAWHTPGDDLRPETSPGNSLISQIIIQGSLAVG(MLY)NWKSDEQNNTLTRLRYSYRVVCSDNYYG
DSCSRLC(MLY)(MLY)RDDHFGHYECQPDGSPSCLPGWTG(MLY)YCDQPICLSGCHEQNGYCS(MLY)PDECNCRPGW
QGPLCNECIPHKGCRHGTCTIPWQCACDEGWGGLFCDQAAA
;
B,D,F,H
#
# COMPACT_ATOMS: atom_id res chain seq x y z
N ASP A 3 28.40 58.82 -30.47
CA ASP A 3 26.98 58.76 -30.83
C ASP A 3 26.25 57.71 -29.99
N GLU A 4 25.52 56.85 -30.68
CA GLU A 4 24.60 55.91 -30.06
C GLU A 4 25.20 54.93 -29.05
N CYS A 5 26.45 54.52 -29.25
CA CYS A 5 27.05 53.48 -28.43
C CYS A 5 27.53 53.97 -27.06
N ALA A 6 27.91 55.24 -26.97
CA ALA A 6 28.43 55.80 -25.73
C ALA A 6 27.33 56.13 -24.73
N LEU A 7 26.08 55.98 -25.16
CA LEU A 7 24.93 56.41 -24.35
C LEU A 7 24.58 55.46 -23.20
N GLY A 8 25.59 54.92 -22.53
CA GLY A 8 25.36 54.12 -21.35
C GLY A 8 25.55 52.63 -21.52
N ALA A 9 24.47 51.88 -21.32
CA ALA A 9 24.51 50.42 -21.37
C ALA A 9 24.78 49.87 -22.76
N ASN A 10 24.63 48.56 -22.90
CA ASN A 10 24.89 47.88 -24.17
C ASN A 10 23.61 47.27 -24.75
N PRO A 11 23.22 47.72 -25.95
CA PRO A 11 22.00 47.21 -26.60
C PRO A 11 22.21 45.83 -27.23
N CYS A 12 23.47 45.46 -27.46
CA CYS A 12 23.77 44.12 -27.96
C CYS A 12 23.97 43.19 -26.76
N GLU A 13 23.09 42.22 -26.63
CA GLU A 13 22.91 41.51 -25.37
C GLU A 13 23.97 40.42 -25.09
N HIS A 14 24.24 39.58 -26.08
CA HIS A 14 25.17 38.47 -25.86
C HIS A 14 26.59 38.86 -26.23
N ALA A 15 27.13 39.83 -25.49
CA ALA A 15 28.51 40.31 -25.66
C ALA A 15 28.79 40.78 -27.09
N GLY A 16 27.74 41.14 -27.82
CA GLY A 16 27.90 41.68 -29.14
C GLY A 16 28.42 43.10 -29.10
N LYS A 17 29.05 43.54 -30.17
CA LYS A 17 29.63 44.88 -30.21
C LYS A 17 28.66 45.89 -30.80
N CYS A 18 28.59 47.06 -30.16
CA CYS A 18 27.77 48.15 -30.66
C CYS A 18 28.50 48.92 -31.74
N LEU A 19 27.86 49.09 -32.89
CA LEU A 19 28.41 49.92 -33.95
C LEU A 19 27.48 51.08 -34.23
N ASN A 20 28.01 52.29 -34.24
CA ASN A 20 27.17 53.45 -34.51
C ASN A 20 26.98 53.67 -35.99
N THR A 21 25.72 53.74 -36.39
CA THR A 21 25.37 54.23 -37.70
C THR A 21 25.13 55.72 -37.40
N LEU A 22 24.46 56.41 -38.30
CA LEU A 22 24.15 57.82 -38.12
C LEU A 22 22.69 57.95 -37.71
N GLY A 23 22.44 58.73 -36.67
CA GLY A 23 21.11 58.81 -36.13
C GLY A 23 20.62 57.45 -35.66
N SER A 24 21.46 56.42 -35.80
CA SER A 24 21.12 55.12 -35.21
C SER A 24 22.33 54.21 -35.00
N PHE A 25 22.07 52.90 -34.83
CA PHE A 25 23.11 51.91 -34.58
C PHE A 25 22.77 50.52 -35.13
N GLU A 26 23.75 49.62 -35.13
CA GLU A 26 23.55 48.22 -35.49
C GLU A 26 24.44 47.32 -34.64
N CYS A 27 23.98 46.09 -34.39
CA CYS A 27 24.71 45.17 -33.51
C CYS A 27 25.56 44.16 -34.28
N GLN A 28 26.85 44.17 -34.00
CA GLN A 28 27.76 43.17 -34.54
C GLN A 28 27.72 41.91 -33.67
N CYS A 29 26.95 40.92 -34.11
CA CYS A 29 26.70 39.74 -33.30
C CYS A 29 27.89 38.78 -33.30
N LEU A 30 28.17 38.21 -32.13
CA LEU A 30 29.13 37.13 -32.01
C LEU A 30 28.61 35.89 -32.76
N GLN A 31 29.50 34.96 -33.05
CA GLN A 31 29.13 33.75 -33.78
C GLN A 31 28.08 32.92 -33.02
N GLY A 32 26.98 32.63 -33.69
CA GLY A 32 25.91 31.84 -33.11
C GLY A 32 24.73 32.66 -32.65
N TYR A 33 24.72 33.95 -32.98
CA TYR A 33 23.64 34.84 -32.59
C TYR A 33 23.16 35.70 -33.77
N THR A 34 21.84 35.80 -33.93
CA THR A 34 21.26 36.63 -34.98
C THR A 34 20.19 37.54 -34.43
N GLY A 35 19.51 38.24 -35.34
CA GLY A 35 18.51 39.22 -34.94
C GLY A 35 19.11 40.60 -34.91
N PRO A 36 18.26 41.63 -34.83
CA PRO A 36 18.71 43.03 -34.79
C PRO A 36 19.69 43.30 -33.66
N ARG A 37 19.39 42.79 -32.46
CA ARG A 37 20.22 43.07 -31.29
C ARG A 37 20.79 41.80 -30.66
N CYS A 38 20.98 40.77 -31.47
CA CYS A 38 21.58 39.50 -31.04
C CYS A 38 20.91 38.91 -29.81
N GLU A 39 19.58 38.90 -29.75
CA GLU A 39 18.89 38.36 -28.59
C GLU A 39 18.35 36.96 -28.85
N ILE A 40 18.63 36.44 -30.04
CA ILE A 40 18.13 35.13 -30.44
C ILE A 40 19.28 34.15 -30.69
N ASP A 41 19.24 33.00 -30.02
CA ASP A 41 20.20 31.94 -30.30
C ASP A 41 19.92 31.33 -31.67
N VAL A 42 20.91 31.39 -32.55
CA VAL A 42 20.80 30.73 -33.84
C VAL A 42 20.79 29.22 -33.64
N ASN A 43 19.87 28.54 -34.31
CA ASN A 43 19.89 27.09 -34.34
C ASN A 43 20.92 26.62 -35.36
N GLU A 44 22.00 26.03 -34.86
CA GLU A 44 23.07 25.57 -35.73
C GLU A 44 22.72 24.24 -36.40
N CYS A 45 21.60 23.65 -35.99
CA CYS A 45 21.19 22.33 -36.48
C CYS A 45 20.06 22.39 -37.50
N ILE A 46 19.93 23.51 -38.21
CA ILE A 46 18.90 23.63 -39.25
C ILE A 46 19.29 22.85 -40.49
N SER A 47 20.58 22.84 -40.81
CA SER A 47 21.07 22.22 -42.03
C SER A 47 21.03 20.69 -41.97
N ASN A 48 20.66 20.15 -40.82
CA ASN A 48 20.61 18.70 -40.59
C ASN A 48 21.89 18.01 -41.06
N PRO A 49 23.03 18.43 -40.50
CA PRO A 49 24.34 18.08 -41.05
C PRO A 49 24.70 16.61 -40.87
N CYS A 50 24.13 15.96 -39.87
CA CYS A 50 24.56 14.62 -39.50
C CYS A 50 23.62 13.54 -40.00
N GLN A 51 24.20 12.44 -40.46
CA GLN A 51 23.46 11.35 -41.08
C GLN A 51 23.43 10.12 -40.19
N ASN A 52 22.87 9.03 -40.73
CA ASN A 52 22.84 7.74 -40.05
C ASN A 52 22.06 7.76 -38.74
N ASP A 53 20.89 8.39 -38.78
CA ASP A 53 19.97 8.45 -37.64
C ASP A 53 20.62 9.00 -36.37
N ALA A 54 21.49 9.99 -36.51
CA ALA A 54 22.13 10.60 -35.36
C ALA A 54 21.21 11.63 -34.71
N THR A 55 21.69 12.27 -33.65
CA THR A 55 20.92 13.30 -32.97
C THR A 55 21.72 14.61 -32.91
N CYS A 56 21.13 15.69 -33.40
CA CYS A 56 21.81 16.99 -33.47
C CYS A 56 21.54 17.81 -32.22
N LEU A 57 22.60 18.33 -31.61
CA LEU A 57 22.48 19.21 -30.46
C LEU A 57 22.86 20.63 -30.84
N ASP A 58 21.92 21.56 -30.71
CA ASP A 58 22.20 22.97 -30.96
C ASP A 58 22.92 23.60 -29.79
N GLN A 59 24.18 23.95 -29.98
CA GLN A 59 24.96 24.61 -28.94
C GLN A 59 25.12 26.09 -29.29
N ILE A 60 25.93 26.79 -28.49
CA ILE A 60 26.16 28.21 -28.71
C ILE A 60 27.30 28.41 -29.71
N GLY A 61 26.94 28.72 -30.95
CA GLY A 61 27.93 29.01 -31.98
C GLY A 61 28.36 27.80 -32.80
N GLU A 62 27.84 26.62 -32.44
CA GLU A 62 28.21 25.39 -33.14
C GLU A 62 27.18 24.29 -32.88
N PHE A 63 27.28 23.22 -33.66
CA PHE A 63 26.40 22.07 -33.50
C PHE A 63 27.18 20.85 -33.06
N GLN A 64 26.53 19.97 -32.30
CA GLN A 64 27.14 18.73 -31.87
C GLN A 64 26.22 17.54 -32.11
N CYS A 65 26.78 16.47 -32.65
CA CYS A 65 25.96 15.30 -32.98
C CYS A 65 26.38 14.05 -32.22
N ILE A 66 25.38 13.31 -31.74
CA ILE A 66 25.61 12.03 -31.11
C ILE A 66 25.28 10.92 -32.10
N CYS A 67 26.29 10.15 -32.47
CA CYS A 67 26.11 9.11 -33.47
C CYS A 67 25.44 7.87 -32.88
N MET A 68 24.70 7.15 -33.72
CA MET A 68 24.26 5.81 -33.37
C MET A 68 25.51 4.96 -33.18
N PRO A 69 25.45 3.96 -32.29
CA PRO A 69 26.62 3.11 -32.05
C PRO A 69 27.19 2.51 -33.33
N GLY A 70 28.51 2.55 -33.46
CA GLY A 70 29.18 2.00 -34.63
C GLY A 70 29.51 3.05 -35.67
N TYR A 71 28.89 4.21 -35.57
CA TYR A 71 29.17 5.30 -36.49
C TYR A 71 29.97 6.39 -35.80
N GLU A 72 30.75 7.15 -36.58
CA GLU A 72 31.57 8.20 -36.01
C GLU A 72 31.80 9.32 -37.02
N GLY A 73 32.58 10.32 -36.62
CA GLY A 73 32.83 11.48 -37.45
C GLY A 73 32.02 12.68 -36.97
N VAL A 74 32.36 13.85 -37.49
CA VAL A 74 31.67 15.08 -37.12
C VAL A 74 30.20 15.04 -37.56
N TYR A 75 29.95 14.51 -38.75
CA TYR A 75 28.60 14.42 -39.27
C TYR A 75 28.05 12.99 -39.11
N CYS A 76 28.74 12.19 -38.29
CA CYS A 76 28.41 10.77 -38.14
C CYS A 76 28.36 10.08 -39.50
N GLU A 77 29.31 10.43 -40.36
CA GLU A 77 29.30 9.97 -41.75
C GLU A 77 30.10 8.70 -41.94
N ILE A 78 30.94 8.36 -40.95
CA ILE A 78 31.84 7.23 -41.07
C ILE A 78 31.34 5.99 -40.32
N ASN A 79 31.11 4.91 -41.06
CA ASN A 79 30.91 3.60 -40.44
C ASN A 79 32.27 3.07 -40.01
N THR A 80 32.48 2.99 -38.71
CA THR A 80 33.77 2.59 -38.16
C THR A 80 34.18 1.19 -38.61
N ASP A 81 35.30 1.12 -39.33
CA ASP A 81 35.90 -0.16 -39.66
C ASP A 81 36.49 -0.76 -38.39
N GLU A 82 35.75 -1.68 -37.78
CA GLU A 82 36.17 -2.27 -36.51
C GLU A 82 37.34 -3.24 -36.72
N CYS A 83 37.68 -3.48 -37.99
CA CYS A 83 38.80 -4.36 -38.33
C CYS A 83 40.08 -3.57 -38.63
N ALA A 84 40.04 -2.27 -38.36
CA ALA A 84 41.16 -1.38 -38.70
C ALA A 84 42.41 -1.69 -37.88
N SER A 85 42.22 -2.22 -36.69
CA SER A 85 43.33 -2.48 -35.77
C SER A 85 43.94 -3.87 -35.96
N SER A 86 43.47 -4.58 -36.98
CA SER A 86 43.88 -5.96 -37.24
C SER A 86 43.73 -6.83 -35.99
N PRO A 87 42.47 -7.07 -35.57
CA PRO A 87 42.21 -7.73 -34.29
C PRO A 87 42.41 -9.25 -34.29
N CYS A 88 41.85 -9.95 -35.27
CA CYS A 88 41.96 -11.40 -35.32
C CYS A 88 43.41 -11.80 -35.54
N LEU A 89 43.96 -12.61 -34.63
CA LEU A 89 45.37 -13.01 -34.71
C LEU A 89 45.56 -14.34 -35.43
N HIS A 90 46.81 -14.58 -35.83
CA HIS A 90 47.22 -15.84 -36.45
C HIS A 90 46.43 -16.17 -37.71
N ASN A 91 46.40 -15.19 -38.62
CA ASN A 91 45.78 -15.35 -39.93
C ASN A 91 44.29 -15.70 -39.88
N GLY A 92 43.58 -15.09 -38.94
CA GLY A 92 42.14 -15.20 -38.91
C GLY A 92 41.53 -14.22 -39.88
N ARG A 93 40.26 -14.41 -40.22
CA ARG A 93 39.57 -13.49 -41.13
C ARG A 93 38.70 -12.53 -40.35
N CYS A 94 38.63 -11.28 -40.80
CA CYS A 94 37.90 -10.25 -40.07
C CYS A 94 36.62 -9.85 -40.80
N VAL A 95 35.52 -9.81 -40.06
CA VAL A 95 34.22 -9.42 -40.61
C VAL A 95 33.64 -8.24 -39.85
N ASP A 96 33.67 -7.07 -40.47
CA ASP A 96 33.12 -5.86 -39.86
C ASP A 96 31.60 -5.82 -40.01
N LYS A 97 30.93 -5.32 -38.99
CA LYS A 97 29.48 -5.10 -39.06
C LYS A 97 29.15 -3.67 -38.62
N ILE A 98 28.50 -3.55 -37.46
CA ILE A 98 28.16 -2.24 -36.91
C ILE A 98 28.34 -2.25 -35.39
N ASN A 99 29.36 -1.53 -34.92
CA ASN A 99 29.77 -1.56 -33.52
C ASN A 99 30.02 -2.98 -33.06
N GLU A 100 30.54 -3.80 -33.96
CA GLU A 100 30.65 -5.25 -33.74
C GLU A 100 31.51 -5.88 -34.82
N PHE A 101 32.36 -6.82 -34.43
CA PHE A 101 33.21 -7.51 -35.39
C PHE A 101 33.28 -9.01 -35.09
N LEU A 102 33.32 -9.82 -36.14
CA LEU A 102 33.37 -11.26 -35.99
C LEU A 102 34.63 -11.83 -36.66
N CYS A 103 35.30 -12.75 -35.97
CA CYS A 103 36.50 -13.39 -36.52
C CYS A 103 36.18 -14.79 -36.99
N GLN A 104 36.31 -15.01 -38.30
CA GLN A 104 36.23 -16.36 -38.84
C GLN A 104 37.47 -17.12 -38.36
N CYS A 105 37.25 -18.24 -37.69
CA CYS A 105 38.33 -18.99 -37.06
C CYS A 105 38.73 -20.18 -37.90
N PRO A 106 39.99 -20.21 -38.37
CA PRO A 106 40.51 -21.41 -39.02
C PRO A 106 40.57 -22.56 -38.02
N LYS A 107 40.50 -23.80 -38.49
CA LYS A 107 40.47 -24.96 -37.61
C LYS A 107 41.68 -25.01 -36.68
N GLY A 108 41.43 -25.31 -35.41
CA GLY A 108 42.49 -25.38 -34.42
C GLY A 108 42.63 -24.13 -33.58
N PHE A 109 41.84 -23.10 -33.91
CA PHE A 109 41.88 -21.86 -33.14
C PHE A 109 40.48 -21.50 -32.65
N SER A 110 40.41 -20.93 -31.46
CA SER A 110 39.13 -20.52 -30.87
C SER A 110 39.27 -19.25 -30.06
N GLY A 111 38.18 -18.84 -29.43
CA GLY A 111 38.17 -17.62 -28.64
C GLY A 111 37.64 -16.46 -29.44
N HIS A 112 37.51 -15.31 -28.79
CA HIS A 112 37.01 -14.10 -29.43
C HIS A 112 37.91 -13.64 -30.57
N LEU A 113 39.21 -13.54 -30.28
CA LEU A 113 40.18 -13.05 -31.26
C LEU A 113 40.81 -14.17 -32.09
N CYS A 114 40.28 -15.38 -31.97
CA CYS A 114 40.90 -16.58 -32.57
C CYS A 114 42.36 -16.66 -32.14
N GLN A 115 42.58 -16.99 -30.88
CA GLN A 115 43.91 -16.94 -30.28
C GLN A 115 44.27 -18.26 -29.61
N SER B 1 24.45 27.64 -21.78
CA SER B 1 23.46 27.35 -20.74
C SER B 1 22.16 28.10 -21.01
N SER B 2 21.38 27.58 -21.95
CA SER B 2 20.14 28.24 -22.37
C SER B 2 18.90 27.62 -21.73
N SER B 3 19.00 26.36 -21.35
CA SER B 3 17.86 25.64 -20.77
C SER B 3 18.30 24.79 -19.59
N ILE B 4 17.35 24.43 -18.73
CA ILE B 4 17.66 23.70 -17.50
C ILE B 4 16.73 22.52 -17.25
N PHE B 5 17.31 21.36 -17.01
CA PHE B 5 16.57 20.17 -16.60
C PHE B 5 16.48 20.11 -15.09
N GLN B 6 15.26 20.03 -14.57
CA GLN B 6 15.06 19.98 -13.12
C GLN B 6 14.45 18.66 -12.68
N LEU B 7 15.02 18.08 -11.63
CA LEU B 7 14.61 16.77 -11.15
C LEU B 7 14.36 16.84 -9.65
N ARG B 8 13.11 16.62 -9.25
CA ARG B 8 12.75 16.66 -7.83
C ARG B 8 12.51 15.27 -7.26
N LEU B 9 13.36 14.89 -6.30
CA LEU B 9 13.17 13.65 -5.57
C LEU B 9 12.20 13.89 -4.43
N GLN B 10 11.15 13.07 -4.35
CA GLN B 10 10.06 13.32 -3.43
C GLN B 10 10.00 12.30 -2.29
N GLU B 11 9.96 11.03 -2.64
CA GLU B 11 9.89 9.98 -1.62
C GLU B 11 10.58 8.69 -2.08
N PHE B 12 11.23 8.03 -1.14
CA PHE B 12 11.91 6.77 -1.40
C PHE B 12 11.57 5.73 -0.33
N ALA B 13 11.09 4.57 -0.76
CA ALA B 13 10.69 3.52 0.16
C ALA B 13 11.60 2.31 0.05
N ASN B 14 12.31 2.01 1.13
CA ASN B 14 13.21 0.87 1.16
C ASN B 14 13.25 0.21 2.53
N GLU B 15 12.19 -0.54 2.85
CA GLU B 15 12.15 -1.32 4.08
C GLU B 15 13.19 -2.43 4.00
N ARG B 16 13.48 -3.05 5.16
CA ARG B 16 14.46 -4.13 5.28
C ARG B 16 15.90 -3.68 4.98
N GLY B 17 16.05 -2.67 4.15
CA GLY B 17 17.35 -2.16 3.77
C GLY B 17 18.20 -3.18 3.04
N MET B 18 17.74 -3.57 1.85
CA MET B 18 18.39 -4.62 1.08
C MET B 18 19.20 -4.07 -0.09
N LEU B 19 20.46 -4.48 -0.20
CA LEU B 19 21.28 -4.13 -1.35
C LEU B 19 20.87 -4.95 -2.57
N ALA B 20 21.54 -4.69 -3.69
CA ALA B 20 21.30 -5.43 -4.92
C ALA B 20 21.67 -6.90 -4.74
N ASN B 21 22.82 -7.15 -4.10
CA ASN B 21 23.33 -8.50 -3.92
C ASN B 21 22.53 -9.35 -2.92
N GLY B 22 21.45 -8.78 -2.40
CA GLY B 22 20.58 -9.51 -1.49
C GLY B 22 20.96 -9.37 -0.03
N ARG B 23 22.10 -8.74 0.23
CA ARG B 23 22.55 -8.53 1.59
C ARG B 23 21.88 -7.30 2.20
N PRO B 24 21.55 -7.36 3.49
CA PRO B 24 20.96 -6.22 4.21
C PRO B 24 22.00 -5.15 4.53
N CYS B 25 21.59 -3.88 4.52
CA CYS B 25 22.47 -2.79 4.92
C CYS B 25 22.85 -2.90 6.39
N GLU B 26 24.09 -2.52 6.71
CA GLU B 26 24.54 -2.47 8.09
C GLU B 26 25.25 -1.16 8.38
N PRO B 27 24.73 -0.39 9.35
CA PRO B 27 23.53 -0.72 10.13
C PRO B 27 22.23 -0.39 9.38
N GLY B 28 22.31 0.61 8.50
CA GLY B 28 21.16 1.00 7.70
C GLY B 28 21.62 1.57 6.37
N CYS B 29 20.74 1.56 5.38
CA CYS B 29 21.10 2.05 4.06
C CYS B 29 21.24 3.57 4.04
N ARG B 30 22.47 4.05 4.19
CA ARG B 30 22.75 5.46 4.07
C ARG B 30 22.69 5.84 2.59
N THR B 31 21.52 6.26 2.16
CA THR B 31 21.20 6.36 0.75
C THR B 31 21.58 7.70 0.11
N PHE B 32 22.36 7.62 -0.96
CA PHE B 32 22.60 8.77 -1.81
C PHE B 32 22.26 8.40 -3.25
N PHE B 33 22.12 9.39 -4.12
CA PHE B 33 21.62 9.15 -5.46
C PHE B 33 22.58 9.62 -6.55
N ARG B 34 22.74 8.78 -7.57
CA ARG B 34 23.48 9.16 -8.77
C ARG B 34 22.49 9.29 -9.92
N ILE B 35 22.52 10.42 -10.60
CA ILE B 35 21.59 10.66 -11.70
C ILE B 35 22.35 10.74 -13.02
N CYS B 36 21.83 10.04 -14.03
CA CYS B 36 22.45 10.07 -15.35
C CYS B 36 21.42 10.49 -16.39
N LEU B 37 21.61 11.69 -16.94
CA LEU B 37 20.75 12.19 -17.99
C LEU B 37 21.46 12.11 -19.34
N LYS B 38 20.85 11.41 -20.30
CA LYS B 38 21.42 11.30 -21.62
C LYS B 38 20.35 11.20 -22.70
N HIS B 39 20.78 11.20 -23.95
CA HIS B 39 19.87 11.23 -25.09
C HIS B 39 19.00 9.99 -25.19
N TYR B 40 17.87 10.13 -25.87
CA TYR B 40 16.99 9.01 -26.14
C TYR B 40 17.69 7.97 -27.01
N GLN B 41 17.80 6.75 -26.50
CA GLN B 41 18.32 5.65 -27.27
C GLN B 41 17.43 4.43 -27.08
N ALA B 42 16.72 4.07 -28.14
CA ALA B 42 15.82 2.92 -28.10
C ALA B 42 16.60 1.63 -27.90
N THR B 43 17.76 1.55 -28.54
CA THR B 43 18.70 0.45 -28.32
C THR B 43 19.21 0.46 -26.88
N PHE B 44 19.84 -0.64 -26.47
CA PHE B 44 20.31 -0.81 -25.11
C PHE B 44 21.27 0.31 -24.68
N SER B 45 21.23 0.65 -23.40
CA SER B 45 21.98 1.78 -22.86
C SER B 45 23.48 1.63 -23.08
N GLU B 46 24.04 2.50 -23.93
CA GLU B 46 25.46 2.52 -24.18
C GLU B 46 26.03 3.93 -23.96
N GLY B 47 27.28 3.99 -23.52
CA GLY B 47 27.99 5.25 -23.40
C GLY B 47 27.75 5.98 -22.08
N PRO B 48 28.27 7.20 -21.97
CA PRO B 48 28.20 8.02 -20.76
C PRO B 48 26.93 8.88 -20.70
N CYS B 49 26.89 9.78 -19.72
CA CYS B 49 25.75 10.70 -19.60
C CYS B 49 26.04 11.97 -20.38
N THR B 50 25.45 12.08 -21.56
CA THR B 50 25.74 13.15 -22.50
C THR B 50 25.08 14.48 -22.12
N PHE B 51 24.03 14.42 -21.29
CA PHE B 51 23.33 15.62 -20.89
C PHE B 51 23.81 16.10 -19.52
N GLY B 52 24.67 15.31 -18.89
CA GLY B 52 25.24 15.67 -17.61
C GLY B 52 24.92 14.70 -16.49
N ASN B 53 25.87 14.54 -15.57
CA ASN B 53 25.69 13.65 -14.43
C ASN B 53 25.79 14.41 -13.11
N VAL B 54 25.21 13.85 -12.05
CA VAL B 54 25.24 14.49 -10.74
C VAL B 54 25.07 13.49 -9.60
N SER B 55 25.89 13.65 -8.55
CA SER B 55 25.76 12.82 -7.36
C SER B 55 25.31 13.67 -6.18
N THR B 56 24.37 13.13 -5.39
CA THR B 56 23.84 13.85 -4.24
C THR B 56 24.44 13.31 -2.94
N PRO B 57 24.42 14.12 -1.88
CA PRO B 57 24.83 13.58 -0.57
C PRO B 57 23.75 12.66 0.01
N VAL B 58 24.03 12.05 1.15
CA VAL B 58 23.06 11.16 1.80
C VAL B 58 21.82 11.94 2.25
N LEU B 59 20.66 11.50 1.77
CA LEU B 59 19.42 12.23 2.03
C LEU B 59 18.58 11.58 3.13
N GLY B 60 18.75 10.27 3.33
CA GLY B 60 17.99 9.56 4.33
C GLY B 60 18.38 8.11 4.51
N THR B 61 17.69 7.42 5.41
CA THR B 61 17.96 6.01 5.67
C THR B 61 16.71 5.16 5.45
N ASN B 62 16.87 4.10 4.65
CA ASN B 62 15.76 3.20 4.31
C ASN B 62 14.59 3.93 3.66
N SER B 63 13.47 4.00 4.38
CA SER B 63 12.30 4.72 3.88
C SER B 63 12.23 6.12 4.49
N PHE B 64 12.06 7.12 3.64
CA PHE B 64 12.05 8.51 4.08
C PHE B 64 11.42 9.45 3.06
N VAL B 65 10.85 10.56 3.54
CA VAL B 65 10.31 11.58 2.68
C VAL B 65 11.35 12.68 2.45
N ILE B 66 11.53 13.08 1.20
CA ILE B 66 12.53 14.09 0.85
C ILE B 66 11.94 15.49 0.76
N ARG B 67 12.46 16.39 1.60
CA ARG B 67 12.00 17.77 1.62
C ARG B 67 12.76 18.61 0.59
N ASP B 68 12.11 19.67 0.12
CA ASP B 68 12.75 20.60 -0.81
C ASP B 68 13.81 21.43 -0.09
N LYS B 69 14.90 21.74 -0.80
CA LYS B 69 15.96 22.56 -0.24
C LYS B 69 16.28 23.72 -1.18
N ASN B 70 15.98 24.93 -0.73
CA ASN B 70 16.21 26.13 -1.53
C ASN B 70 17.70 26.41 -1.73
N SER B 71 18.51 26.00 -0.76
CA SER B 71 19.95 26.21 -0.81
C SER B 71 20.70 24.95 -0.41
N GLY B 74 21.74 19.91 0.55
CA GLY B 74 21.51 19.53 -0.84
C GLY B 74 20.75 20.59 -1.61
N ARG B 75 20.62 20.38 -2.92
CA ARG B 75 19.92 21.32 -3.78
C ARG B 75 18.75 20.63 -4.46
N ASN B 76 17.63 20.55 -3.77
CA ASN B 76 16.43 19.92 -4.32
C ASN B 76 15.34 20.96 -4.63
N PRO B 77 14.79 20.93 -5.87
CA PRO B 77 15.08 19.98 -6.96
C PRO B 77 16.47 20.14 -7.57
N LEU B 78 16.98 19.06 -8.14
CA LEU B 78 18.32 19.03 -8.72
C LEU B 78 18.41 19.90 -9.96
N GLN B 79 19.62 20.39 -10.25
CA GLN B 79 19.83 21.31 -11.36
C GLN B 79 20.83 20.78 -12.38
N LEU B 80 20.41 20.70 -13.63
CA LEU B 80 21.30 20.30 -14.73
C LEU B 80 21.31 21.32 -15.86
N PRO B 81 22.25 22.27 -15.82
CA PRO B 81 22.42 23.24 -16.90
C PRO B 81 22.94 22.57 -18.17
N LEU B 82 22.37 22.91 -19.32
CA LEU B 82 22.74 22.24 -20.57
C LEU B 82 23.55 23.14 -21.49
N ASN B 83 24.57 22.57 -22.11
CA ASN B 83 25.41 23.28 -23.08
C ASN B 83 24.72 23.41 -24.43
N PHE B 84 23.43 23.07 -24.48
CA PHE B 84 22.73 22.97 -25.75
C PHE B 84 21.23 23.22 -25.60
N THR B 85 20.56 23.37 -26.73
CA THR B 85 19.11 23.52 -26.75
C THR B 85 18.46 22.16 -26.54
N TRP B 86 17.40 22.12 -25.74
CA TRP B 86 16.72 20.87 -25.42
C TRP B 86 16.21 20.18 -26.69
N PRO B 87 16.59 18.91 -26.86
CA PRO B 87 16.26 18.13 -28.07
C PRO B 87 14.81 17.69 -28.12
N GLY B 88 14.18 17.56 -26.96
CA GLY B 88 12.79 17.10 -26.89
C GLY B 88 12.66 15.68 -26.40
N THR B 89 13.68 14.86 -26.67
CA THR B 89 13.71 13.48 -26.19
C THR B 89 14.88 13.28 -25.24
N PHE B 90 14.77 12.29 -24.36
CA PHE B 90 15.76 12.10 -23.31
C PHE B 90 15.75 10.69 -22.75
N SER B 91 16.76 10.38 -21.94
CA SER B 91 16.82 9.13 -21.18
C SER B 91 17.26 9.42 -19.75
N LEU B 92 16.49 8.94 -18.78
CA LEU B 92 16.77 9.23 -17.38
C LEU B 92 17.14 7.98 -16.58
N ASN B 93 18.28 8.04 -15.91
CA ASN B 93 18.76 6.93 -15.09
C ASN B 93 18.98 7.36 -13.64
N ILE B 94 18.15 6.84 -12.74
CA ILE B 94 18.27 7.16 -11.32
C ILE B 94 18.72 5.95 -10.51
N GLN B 95 19.86 6.07 -9.83
CA GLN B 95 20.39 4.98 -9.04
C GLN B 95 20.41 5.30 -7.55
N ALA B 96 19.96 4.35 -6.73
CA ALA B 96 20.00 4.50 -5.28
C ALA B 96 21.18 3.69 -4.74
N TRP B 97 22.01 4.33 -3.92
CA TRP B 97 23.24 3.72 -3.44
C TRP B 97 23.34 3.70 -1.93
N HIS B 98 24.35 3.00 -1.41
CA HIS B 98 24.66 3.01 0.01
C HIS B 98 26.14 3.32 0.22
N THR B 99 26.45 4.11 1.24
CA THR B 99 27.83 4.43 1.56
C THR B 99 28.12 4.32 3.05
N PRO B 100 29.26 3.70 3.40
CA PRO B 100 29.73 3.61 4.79
C PRO B 100 30.59 4.81 5.18
N GLY B 101 30.89 5.67 4.21
CA GLY B 101 31.75 6.81 4.43
C GLY B 101 31.01 8.08 4.79
N ASP B 102 31.70 9.21 4.70
CA ASP B 102 31.15 10.51 5.05
C ASP B 102 30.01 10.93 4.12
N ASP B 103 29.14 11.81 4.61
CA ASP B 103 28.03 12.31 3.82
C ASP B 103 28.52 13.34 2.81
N LEU B 104 29.65 13.96 3.10
CA LEU B 104 30.30 14.87 2.17
C LEU B 104 30.95 14.06 1.05
N ARG B 105 30.39 14.17 -0.15
CA ARG B 105 30.83 13.39 -1.31
C ARG B 105 30.79 11.89 -1.03
N PRO B 106 29.58 11.32 -0.98
CA PRO B 106 29.43 9.87 -0.77
C PRO B 106 30.02 9.05 -1.91
N GLU B 107 30.12 9.65 -3.09
CA GLU B 107 30.71 8.99 -4.24
C GLU B 107 32.20 8.74 -4.02
N THR B 108 32.79 9.47 -3.08
CA THR B 108 34.19 9.31 -2.72
C THR B 108 34.35 8.39 -1.52
N SER B 109 33.94 7.13 -1.69
CA SER B 109 34.05 6.13 -0.64
C SER B 109 34.19 4.74 -1.25
N PRO B 110 35.09 3.91 -0.69
CA PRO B 110 35.39 2.59 -1.25
C PRO B 110 34.30 1.56 -1.02
N GLY B 111 33.48 1.75 0.02
CA GLY B 111 32.49 0.76 0.40
C GLY B 111 31.12 0.96 -0.22
N ASN B 112 31.04 1.79 -1.26
CA ASN B 112 29.77 2.08 -1.92
C ASN B 112 29.16 0.86 -2.59
N SER B 113 27.89 0.59 -2.28
CA SER B 113 27.18 -0.53 -2.87
C SER B 113 25.78 -0.14 -3.33
N LEU B 114 25.37 -0.66 -4.48
CA LEU B 114 24.11 -0.28 -5.11
C LEU B 114 22.89 -0.84 -4.36
N ILE B 115 21.85 -0.02 -4.26
CA ILE B 115 20.59 -0.46 -3.67
C ILE B 115 19.61 -0.86 -4.77
N SER B 116 19.14 0.13 -5.53
CA SER B 116 18.20 -0.10 -6.62
C SER B 116 18.27 1.02 -7.64
N GLN B 117 17.75 0.76 -8.85
CA GLN B 117 17.75 1.78 -9.90
C GLN B 117 16.56 1.64 -10.83
N ILE B 118 16.22 2.73 -11.52
CA ILE B 118 15.14 2.74 -12.48
C ILE B 118 15.59 3.39 -13.78
N ILE B 119 14.82 3.19 -14.85
CA ILE B 119 15.16 3.78 -16.14
C ILE B 119 13.91 4.17 -16.93
N ILE B 120 13.89 5.41 -17.41
CA ILE B 120 12.80 5.90 -18.25
C ILE B 120 13.35 6.71 -19.42
N GLN B 121 12.65 6.69 -20.54
CA GLN B 121 12.99 7.55 -21.67
C GLN B 121 11.76 7.87 -22.50
N GLY B 122 11.79 9.03 -23.14
CA GLY B 122 10.67 9.47 -23.95
C GLY B 122 10.77 10.93 -24.36
N SER B 123 9.62 11.55 -24.63
CA SER B 123 9.59 12.94 -25.06
C SER B 123 9.18 13.88 -23.92
N LEU B 124 9.71 15.10 -23.96
CA LEU B 124 9.37 16.11 -22.98
C LEU B 124 9.49 17.51 -23.55
N ALA B 125 8.48 18.34 -23.33
CA ALA B 125 8.47 19.71 -23.83
C ALA B 125 8.81 20.70 -22.73
N VAL B 126 9.49 21.78 -23.09
CA VAL B 126 9.89 22.81 -22.15
C VAL B 126 8.67 23.49 -21.52
N GLY B 127 8.69 23.63 -20.20
CA GLY B 127 7.60 24.28 -19.49
C GLY B 127 7.75 24.17 -17.99
N ASN B 129 5.56 23.14 -16.08
CA ASN B 129 4.74 22.01 -15.65
C ASN B 129 5.57 20.82 -15.20
N TRP B 130 5.39 20.42 -13.94
CA TRP B 130 6.09 19.25 -13.41
C TRP B 130 5.43 17.97 -13.88
N LYS B 131 6.21 17.07 -14.46
CA LYS B 131 5.72 15.76 -14.83
C LYS B 131 6.13 14.75 -13.76
N SER B 132 5.14 14.15 -13.12
CA SER B 132 5.39 13.24 -11.99
C SER B 132 5.24 11.77 -12.40
N ASP B 133 5.99 10.91 -11.74
CA ASP B 133 6.00 9.48 -12.08
C ASP B 133 6.35 8.64 -10.86
N GLU B 134 5.80 7.43 -10.81
CA GLU B 134 6.12 6.48 -9.75
C GLU B 134 6.73 5.20 -10.31
N GLN B 135 7.62 4.59 -9.55
CA GLN B 135 8.22 3.32 -9.93
C GLN B 135 8.20 2.34 -8.75
N ASN B 136 7.26 1.40 -8.80
CA ASN B 136 7.13 0.39 -7.75
C ASN B 136 7.78 -0.93 -8.11
N ASN B 137 8.48 -1.52 -7.15
CA ASN B 137 8.91 -2.90 -7.26
C ASN B 137 8.73 -3.61 -5.92
N THR B 138 9.08 -4.90 -5.87
CA THR B 138 8.87 -5.69 -4.66
C THR B 138 9.73 -5.20 -3.50
N LEU B 139 10.90 -4.66 -3.83
CA LEU B 139 11.82 -4.17 -2.81
C LEU B 139 11.64 -2.68 -2.53
N THR B 140 11.69 -1.88 -3.59
CA THR B 140 11.69 -0.42 -3.42
C THR B 140 10.58 0.28 -4.18
N ARG B 141 10.27 1.50 -3.76
CA ARG B 141 9.37 2.38 -4.48
C ARG B 141 10.00 3.75 -4.62
N LEU B 142 9.88 4.35 -5.80
CA LEU B 142 10.41 5.69 -6.00
C LEU B 142 9.34 6.60 -6.62
N ARG B 143 9.11 7.73 -5.98
CA ARG B 143 8.16 8.71 -6.49
C ARG B 143 8.88 10.03 -6.71
N TYR B 144 8.78 10.55 -7.93
CA TYR B 144 9.54 11.72 -8.32
C TYR B 144 8.80 12.55 -9.36
N SER B 145 9.36 13.72 -9.65
CA SER B 145 8.81 14.62 -10.64
C SER B 145 9.93 15.40 -11.30
N TYR B 146 9.71 15.81 -12.55
CA TYR B 146 10.76 16.48 -13.30
C TYR B 146 10.16 17.39 -14.37
N ARG B 147 10.94 18.40 -14.77
CA ARG B 147 10.49 19.35 -15.78
C ARG B 147 11.69 19.96 -16.50
N VAL B 148 11.41 20.61 -17.63
CA VAL B 148 12.43 21.38 -18.33
C VAL B 148 11.99 22.83 -18.45
N VAL B 149 12.77 23.73 -17.86
CA VAL B 149 12.43 25.15 -17.90
C VAL B 149 13.56 25.94 -18.55
N CYS B 150 13.30 27.20 -18.86
CA CYS B 150 14.29 28.07 -19.47
C CYS B 150 15.14 28.75 -18.40
N SER B 151 16.37 29.07 -18.74
CA SER B 151 17.21 29.88 -17.88
C SER B 151 16.54 31.24 -17.67
N ASP B 152 16.92 31.94 -16.61
CA ASP B 152 16.32 33.24 -16.33
C ASP B 152 16.50 34.20 -17.50
N ASN B 153 15.46 35.00 -17.75
CA ASN B 153 15.43 35.99 -18.84
C ASN B 153 15.36 35.35 -20.23
N TYR B 154 15.22 34.03 -20.30
CA TYR B 154 15.11 33.35 -21.59
C TYR B 154 13.67 32.84 -21.82
N TYR B 155 13.20 33.00 -23.06
CA TYR B 155 11.82 32.67 -23.40
C TYR B 155 11.73 31.88 -24.71
N GLY B 156 10.52 31.42 -25.02
CA GLY B 156 10.28 30.67 -26.24
C GLY B 156 10.07 29.19 -25.98
N ASP B 157 9.71 28.44 -27.01
CA ASP B 157 9.48 27.01 -26.90
C ASP B 157 10.79 26.24 -26.71
N SER B 158 11.89 26.84 -27.14
CA SER B 158 13.19 26.18 -27.07
C SER B 158 14.21 27.00 -26.30
N CYS B 159 13.73 28.00 -25.56
CA CYS B 159 14.58 28.90 -24.77
C CYS B 159 15.67 29.54 -25.63
N SER B 160 15.33 29.85 -26.89
CA SER B 160 16.32 30.36 -27.83
C SER B 160 16.22 31.86 -28.05
N ARG B 161 15.42 32.53 -27.22
CA ARG B 161 15.28 33.97 -27.34
C ARG B 161 15.42 34.68 -25.99
N LEU B 162 16.29 35.68 -25.96
CA LEU B 162 16.54 36.44 -24.73
C LEU B 162 15.68 37.69 -24.65
N CYS B 163 15.13 37.94 -23.47
CA CYS B 163 14.36 39.16 -23.23
C CYS B 163 14.68 39.72 -21.86
N ARG B 166 13.76 46.57 -20.52
CA ARG B 166 14.44 47.86 -20.54
C ARG B 166 13.49 49.01 -20.27
N ASP B 167 14.04 50.13 -19.83
CA ASP B 167 13.29 51.36 -19.68
C ASP B 167 14.24 52.55 -19.88
N ASP B 168 14.96 52.53 -21.00
CA ASP B 168 15.89 53.60 -21.32
C ASP B 168 15.86 53.93 -22.80
N HIS B 169 16.94 54.53 -23.28
CA HIS B 169 17.00 55.04 -24.66
C HIS B 169 16.81 53.94 -25.70
N PHE B 170 17.32 52.75 -25.42
CA PHE B 170 17.29 51.66 -26.39
C PHE B 170 15.96 50.92 -26.41
N GLY B 171 15.11 51.16 -25.42
CA GLY B 171 13.80 50.53 -25.39
C GLY B 171 13.00 50.78 -24.12
N HIS B 172 11.67 50.76 -24.27
CA HIS B 172 10.77 50.87 -23.12
C HIS B 172 9.73 49.78 -23.20
N TYR B 173 10.06 48.59 -22.70
CA TYR B 173 9.21 47.42 -22.89
C TYR B 173 9.29 46.41 -21.75
N GLU B 174 8.28 45.54 -21.70
CA GLU B 174 8.28 44.41 -20.78
C GLU B 174 8.48 43.13 -21.60
N CYS B 175 8.53 41.98 -20.93
CA CYS B 175 8.76 40.73 -21.62
C CYS B 175 7.54 39.82 -21.68
N GLN B 176 7.20 39.40 -22.89
CA GLN B 176 6.14 38.44 -23.12
C GLN B 176 6.72 37.03 -23.06
N PRO B 177 5.88 36.01 -22.79
CA PRO B 177 6.34 34.62 -22.67
C PRO B 177 7.10 34.09 -23.89
N ASP B 178 6.91 34.70 -25.05
CA ASP B 178 7.58 34.23 -26.26
C ASP B 178 8.86 35.02 -26.55
N GLY B 179 9.18 35.98 -25.71
CA GLY B 179 10.40 36.75 -25.85
C GLY B 179 10.24 38.09 -26.54
N SER B 180 9.08 38.31 -27.14
CA SER B 180 8.80 39.57 -27.83
C SER B 180 8.50 40.68 -26.84
N PRO B 181 9.00 41.90 -27.12
CA PRO B 181 8.82 43.05 -26.22
C PRO B 181 7.37 43.50 -26.12
N SER B 182 6.93 43.76 -24.89
CA SER B 182 5.61 44.38 -24.67
C SER B 182 5.79 45.85 -24.35
N CYS B 183 5.47 46.70 -25.32
CA CYS B 183 5.74 48.14 -25.22
C CYS B 183 5.07 48.80 -24.02
N LEU B 184 5.84 49.57 -23.27
CA LEU B 184 5.31 50.38 -22.19
C LEU B 184 4.34 51.42 -22.76
N PRO B 185 3.39 51.90 -21.94
CA PRO B 185 2.41 52.87 -22.43
C PRO B 185 3.06 54.14 -22.97
N GLY B 186 2.70 54.51 -24.19
CA GLY B 186 3.21 55.71 -24.81
C GLY B 186 4.40 55.48 -25.72
N TRP B 187 4.67 54.22 -26.03
CA TRP B 187 5.78 53.85 -26.91
C TRP B 187 5.36 52.80 -27.92
N THR B 188 6.11 52.70 -29.02
CA THR B 188 5.82 51.75 -30.07
C THR B 188 7.07 51.31 -30.82
N GLY B 189 6.91 50.40 -31.77
CA GLY B 189 8.02 49.88 -32.53
C GLY B 189 8.34 48.43 -32.20
N TYR B 191 11.34 47.46 -30.77
CA TYR B 191 12.00 47.46 -29.46
C TYR B 191 11.48 48.56 -28.56
N CYS B 192 10.33 49.10 -28.93
CA CYS B 192 9.65 50.13 -28.14
C CYS B 192 10.58 51.29 -27.77
N ASP B 193 11.24 51.86 -28.78
CA ASP B 193 12.11 53.00 -28.55
C ASP B 193 11.61 54.22 -29.32
N GLN B 194 10.50 54.05 -30.02
CA GLN B 194 9.87 55.14 -30.74
C GLN B 194 8.76 55.76 -29.89
N PRO B 195 8.88 57.05 -29.59
CA PRO B 195 7.88 57.75 -28.77
C PRO B 195 6.57 57.92 -29.52
N ILE B 196 5.45 57.75 -28.80
CA ILE B 196 4.14 58.01 -29.39
C ILE B 196 3.77 59.46 -29.19
N CYS B 197 3.75 60.23 -30.28
CA CYS B 197 3.49 61.65 -30.22
C CYS B 197 2.10 61.97 -29.68
N LEU B 198 1.89 63.23 -29.31
CA LEU B 198 0.62 63.68 -28.76
C LEU B 198 -0.55 63.33 -29.67
N SER B 199 -1.71 63.07 -29.07
CA SER B 199 -2.90 62.66 -29.82
C SER B 199 -3.32 63.73 -30.82
N GLY B 200 -3.33 63.36 -32.10
CA GLY B 200 -3.77 64.26 -33.15
C GLY B 200 -2.66 65.08 -33.79
N CYS B 201 -1.44 64.95 -33.25
CA CYS B 201 -0.28 65.62 -33.82
C CYS B 201 -0.11 65.18 -35.27
N HIS B 202 0.18 66.12 -36.15
CA HIS B 202 0.25 65.82 -37.59
C HIS B 202 1.30 64.76 -37.87
N GLU B 203 0.87 63.66 -38.47
CA GLU B 203 1.77 62.55 -38.75
C GLU B 203 2.87 62.95 -39.72
N GLN B 204 2.53 63.83 -40.65
CA GLN B 204 3.46 64.22 -41.70
C GLN B 204 4.30 65.42 -41.30
N ASN B 205 3.68 66.42 -40.69
CA ASN B 205 4.34 67.69 -40.38
C ASN B 205 4.82 67.79 -38.94
N GLY B 206 4.44 66.83 -38.10
CA GLY B 206 4.81 66.85 -36.70
C GLY B 206 5.63 65.65 -36.27
N TYR B 207 6.38 65.81 -35.20
CA TYR B 207 7.17 64.72 -34.63
C TYR B 207 7.38 64.94 -33.14
N CYS B 208 7.99 63.97 -32.47
CA CYS B 208 8.25 64.06 -31.04
C CYS B 208 9.50 63.31 -30.63
N SER B 209 10.08 63.71 -29.49
CA SER B 209 11.25 63.06 -28.93
C SER B 209 10.88 62.41 -27.60
N PRO B 211 7.24 61.01 -25.24
CA PRO B 211 5.82 60.64 -25.36
C PRO B 211 4.87 61.79 -25.10
N ASP B 212 3.74 61.82 -25.83
CA ASP B 212 2.71 62.84 -25.69
C ASP B 212 3.24 64.25 -25.95
N GLU B 213 4.27 64.35 -26.80
CA GLU B 213 4.78 65.64 -27.23
C GLU B 213 4.48 65.85 -28.70
N CYS B 214 4.46 67.11 -29.12
CA CYS B 214 4.25 67.42 -30.53
C CYS B 214 5.08 68.64 -30.94
N ASN B 215 6.10 68.40 -31.76
CA ASN B 215 6.94 69.47 -32.27
C ASN B 215 6.65 69.64 -33.75
N CYS B 216 6.84 70.86 -34.26
CA CYS B 216 6.50 71.15 -35.64
C CYS B 216 7.72 71.24 -36.53
N ARG B 217 7.65 70.54 -37.66
CA ARG B 217 8.68 70.63 -38.69
C ARG B 217 8.60 72.01 -39.32
N PRO B 218 9.72 72.50 -39.88
CA PRO B 218 9.83 73.85 -40.44
C PRO B 218 8.66 74.27 -41.34
N GLY B 219 8.01 75.38 -40.97
CA GLY B 219 6.91 75.92 -41.74
C GLY B 219 5.54 75.68 -41.11
N TRP B 220 5.53 75.09 -39.93
CA TRP B 220 4.27 74.76 -39.27
C TRP B 220 4.25 75.20 -37.80
N GLN B 221 3.06 75.41 -37.27
CA GLN B 221 2.89 75.79 -35.87
C GLN B 221 1.57 75.27 -35.32
N GLY B 222 1.34 75.49 -34.03
CA GLY B 222 0.11 75.07 -33.39
C GLY B 222 0.32 73.88 -32.47
N PRO B 223 -0.73 73.51 -31.72
CA PRO B 223 -0.68 72.36 -30.80
C PRO B 223 -0.56 71.03 -31.54
N LEU B 224 -1.07 70.98 -32.77
CA LEU B 224 -1.08 69.74 -33.53
C LEU B 224 -0.28 69.85 -34.83
N CYS B 225 0.45 70.95 -34.99
CA CYS B 225 1.25 71.22 -36.17
C CYS B 225 0.47 71.03 -37.47
N ASN B 226 -0.80 71.43 -37.44
CA ASN B 226 -1.68 71.31 -38.60
C ASN B 226 -1.99 72.66 -39.22
N GLU B 227 -1.34 73.70 -38.70
CA GLU B 227 -1.58 75.06 -39.17
C GLU B 227 -0.34 75.60 -39.88
N CYS B 228 -0.53 76.05 -41.13
CA CYS B 228 0.60 76.54 -41.93
C CYS B 228 1.04 77.94 -41.51
N ILE B 229 2.27 78.28 -41.89
CA ILE B 229 2.76 79.64 -41.74
C ILE B 229 2.91 80.29 -43.11
N PRO B 230 2.10 81.33 -43.38
CA PRO B 230 2.10 82.03 -44.66
C PRO B 230 3.46 82.65 -44.98
N HIS B 231 3.71 82.88 -46.27
CA HIS B 231 4.96 83.49 -46.73
C HIS B 231 5.33 84.70 -45.89
N LYS B 232 6.60 84.78 -45.50
CA LYS B 232 7.11 85.92 -44.76
C LYS B 232 6.80 87.23 -45.47
N GLY B 233 5.97 88.05 -44.86
CA GLY B 233 5.56 89.31 -45.44
C GLY B 233 4.19 89.26 -46.09
N CYS B 234 3.44 88.20 -45.83
CA CYS B 234 2.07 88.08 -46.32
C CYS B 234 1.15 88.84 -45.39
N ARG B 235 0.49 89.87 -45.90
CA ARG B 235 -0.30 90.77 -45.08
C ARG B 235 -1.79 90.48 -45.13
N HIS B 236 -2.33 90.40 -46.35
CA HIS B 236 -3.75 90.12 -46.52
C HIS B 236 -3.97 88.87 -47.37
N GLY B 237 -3.44 87.75 -46.89
CA GLY B 237 -3.58 86.48 -47.58
C GLY B 237 -3.49 85.30 -46.62
N THR B 238 -3.89 84.12 -47.09
CA THR B 238 -3.89 82.92 -46.26
C THR B 238 -2.93 81.86 -46.79
N CYS B 239 -3.02 80.66 -46.22
CA CYS B 239 -2.18 79.55 -46.66
C CYS B 239 -2.88 78.21 -46.50
N THR B 240 -2.40 77.23 -47.26
CA THR B 240 -2.71 75.83 -47.01
C THR B 240 -1.38 75.12 -46.85
N ILE B 241 -0.40 75.60 -47.62
CA ILE B 241 0.97 75.11 -47.55
C ILE B 241 1.89 76.24 -47.12
N PRO B 242 2.86 75.95 -46.24
CA PRO B 242 3.89 76.92 -45.80
C PRO B 242 4.49 77.71 -46.96
N TRP B 243 4.83 78.97 -46.69
CA TRP B 243 5.41 79.89 -47.67
C TRP B 243 4.46 80.11 -48.84
N GLN B 244 3.23 80.48 -48.52
CA GLN B 244 2.22 80.83 -49.50
C GLN B 244 1.54 82.14 -49.11
N CYS B 245 0.97 82.81 -50.09
CA CYS B 245 0.23 84.04 -49.84
C CYS B 245 -0.94 84.13 -50.80
N ALA B 246 -2.01 83.42 -50.48
CA ALA B 246 -3.22 83.42 -51.30
C ALA B 246 -4.13 84.56 -50.89
N CYS B 247 -4.25 85.55 -51.76
CA CYS B 247 -4.91 86.81 -51.43
C CYS B 247 -6.39 86.63 -51.07
N ASP B 248 -6.88 87.50 -50.19
CA ASP B 248 -8.28 87.50 -49.80
C ASP B 248 -9.12 88.25 -50.83
N GLU B 249 -10.32 88.65 -50.42
CA GLU B 249 -11.22 89.37 -51.31
C GLU B 249 -10.74 90.81 -51.49
N GLY B 250 -10.73 91.27 -52.74
CA GLY B 250 -10.35 92.64 -53.04
C GLY B 250 -8.87 92.96 -52.93
N TRP B 251 -8.07 91.92 -52.67
CA TRP B 251 -6.61 92.10 -52.57
C TRP B 251 -5.88 91.34 -53.67
N GLY B 252 -4.65 91.77 -53.95
CA GLY B 252 -3.84 91.15 -54.98
C GLY B 252 -2.36 91.43 -54.81
N GLY B 253 -1.55 90.98 -55.76
CA GLY B 253 -0.11 91.12 -55.67
C GLY B 253 0.49 89.94 -54.92
N LEU B 254 1.80 89.73 -55.11
CA LEU B 254 2.51 88.60 -54.49
C LEU B 254 2.26 88.49 -52.99
N PHE B 255 2.55 89.56 -52.26
CA PHE B 255 2.40 89.56 -50.81
C PHE B 255 1.01 90.04 -50.39
N CYS B 256 0.12 90.15 -51.38
CA CYS B 256 -1.26 90.57 -51.15
C CYS B 256 -1.35 91.88 -50.38
N ASP B 257 -1.14 92.99 -51.08
CA ASP B 257 -1.14 94.30 -50.43
C ASP B 257 -1.52 95.44 -51.38
N GLN B 258 -2.23 95.11 -52.45
CA GLN B 258 -2.70 96.13 -53.40
C GLN B 258 -3.94 95.64 -54.15
N ALA B 259 -5.02 96.41 -54.08
CA ALA B 259 -6.27 96.04 -54.72
C ALA B 259 -6.13 96.00 -56.24
N ASP C 3 -16.52 56.26 8.81
CA ASP C 3 -17.95 56.32 8.50
C ASP C 3 -18.73 55.26 9.30
N GLU C 4 -19.51 54.46 8.59
CA GLU C 4 -20.47 53.54 9.21
C GLU C 4 -19.85 52.55 10.20
N CYS C 5 -18.62 52.13 9.93
CA CYS C 5 -17.99 51.09 10.74
C CYS C 5 -17.42 51.63 12.05
N ALA C 6 -17.02 52.90 12.04
CA ALA C 6 -16.40 53.52 13.21
C ALA C 6 -17.43 53.93 14.26
N LEU C 7 -18.71 53.79 13.94
CA LEU C 7 -19.78 54.28 14.79
C LEU C 7 -20.05 53.37 16.00
N GLY C 8 -18.99 52.86 16.61
CA GLY C 8 -19.12 52.09 17.84
C GLY C 8 -18.95 50.58 17.69
N ALA C 9 -20.02 49.85 17.99
CA ALA C 9 -19.98 48.39 17.98
C ALA C 9 -19.83 47.79 16.58
N ASN C 10 -20.01 46.48 16.49
CA ASN C 10 -19.86 45.75 15.23
C ASN C 10 -21.18 45.14 14.79
N PRO C 11 -21.68 45.57 13.63
CA PRO C 11 -22.96 45.07 13.09
C PRO C 11 -22.84 43.67 12.48
N CYS C 12 -21.61 43.25 12.18
CA CYS C 12 -21.38 41.90 11.68
C CYS C 12 -21.17 40.97 12.87
N GLU C 13 -22.10 40.03 13.05
CA GLU C 13 -22.22 39.34 14.33
C GLU C 13 -21.21 38.22 14.55
N HIS C 14 -21.01 37.36 13.56
CA HIS C 14 -20.10 36.23 13.72
C HIS C 14 -18.70 36.56 13.25
N ALA C 15 -18.07 37.51 13.93
CA ALA C 15 -16.69 37.93 13.65
C ALA C 15 -16.48 38.36 12.20
N GLY C 16 -17.56 38.74 11.53
CA GLY C 16 -17.48 39.24 10.17
C GLY C 16 -16.93 40.65 10.17
N LYS C 17 -16.38 41.06 9.04
CA LYS C 17 -15.78 42.39 8.93
C LYS C 17 -16.77 43.43 8.40
N CYS C 18 -16.77 44.61 9.03
CA CYS C 18 -17.59 45.71 8.57
C CYS C 18 -16.92 46.46 7.42
N LEU C 19 -17.64 46.63 6.33
CA LEU C 19 -17.16 47.42 5.21
C LEU C 19 -18.09 48.60 4.96
N ASN C 20 -17.55 49.81 4.90
CA ASN C 20 -18.36 50.99 4.67
C ASN C 20 -18.60 51.24 3.19
N THR C 21 -19.87 51.37 2.83
CA THR C 21 -20.22 51.83 1.49
C THR C 21 -20.62 53.27 1.69
N LEU C 22 -20.60 54.07 0.62
CA LEU C 22 -20.96 55.47 0.78
C LEU C 22 -22.35 55.60 1.40
N GLY C 23 -22.40 56.13 2.61
CA GLY C 23 -23.66 56.31 3.32
C GLY C 23 -24.38 55.10 3.88
N SER C 24 -23.76 53.94 3.75
CA SER C 24 -24.24 52.74 4.43
C SER C 24 -23.04 51.82 4.62
N PHE C 25 -23.31 50.54 4.83
CA PHE C 25 -22.27 49.55 5.04
C PHE C 25 -22.67 48.17 4.53
N GLU C 26 -21.71 47.26 4.48
CA GLU C 26 -21.97 45.87 4.14
C GLU C 26 -21.05 44.96 4.94
N CYS C 27 -21.51 43.76 5.26
CA CYS C 27 -20.75 42.84 6.10
C CYS C 27 -20.01 41.79 5.28
N GLN C 28 -18.69 41.74 5.45
CA GLN C 28 -17.88 40.69 4.86
C GLN C 28 -17.90 39.45 5.74
N CYS C 29 -18.73 38.49 5.39
CA CYS C 29 -18.97 37.32 6.22
C CYS C 29 -17.82 36.32 6.18
N LEU C 30 -17.50 35.75 7.33
CA LEU C 30 -16.55 34.64 7.40
C LEU C 30 -17.12 33.44 6.67
N GLN C 31 -16.26 32.49 6.32
CA GLN C 31 -16.70 31.30 5.60
C GLN C 31 -17.71 30.50 6.42
N GLY C 32 -18.87 30.25 5.82
CA GLY C 32 -19.91 29.48 6.49
C GLY C 32 -21.02 30.37 7.03
N TYR C 33 -20.99 31.64 6.67
CA TYR C 33 -22.00 32.59 7.14
C TYR C 33 -22.56 33.43 5.99
N THR C 34 -23.87 33.57 5.96
CA THR C 34 -24.55 34.39 4.96
C THR C 34 -25.55 35.32 5.61
N GLY C 35 -26.32 36.02 4.77
CA GLY C 35 -27.26 37.01 5.27
C GLY C 35 -26.64 38.39 5.22
N PRO C 36 -27.47 39.44 5.38
CA PRO C 36 -27.00 40.82 5.35
C PRO C 36 -25.89 41.10 6.36
N ARG C 37 -26.06 40.62 7.59
CA ARG C 37 -25.09 40.89 8.64
C ARG C 37 -24.49 39.61 9.24
N CYS C 38 -24.43 38.56 8.42
CA CYS C 38 -23.82 37.29 8.82
C CYS C 38 -24.40 36.72 10.11
N GLU C 39 -25.72 36.76 10.26
CA GLU C 39 -26.36 36.25 11.47
C GLU C 39 -26.95 34.86 11.25
N ILE C 40 -26.78 34.32 10.05
CA ILE C 40 -27.33 33.01 9.70
C ILE C 40 -26.24 31.99 9.39
N ASP C 41 -26.28 30.85 10.07
CA ASP C 41 -25.37 29.75 9.74
C ASP C 41 -25.74 29.16 8.40
N VAL C 42 -24.81 29.18 7.46
CA VAL C 42 -25.01 28.53 6.18
C VAL C 42 -25.09 27.02 6.38
N ASN C 43 -26.09 26.39 5.77
CA ASN C 43 -26.17 24.94 5.77
C ASN C 43 -25.22 24.39 4.71
N GLU C 44 -24.15 23.73 5.17
CA GLU C 44 -23.16 23.20 4.25
C GLU C 44 -23.62 21.87 3.64
N CYS C 45 -24.74 21.35 4.14
CA CYS C 45 -25.22 20.04 3.71
C CYS C 45 -26.41 20.13 2.76
N ILE C 46 -26.53 21.24 2.03
CA ILE C 46 -27.61 21.38 1.05
C ILE C 46 -27.29 20.57 -0.20
N SER C 47 -26.02 20.53 -0.58
CA SER C 47 -25.61 19.86 -1.82
C SER C 47 -25.65 18.34 -1.72
N ASN C 48 -25.97 17.83 -0.52
CA ASN C 48 -26.03 16.39 -0.27
C ASN C 48 -24.79 15.67 -0.80
N PRO C 49 -23.60 16.07 -0.32
CA PRO C 49 -22.34 15.68 -0.95
C PRO C 49 -21.97 14.21 -0.77
N CYS C 50 -22.49 13.58 0.28
CA CYS C 50 -22.04 12.24 0.64
C CYS C 50 -23.02 11.15 0.22
N GLN C 51 -22.46 10.04 -0.25
CA GLN C 51 -23.26 8.96 -0.82
C GLN C 51 -23.27 7.73 0.09
N ASN C 52 -23.88 6.66 -0.41
CA ASN C 52 -23.92 5.37 0.28
C ASN C 52 -24.64 5.43 1.63
N ASP C 53 -25.80 6.09 1.63
CA ASP C 53 -26.66 6.19 2.82
C ASP C 53 -25.94 6.74 4.05
N ALA C 54 -25.05 7.71 3.84
CA ALA C 54 -24.33 8.31 4.94
C ALA C 54 -25.19 9.37 5.63
N THR C 55 -24.63 10.02 6.64
CA THR C 55 -25.34 11.07 7.37
C THR C 55 -24.53 12.37 7.34
N CYS C 56 -25.16 13.45 6.88
CA CYS C 56 -24.49 14.73 6.73
C CYS C 56 -24.61 15.59 7.99
N LEU C 57 -23.48 16.09 8.47
CA LEU C 57 -23.46 16.99 9.62
C LEU C 57 -23.09 18.40 9.19
N ASP C 58 -24.01 19.34 9.42
CA ASP C 58 -23.72 20.75 9.13
C ASP C 58 -22.88 21.37 10.23
N GLN C 59 -21.64 21.69 9.91
CA GLN C 59 -20.75 22.35 10.86
C GLN C 59 -20.58 23.82 10.48
N ILE C 60 -19.70 24.51 11.19
CA ILE C 60 -19.46 25.92 10.92
C ILE C 60 -18.39 26.09 9.85
N GLY C 61 -18.83 26.37 8.62
CA GLY C 61 -17.92 26.63 7.52
C GLY C 61 -17.55 25.41 6.72
N GLU C 62 -18.04 24.24 7.15
CA GLU C 62 -17.71 22.99 6.46
C GLU C 62 -18.71 21.89 6.81
N PHE C 63 -18.64 20.79 6.07
CA PHE C 63 -19.52 19.66 6.30
C PHE C 63 -18.74 18.42 6.74
N GLN C 64 -19.36 17.58 7.54
CA GLN C 64 -18.74 16.33 7.98
C GLN C 64 -19.73 15.18 7.83
N CYS C 65 -19.27 14.07 7.28
CA CYS C 65 -20.15 12.93 7.04
C CYS C 65 -19.74 11.67 7.79
N ILE C 66 -20.74 10.98 8.34
CA ILE C 66 -20.53 9.70 8.99
C ILE C 66 -20.92 8.58 8.05
N CYS C 67 -19.95 7.77 7.64
CA CYS C 67 -20.17 6.71 6.69
C CYS C 67 -20.82 5.49 7.33
N MET C 68 -21.60 4.76 6.54
CA MET C 68 -22.03 3.42 6.91
C MET C 68 -20.78 2.57 7.08
N PRO C 69 -20.83 1.56 7.97
CA PRO C 69 -19.66 0.70 8.19
C PRO C 69 -19.14 0.08 6.90
N GLY C 70 -17.82 0.09 6.71
CA GLY C 70 -17.21 -0.49 5.53
C GLY C 70 -16.90 0.53 4.45
N TYR C 71 -17.48 1.72 4.58
CA TYR C 71 -17.22 2.80 3.64
C TYR C 71 -16.35 3.87 4.24
N GLU C 72 -15.63 4.60 3.39
CA GLU C 72 -14.72 5.65 3.85
C GLU C 72 -14.61 6.76 2.81
N GLY C 73 -13.78 7.75 3.13
CA GLY C 73 -13.62 8.91 2.26
C GLY C 73 -14.37 10.11 2.78
N VAL C 74 -14.09 11.28 2.21
CA VAL C 74 -14.75 12.51 2.62
C VAL C 74 -16.25 12.49 2.29
N TYR C 75 -16.59 11.96 1.13
CA TYR C 75 -17.98 11.86 0.71
C TYR C 75 -18.54 10.46 0.89
N CYS C 76 -17.81 9.64 1.66
CA CYS C 76 -18.15 8.23 1.85
C CYS C 76 -18.30 7.52 0.50
N GLU C 77 -17.41 7.85 -0.43
CA GLU C 77 -17.52 7.38 -1.80
C GLU C 77 -16.75 6.10 -2.04
N ILE C 78 -15.86 5.75 -1.11
CA ILE C 78 -15.00 4.59 -1.27
C ILE C 78 -15.47 3.38 -0.46
N ASN C 79 -15.79 2.30 -1.16
CA ASN C 79 -15.98 1.02 -0.49
C ASN C 79 -14.62 0.46 -0.12
N THR C 80 -14.33 0.42 1.18
CA THR C 80 -13.02 0.02 1.66
C THR C 80 -12.67 -1.40 1.23
N ASP C 81 -11.60 -1.53 0.45
CA ASP C 81 -11.05 -2.83 0.15
C ASP C 81 -10.38 -3.36 1.42
N GLU C 82 -11.10 -4.21 2.14
CA GLU C 82 -10.61 -4.74 3.40
C GLU C 82 -9.49 -5.75 3.17
N CYS C 83 -9.23 -6.06 1.91
CA CYS C 83 -8.17 -6.98 1.52
C CYS C 83 -6.89 -6.23 1.15
N ALA C 84 -6.87 -4.93 1.39
CA ALA C 84 -5.75 -4.09 0.96
C ALA C 84 -4.45 -4.42 1.70
N SER C 85 -4.58 -4.95 2.91
CA SER C 85 -3.42 -5.22 3.76
C SER C 85 -2.88 -6.62 3.54
N SER C 86 -3.44 -7.33 2.56
CA SER C 86 -3.10 -8.73 2.30
C SER C 86 -3.20 -9.58 3.58
N PRO C 87 -4.42 -9.76 4.09
CA PRO C 87 -4.62 -10.39 5.40
C PRO C 87 -4.44 -11.91 5.39
N CYS C 88 -5.06 -12.60 4.45
CA CYS C 88 -4.98 -14.06 4.40
C CYS C 88 -3.54 -14.49 4.13
N LEU C 89 -2.99 -15.31 5.03
CA LEU C 89 -1.61 -15.75 4.92
C LEU C 89 -1.47 -17.09 4.19
N HIS C 90 -0.25 -17.37 3.75
CA HIS C 90 0.09 -18.66 3.14
C HIS C 90 -0.74 -18.94 1.89
N ASN C 91 -0.76 -17.97 0.97
CA ASN C 91 -1.43 -18.10 -0.32
C ASN C 91 -2.92 -18.39 -0.23
N GLY C 92 -3.60 -17.75 0.73
CA GLY C 92 -5.04 -17.82 0.81
C GLY C 92 -5.66 -16.84 -0.17
N ARG C 93 -6.95 -17.02 -0.47
CA ARG C 93 -7.65 -16.12 -1.37
C ARG C 93 -8.50 -15.16 -0.55
N CYS C 94 -8.58 -13.91 -1.01
CA CYS C 94 -9.28 -12.88 -0.23
C CYS C 94 -10.60 -12.49 -0.90
N VAL C 95 -11.66 -12.45 -0.08
CA VAL C 95 -12.98 -12.07 -0.56
C VAL C 95 -13.50 -10.86 0.22
N ASP C 96 -13.48 -9.70 -0.42
CA ASP C 96 -13.97 -8.48 0.22
C ASP C 96 -15.49 -8.40 0.17
N LYS C 97 -16.08 -7.88 1.24
CA LYS C 97 -17.51 -7.63 1.29
C LYS C 97 -17.76 -6.20 1.74
N ILE C 98 -18.30 -6.04 2.94
CA ILE C 98 -18.57 -4.72 3.51
C ILE C 98 -18.25 -4.71 5.00
N ASN C 99 -17.18 -4.00 5.37
CA ASN C 99 -16.66 -4.01 6.74
C ASN C 99 -16.42 -5.45 7.20
N GLU C 100 -16.00 -6.29 6.27
CA GLU C 100 -15.92 -7.72 6.49
C GLU C 100 -15.14 -8.39 5.36
N PHE C 101 -14.30 -9.36 5.72
CA PHE C 101 -13.53 -10.08 4.71
C PHE C 101 -13.48 -11.57 5.05
N LEU C 102 -13.56 -12.40 4.01
CA LEU C 102 -13.53 -13.84 4.18
C LEU C 102 -12.34 -14.44 3.43
N CYS C 103 -11.63 -15.35 4.08
CA CYS C 103 -10.48 -16.00 3.47
C CYS C 103 -10.83 -17.42 3.03
N GLN C 104 -10.78 -17.66 1.72
CA GLN C 104 -10.88 -19.02 1.22
C GLN C 104 -9.62 -19.77 1.65
N CYS C 105 -9.80 -20.86 2.37
CA CYS C 105 -8.67 -21.57 2.98
C CYS C 105 -8.32 -22.82 2.18
N PRO C 106 -7.08 -22.89 1.67
CA PRO C 106 -6.59 -24.11 1.02
C PRO C 106 -6.51 -25.26 2.01
N LYS C 107 -6.61 -26.49 1.52
CA LYS C 107 -6.58 -27.66 2.39
C LYS C 107 -5.28 -27.71 3.18
N GLY C 108 -5.39 -27.96 4.47
CA GLY C 108 -4.22 -27.99 5.33
C GLY C 108 -4.05 -26.67 6.08
N PHE C 109 -5.08 -25.83 6.02
CA PHE C 109 -5.05 -24.56 6.72
C PHE C 109 -6.44 -24.21 7.26
N SER C 110 -6.47 -23.58 8.43
CA SER C 110 -7.73 -23.15 9.03
C SER C 110 -7.55 -21.86 9.81
N GLY C 111 -8.62 -21.40 10.45
CA GLY C 111 -8.56 -20.16 11.22
C GLY C 111 -9.05 -18.97 10.44
N HIS C 112 -9.11 -17.81 11.10
CA HIS C 112 -9.57 -16.59 10.47
C HIS C 112 -8.61 -16.16 9.34
N LEU C 113 -7.32 -16.10 9.66
CA LEU C 113 -6.32 -15.66 8.69
C LEU C 113 -5.69 -16.81 7.91
N CYS C 114 -6.26 -18.01 8.06
CA CYS C 114 -5.67 -19.23 7.50
C CYS C 114 -4.21 -19.45 7.89
N GLN C 115 -3.99 -19.81 9.16
CA GLN C 115 -2.64 -19.99 9.69
C GLN C 115 -2.60 -21.15 10.68
N SER C 116 -3.63 -21.99 10.64
CA SER C 116 -3.74 -23.11 11.57
C SER C 116 -2.99 -24.36 11.12
N GLY C 117 -3.41 -25.51 11.64
CA GLY C 117 -2.75 -26.77 11.36
C GLY C 117 -3.45 -27.55 10.26
N ARG C 118 -4.53 -28.21 10.61
CA ARG C 118 -5.35 -28.99 9.66
C ARG C 118 -4.55 -30.13 8.98
N LEU C 119 -5.27 -31.00 8.29
CA LEU C 119 -4.69 -32.11 7.55
C LEU C 119 -5.77 -32.72 6.66
N GLU C 120 -5.45 -32.91 5.39
CA GLU C 120 -6.43 -33.39 4.42
C GLU C 120 -6.82 -34.83 4.70
N SER D 1 -20.62 25.44 18.37
CA SER D 1 -21.53 25.08 19.45
C SER D 1 -22.82 25.88 19.35
N SER D 2 -23.69 25.49 18.42
CA SER D 2 -24.93 26.21 18.15
C SER D 2 -26.14 25.58 18.83
N SER D 3 -26.05 24.29 19.13
CA SER D 3 -27.16 23.55 19.74
C SER D 3 -26.66 22.65 20.87
N ILE D 4 -27.58 22.28 21.76
CA ILE D 4 -27.22 21.53 22.95
C ILE D 4 -28.17 20.37 23.22
N PHE D 5 -27.60 19.18 23.42
CA PHE D 5 -28.39 18.02 23.85
C PHE D 5 -28.41 17.96 25.37
N GLN D 6 -29.61 17.93 25.93
CA GLN D 6 -29.76 17.89 27.38
C GLN D 6 -30.39 16.59 27.85
N LEU D 7 -29.80 16.00 28.89
CA LEU D 7 -30.23 14.71 29.39
C LEU D 7 -30.43 14.80 30.91
N ARG D 8 -31.66 14.60 31.35
CA ARG D 8 -32.00 14.68 32.77
C ARG D 8 -32.21 13.30 33.37
N LEU D 9 -31.34 12.94 34.31
CA LEU D 9 -31.50 11.71 35.07
C LEU D 9 -32.44 11.95 36.24
N GLN D 10 -33.48 11.13 36.33
CA GLN D 10 -34.56 11.38 37.28
C GLN D 10 -34.61 10.37 38.43
N GLU D 11 -34.69 9.08 38.10
CA GLU D 11 -34.75 8.05 39.12
C GLU D 11 -34.14 6.74 38.63
N PHE D 12 -33.47 6.03 39.53
CA PHE D 12 -32.88 4.74 39.19
C PHE D 12 -33.25 3.73 40.27
N ALA D 13 -33.84 2.60 39.86
CA ALA D 13 -34.28 1.58 40.81
C ALA D 13 -33.49 0.30 40.64
N ASN D 14 -32.74 -0.07 41.69
CA ASN D 14 -31.94 -1.28 41.66
C ASN D 14 -31.88 -1.98 43.01
N GLU D 15 -32.95 -2.68 43.37
CA GLU D 15 -32.95 -3.50 44.57
C GLU D 15 -31.96 -4.65 44.41
N ARG D 16 -31.63 -5.30 45.52
CA ARG D 16 -30.68 -6.43 45.55
C ARG D 16 -29.25 -6.03 45.18
N GLY D 17 -29.11 -5.00 44.35
CA GLY D 17 -27.80 -4.53 43.92
C GLY D 17 -27.02 -5.57 43.14
N MET D 18 -27.53 -5.91 41.96
CA MET D 18 -26.91 -6.95 41.14
C MET D 18 -26.13 -6.37 39.97
N LEU D 19 -24.88 -6.81 39.84
CA LEU D 19 -24.05 -6.46 38.70
C LEU D 19 -24.49 -7.23 37.46
N ALA D 20 -23.82 -6.97 36.34
CA ALA D 20 -24.11 -7.67 35.10
C ALA D 20 -23.82 -9.16 35.24
N ASN D 21 -22.68 -9.49 35.86
CA ASN D 21 -22.26 -10.88 36.00
C ASN D 21 -23.09 -11.67 37.01
N GLY D 22 -24.09 -11.02 37.60
CA GLY D 22 -24.98 -11.69 38.52
C GLY D 22 -24.53 -11.62 39.97
N ARG D 23 -23.33 -11.10 40.20
CA ARG D 23 -22.81 -10.97 41.55
C ARG D 23 -23.35 -9.69 42.21
N PRO D 24 -23.65 -9.78 43.52
CA PRO D 24 -24.14 -8.62 44.28
C PRO D 24 -23.02 -7.62 44.60
N CYS D 25 -23.36 -6.33 44.62
CA CYS D 25 -22.43 -5.29 45.02
C CYS D 25 -22.03 -5.43 46.49
N GLU D 26 -20.78 -5.11 46.79
CA GLU D 26 -20.32 -5.09 48.17
C GLU D 26 -19.53 -3.81 48.45
N PRO D 27 -19.99 -3.01 49.43
CA PRO D 27 -21.20 -3.28 50.22
C PRO D 27 -22.49 -2.90 49.50
N GLY D 28 -22.41 -1.92 48.62
CA GLY D 28 -23.57 -1.49 47.84
C GLY D 28 -23.14 -0.93 46.50
N CYS D 29 -24.07 -0.92 45.55
CA CYS D 29 -23.76 -0.43 44.21
C CYS D 29 -23.62 1.09 44.20
N ARG D 30 -22.37 1.56 44.30
CA ARG D 30 -22.10 2.98 44.17
C ARG D 30 -22.25 3.37 42.71
N THR D 31 -23.45 3.81 42.37
CA THR D 31 -23.86 3.91 40.97
C THR D 31 -23.49 5.23 40.31
N PHE D 32 -22.77 5.15 39.20
CA PHE D 32 -22.53 6.29 38.33
C PHE D 32 -22.93 5.92 36.89
N PHE D 33 -23.07 6.93 36.04
CA PHE D 33 -23.60 6.73 34.71
C PHE D 33 -22.67 7.16 33.58
N ARG D 34 -22.60 6.34 32.53
CA ARG D 34 -21.90 6.70 31.32
C ARG D 34 -22.90 6.95 30.20
N ILE D 35 -22.77 8.10 29.55
CA ILE D 35 -23.69 8.46 28.48
C ILE D 35 -22.95 8.49 27.14
N CYS D 36 -23.54 7.85 26.14
CA CYS D 36 -22.97 7.84 24.81
C CYS D 36 -23.99 8.34 23.80
N LEU D 37 -23.75 9.51 23.24
CA LEU D 37 -24.61 10.07 22.21
C LEU D 37 -23.95 9.91 20.86
N LYS D 38 -24.64 9.25 19.94
CA LYS D 38 -24.13 9.07 18.59
C LYS D 38 -25.26 9.03 17.58
N HIS D 39 -24.90 8.98 16.30
CA HIS D 39 -25.85 9.02 15.21
C HIS D 39 -26.76 7.80 15.19
N TYR D 40 -27.93 7.94 14.57
CA TYR D 40 -28.86 6.83 14.37
C TYR D 40 -28.23 5.77 13.49
N GLN D 41 -28.16 4.55 14.00
CA GLN D 41 -27.73 3.41 13.20
C GLN D 41 -28.66 2.22 13.42
N ALA D 42 -29.42 1.88 12.39
CA ALA D 42 -30.35 0.77 12.45
C ALA D 42 -29.59 -0.55 12.62
N THR D 43 -28.45 -0.64 11.93
CA THR D 43 -27.55 -1.77 12.10
C THR D 43 -26.99 -1.83 13.52
N PHE D 44 -26.36 -2.96 13.87
CA PHE D 44 -25.86 -3.16 15.23
C PHE D 44 -24.86 -2.09 15.64
N SER D 45 -24.88 -1.76 16.92
CA SER D 45 -24.07 -0.66 17.46
C SER D 45 -22.57 -0.89 17.24
N GLU D 46 -21.98 -0.08 16.38
CA GLU D 46 -20.54 -0.13 16.14
C GLU D 46 -19.92 1.26 16.29
N GLY D 47 -18.67 1.31 16.74
CA GLY D 47 -17.92 2.55 16.78
C GLY D 47 -18.11 3.36 18.05
N PRO D 48 -17.54 4.58 18.07
CA PRO D 48 -17.55 5.47 19.23
C PRO D 48 -18.77 6.36 19.30
N CYS D 49 -18.75 7.30 20.25
CA CYS D 49 -19.83 8.27 20.40
C CYS D 49 -19.52 9.52 19.59
N THR D 50 -20.15 9.64 18.43
CA THR D 50 -19.83 10.70 17.48
C THR D 50 -20.42 12.05 17.88
N PHE D 51 -21.44 12.03 18.72
CA PHE D 51 -22.08 13.27 19.14
C PHE D 51 -21.56 13.72 20.50
N GLY D 52 -20.72 12.89 21.12
CA GLY D 52 -20.11 13.22 22.39
C GLY D 52 -20.46 12.28 23.53
N ASN D 53 -19.50 12.08 24.43
CA ASN D 53 -19.71 11.23 25.60
C ASN D 53 -19.51 12.01 26.89
N VAL D 54 -20.10 11.51 27.98
CA VAL D 54 -20.00 12.17 29.27
C VAL D 54 -20.22 11.18 30.41
N SER D 55 -19.38 11.28 31.45
CA SER D 55 -19.53 10.45 32.63
C SER D 55 -19.92 11.28 33.85
N THR D 56 -20.84 10.74 34.66
CA THR D 56 -21.32 11.44 35.85
C THR D 56 -20.64 10.87 37.09
N PRO D 57 -20.58 11.65 38.17
CA PRO D 57 -20.11 11.09 39.44
C PRO D 57 -21.16 10.17 40.05
N VAL D 58 -20.83 9.54 41.17
CA VAL D 58 -21.78 8.66 41.84
C VAL D 58 -22.97 9.47 42.33
N LEU D 59 -24.16 9.08 41.90
CA LEU D 59 -25.37 9.85 42.18
C LEU D 59 -26.18 9.26 43.33
N GLY D 60 -26.02 7.96 43.56
CA GLY D 60 -26.75 7.30 44.62
C GLY D 60 -26.37 5.84 44.78
N THR D 61 -27.02 5.17 45.73
CA THR D 61 -26.76 3.76 45.99
C THR D 61 -28.03 2.93 45.83
N ASN D 62 -27.93 1.88 45.01
CA ASN D 62 -29.07 0.99 44.72
C ASN D 62 -30.25 1.76 44.13
N SER D 63 -31.34 1.85 44.87
CA SER D 63 -32.51 2.60 44.42
C SER D 63 -32.52 4.00 45.03
N PHE D 64 -32.70 5.00 44.17
CA PHE D 64 -32.65 6.40 44.61
C PHE D 64 -33.29 7.34 43.60
N VAL D 65 -33.81 8.46 44.10
CA VAL D 65 -34.35 9.50 43.23
C VAL D 65 -33.26 10.54 42.98
N ILE D 66 -33.10 10.93 41.71
CA ILE D 66 -32.05 11.89 41.35
C ILE D 66 -32.60 13.31 41.30
N ARG D 67 -32.01 14.18 42.12
CA ARG D 67 -32.43 15.57 42.19
C ARG D 67 -31.72 16.41 41.13
N ASP D 68 -32.37 17.49 40.69
CA ASP D 68 -31.75 18.41 39.74
C ASP D 68 -30.65 19.22 40.41
N LYS D 69 -29.57 19.46 39.67
CA LYS D 69 -28.45 20.26 40.17
C LYS D 69 -28.07 21.37 39.19
N ASN D 70 -28.28 22.61 39.58
CA ASN D 70 -27.95 23.75 38.74
C ASN D 70 -26.44 23.89 38.55
N SER D 71 -25.69 23.45 39.56
CA SER D 71 -24.23 23.52 39.51
C SER D 71 -23.61 22.21 39.99
N GLY D 74 -21.88 16.70 39.33
CA GLY D 74 -23.23 16.15 39.25
C GLY D 74 -24.19 17.06 38.53
N ARG D 75 -23.70 17.74 37.50
CA ARG D 75 -24.51 18.67 36.72
C ARG D 75 -25.71 17.96 36.08
N ASN D 76 -26.90 18.24 36.60
CA ASN D 76 -28.13 17.65 36.08
C ASN D 76 -29.19 18.72 35.83
N PRO D 77 -29.80 18.73 34.63
CA PRO D 77 -29.58 17.81 33.50
C PRO D 77 -28.22 17.96 32.82
N LEU D 78 -27.75 16.88 32.22
CA LEU D 78 -26.45 16.84 31.57
C LEU D 78 -26.40 17.72 30.31
N GLN D 79 -25.22 18.19 29.97
CA GLN D 79 -25.03 19.10 28.84
C GLN D 79 -24.08 18.51 27.81
N LEU D 80 -24.53 18.44 26.56
CA LEU D 80 -23.69 17.98 25.47
C LEU D 80 -23.69 18.98 24.31
N PRO D 81 -22.72 19.90 24.31
CA PRO D 81 -22.57 20.86 23.20
C PRO D 81 -22.11 20.17 21.93
N LEU D 82 -22.71 20.52 20.80
CA LEU D 82 -22.43 19.84 19.54
C LEU D 82 -21.61 20.69 18.58
N ASN D 83 -20.63 20.06 17.93
CA ASN D 83 -19.81 20.71 16.92
C ASN D 83 -20.53 20.85 15.59
N PHE D 84 -21.82 20.60 15.60
CA PHE D 84 -22.60 20.52 14.37
C PHE D 84 -24.07 20.86 14.60
N THR D 85 -24.80 21.05 13.50
CA THR D 85 -26.24 21.29 13.57
C THR D 85 -26.94 19.97 13.80
N TRP D 86 -27.96 19.98 14.66
CA TRP D 86 -28.70 18.76 15.02
C TRP D 86 -29.29 18.10 13.78
N PRO D 87 -28.97 16.81 13.59
CA PRO D 87 -29.39 16.02 12.41
C PRO D 87 -30.86 15.65 12.42
N GLY D 88 -31.45 15.54 13.60
CA GLY D 88 -32.84 15.16 13.72
C GLY D 88 -32.97 13.73 14.22
N THR D 89 -31.99 12.90 13.87
CA THR D 89 -31.94 11.52 14.34
C THR D 89 -30.71 11.28 15.21
N PHE D 90 -30.78 10.31 16.09
CA PHE D 90 -29.73 10.07 17.08
C PHE D 90 -29.76 8.66 17.64
N SER D 91 -28.72 8.31 18.38
CA SER D 91 -28.70 7.06 19.15
C SER D 91 -28.17 7.36 20.55
N LEU D 92 -28.92 6.96 21.57
CA LEU D 92 -28.55 7.25 22.94
C LEU D 92 -28.25 5.98 23.73
N ASN D 93 -27.08 5.96 24.36
CA ASN D 93 -26.65 4.81 25.15
C ASN D 93 -26.36 5.23 26.60
N ILE D 94 -27.18 4.74 27.52
CA ILE D 94 -27.01 5.05 28.94
C ILE D 94 -26.61 3.81 29.74
N GLN D 95 -25.43 3.86 30.36
CA GLN D 95 -24.94 2.73 31.15
C GLN D 95 -24.88 3.07 32.63
N ALA D 96 -25.37 2.15 33.47
CA ALA D 96 -25.27 2.32 34.91
C ALA D 96 -24.14 1.43 35.44
N TRP D 97 -23.24 2.03 36.22
CA TRP D 97 -22.04 1.32 36.65
C TRP D 97 -21.84 1.32 38.16
N HIS D 98 -20.85 0.56 38.61
CA HIS D 98 -20.43 0.54 40.01
C HIS D 98 -18.93 0.78 40.13
N THR D 99 -18.53 1.54 41.14
CA THR D 99 -17.12 1.78 41.39
C THR D 99 -16.77 1.65 42.87
N PRO D 100 -15.66 0.98 43.17
CA PRO D 100 -15.16 0.87 44.54
C PRO D 100 -14.24 2.03 44.91
N GLY D 101 -13.95 2.88 43.92
CA GLY D 101 -13.03 3.99 44.11
C GLY D 101 -13.71 5.28 44.49
N ASP D 102 -12.98 6.38 44.37
CA ASP D 102 -13.47 7.70 44.76
C ASP D 102 -14.62 8.18 43.87
N ASP D 103 -15.44 9.09 44.41
CA ASP D 103 -16.56 9.65 43.68
C ASP D 103 -16.07 10.68 42.67
N LEU D 104 -14.91 11.26 42.94
CA LEU D 104 -14.27 12.16 42.00
C LEU D 104 -13.68 11.32 40.89
N ARG D 105 -14.26 11.46 39.70
CA ARG D 105 -13.87 10.66 38.54
C ARG D 105 -13.96 9.17 38.84
N PRO D 106 -15.18 8.63 38.90
CA PRO D 106 -15.37 7.19 39.13
C PRO D 106 -14.77 6.38 37.99
N GLU D 107 -14.62 7.01 36.83
CA GLU D 107 -14.00 6.37 35.67
C GLU D 107 -12.53 6.09 35.93
N THR D 108 -11.96 6.78 36.91
CA THR D 108 -10.58 6.55 37.28
C THR D 108 -10.52 5.59 38.46
N SER D 109 -10.98 4.37 38.24
CA SER D 109 -10.97 3.32 39.25
C SER D 109 -10.90 1.96 38.56
N PRO D 110 -10.04 1.07 39.09
CA PRO D 110 -9.80 -0.24 38.46
C PRO D 110 -10.93 -1.24 38.65
N GLY D 111 -11.73 -1.06 39.69
CA GLY D 111 -12.75 -2.03 40.06
C GLY D 111 -14.12 -1.79 39.47
N ASN D 112 -14.19 -0.94 38.45
CA ASN D 112 -15.47 -0.62 37.82
C ASN D 112 -16.12 -1.82 37.16
N SER D 113 -17.38 -2.07 37.51
CA SER D 113 -18.14 -3.18 36.94
C SER D 113 -19.55 -2.73 36.58
N LEU D 114 -20.04 -3.22 35.45
CA LEU D 114 -21.33 -2.79 34.91
C LEU D 114 -22.52 -3.29 35.71
N ILE D 115 -23.52 -2.43 35.89
CA ILE D 115 -24.77 -2.81 36.54
C ILE D 115 -25.81 -3.15 35.47
N SER D 116 -26.23 -2.13 34.74
CA SER D 116 -27.21 -2.32 33.67
C SER D 116 -27.09 -1.18 32.66
N GLN D 117 -27.63 -1.40 31.46
CA GLN D 117 -27.59 -0.38 30.42
C GLN D 117 -28.82 -0.47 29.53
N ILE D 118 -29.14 0.65 28.89
CA ILE D 118 -30.27 0.70 27.97
C ILE D 118 -29.88 1.38 26.67
N ILE D 119 -30.72 1.23 25.64
CA ILE D 119 -30.45 1.82 24.35
C ILE D 119 -31.74 2.30 23.68
N ILE D 120 -31.73 3.55 23.24
CA ILE D 120 -32.87 4.10 22.52
C ILE D 120 -32.40 4.93 21.33
N GLN D 121 -33.17 4.95 20.26
CA GLN D 121 -32.88 5.81 19.12
C GLN D 121 -34.13 6.18 18.35
N GLY D 122 -34.09 7.33 17.69
CA GLY D 122 -35.23 7.82 16.92
C GLY D 122 -35.07 9.25 16.48
N SER D 123 -36.20 9.91 16.22
CA SER D 123 -36.19 11.30 15.78
C SER D 123 -36.52 12.27 16.90
N LEU D 124 -35.94 13.46 16.83
CA LEU D 124 -36.21 14.49 17.82
C LEU D 124 -36.05 15.89 17.24
N ALA D 125 -37.03 16.75 17.48
CA ALA D 125 -36.99 18.12 16.98
C ALA D 125 -36.59 19.08 18.09
N VAL D 126 -35.87 20.14 17.73
CA VAL D 126 -35.41 21.12 18.69
C VAL D 126 -36.58 21.84 19.36
N GLY D 127 -36.52 21.95 20.68
CA GLY D 127 -37.55 22.64 21.44
C GLY D 127 -37.35 22.44 22.94
N ASN D 129 -39.43 21.40 24.87
CA ASN D 129 -40.31 20.31 25.27
C ASN D 129 -39.51 19.08 25.69
N TRP D 130 -39.67 18.68 26.96
CA TRP D 130 -38.99 17.49 27.47
C TRP D 130 -39.70 16.19 27.06
N LYS D 131 -38.94 15.29 26.46
CA LYS D 131 -39.45 13.95 26.17
C LYS D 131 -38.97 12.97 27.23
N SER D 132 -39.91 12.35 27.93
CA SER D 132 -39.60 11.46 29.03
C SER D 132 -39.74 9.99 28.64
N ASP D 133 -38.94 9.12 29.26
CA ASP D 133 -38.94 7.71 28.93
C ASP D 133 -38.55 6.85 30.13
N GLU D 134 -39.12 5.65 30.19
CA GLU D 134 -38.78 4.69 31.25
C GLU D 134 -38.23 3.40 30.66
N GLN D 135 -37.32 2.76 31.39
CA GLN D 135 -36.78 1.47 30.99
C GLN D 135 -36.80 0.47 32.15
N ASN D 136 -37.78 -0.42 32.14
CA ASN D 136 -37.90 -1.43 33.19
C ASN D 136 -37.33 -2.79 32.78
N ASN D 137 -36.61 -3.43 33.70
CA ASN D 137 -36.25 -4.83 33.55
C ASN D 137 -36.38 -5.54 34.89
N THR D 138 -36.11 -6.84 34.90
CA THR D 138 -36.28 -7.65 36.11
C THR D 138 -35.34 -7.21 37.24
N LEU D 139 -34.15 -6.73 36.86
CA LEU D 139 -33.16 -6.31 37.85
C LEU D 139 -33.25 -4.81 38.16
N THR D 140 -33.19 -3.99 37.11
CA THR D 140 -33.10 -2.54 37.30
C THR D 140 -34.22 -1.78 36.58
N ARG D 141 -34.46 -0.55 37.03
CA ARG D 141 -35.37 0.35 36.34
C ARG D 141 -34.75 1.73 36.16
N LEU D 142 -34.94 2.32 34.97
CA LEU D 142 -34.43 3.65 34.71
C LEU D 142 -35.50 4.59 34.16
N ARG D 143 -35.63 5.74 34.80
CA ARG D 143 -36.57 6.77 34.36
C ARG D 143 -35.83 8.08 34.10
N TYR D 144 -35.98 8.61 32.89
CA TYR D 144 -35.22 9.78 32.47
C TYR D 144 -35.98 10.63 31.46
N SER D 145 -35.42 11.79 31.15
CA SER D 145 -36.01 12.69 30.16
C SER D 145 -34.91 13.48 29.45
N TYR D 146 -35.17 13.88 28.20
CA TYR D 146 -34.16 14.53 27.38
C TYR D 146 -34.77 15.44 26.32
N ARG D 147 -33.98 16.42 25.87
CA ARG D 147 -34.41 17.35 24.84
C ARG D 147 -33.22 17.94 24.09
N VAL D 148 -33.49 18.59 22.96
CA VAL D 148 -32.48 19.32 22.22
C VAL D 148 -32.87 20.80 22.14
N VAL D 149 -32.01 21.66 22.68
CA VAL D 149 -32.30 23.09 22.69
C VAL D 149 -31.20 23.90 22.00
N CYS D 150 -31.47 25.18 21.78
CA CYS D 150 -30.52 26.07 21.15
C CYS D 150 -29.57 26.70 22.17
N SER D 151 -28.36 27.01 21.72
CA SER D 151 -27.43 27.79 22.54
C SER D 151 -28.05 29.16 22.78
N ASP D 152 -27.59 29.85 23.81
CA ASP D 152 -28.12 31.18 24.13
C ASP D 152 -27.94 32.11 22.94
N ASN D 153 -28.93 32.97 22.73
CA ASN D 153 -28.98 33.93 21.63
C ASN D 153 -29.18 33.26 20.27
N TYR D 154 -29.39 31.95 20.26
CA TYR D 154 -29.67 31.25 19.01
C TYR D 154 -31.13 30.83 18.91
N TYR D 155 -31.70 31.01 17.71
CA TYR D 155 -33.12 30.74 17.49
C TYR D 155 -33.33 29.97 16.19
N GLY D 156 -34.56 29.55 15.95
CA GLY D 156 -34.88 28.83 14.74
C GLY D 156 -35.11 27.35 15.00
N ASP D 157 -35.53 26.62 13.97
CA ASP D 157 -35.77 25.19 14.09
C ASP D 157 -34.47 24.41 14.22
N SER D 158 -33.38 25.00 13.74
CA SER D 158 -32.08 24.33 13.74
C SER D 158 -31.01 25.15 14.44
N CYS D 159 -31.45 26.16 15.18
CA CYS D 159 -30.54 27.05 15.91
C CYS D 159 -29.50 27.67 14.98
N SER D 160 -29.92 27.97 13.75
CA SER D 160 -28.98 28.42 12.72
C SER D 160 -29.07 29.94 12.48
N ARG D 161 -29.78 30.63 13.35
CA ARG D 161 -29.90 32.09 13.24
C ARG D 161 -29.61 32.79 14.57
N LEU D 162 -28.71 33.76 14.52
CA LEU D 162 -28.30 34.49 15.72
C LEU D 162 -29.09 35.78 15.91
N CYS D 163 -29.51 36.04 17.14
CA CYS D 163 -30.20 37.28 17.48
C CYS D 163 -29.76 37.83 18.83
N ARG D 166 -30.60 44.82 20.42
CA ARG D 166 -29.88 46.08 20.31
C ARG D 166 -30.77 47.27 20.64
N ASP D 167 -30.15 48.39 20.99
CA ASP D 167 -30.86 49.64 21.17
C ASP D 167 -29.92 50.80 20.85
N ASP D 168 -29.31 50.74 19.68
CA ASP D 168 -28.40 51.79 19.23
C ASP D 168 -28.56 52.07 17.75
N HIS D 169 -27.54 52.66 17.14
CA HIS D 169 -27.61 53.10 15.74
C HIS D 169 -27.86 51.94 14.77
N PHE D 170 -27.29 50.79 15.07
CA PHE D 170 -27.36 49.65 14.15
C PHE D 170 -28.69 48.89 14.27
N GLY D 171 -29.44 49.17 15.33
CA GLY D 171 -30.74 48.54 15.49
C GLY D 171 -31.43 48.83 16.81
N HIS D 172 -32.75 48.82 16.78
CA HIS D 172 -33.55 48.96 17.99
C HIS D 172 -34.60 47.86 18.01
N TYR D 173 -34.23 46.68 18.48
CA TYR D 173 -35.11 45.52 18.37
C TYR D 173 -34.96 44.51 19.50
N GLU D 174 -35.98 43.66 19.62
CA GLU D 174 -35.95 42.52 20.52
C GLU D 174 -35.83 41.26 19.67
N CYS D 175 -35.77 40.09 20.32
CA CYS D 175 -35.61 38.85 19.58
C CYS D 175 -36.89 38.00 19.61
N GLN D 176 -37.35 37.63 18.42
CA GLN D 176 -38.49 36.73 18.29
C GLN D 176 -37.98 35.29 18.30
N PRO D 177 -38.84 34.33 18.65
CA PRO D 177 -38.44 32.92 18.73
C PRO D 177 -37.81 32.35 17.45
N ASP D 178 -38.08 32.98 16.31
CA ASP D 178 -37.55 32.48 15.04
C ASP D 178 -36.27 33.20 14.62
N GLY D 179 -35.84 34.15 15.44
CA GLY D 179 -34.60 34.87 15.19
C GLY D 179 -34.76 36.22 14.51
N SER D 180 -35.97 36.49 14.01
CA SER D 180 -36.25 37.78 13.38
C SER D 180 -36.42 38.87 14.43
N PRO D 181 -35.91 40.08 14.14
CA PRO D 181 -36.00 41.19 15.09
C PRO D 181 -37.42 41.67 15.33
N SER D 182 -37.76 41.92 16.59
CA SER D 182 -39.03 42.55 16.94
C SER D 182 -38.77 44.01 17.24
N CYS D 183 -39.15 44.88 16.31
CA CYS D 183 -38.81 46.31 16.38
C CYS D 183 -39.34 46.98 17.64
N LEU D 184 -38.47 47.71 18.31
CA LEU D 184 -38.85 48.56 19.43
C LEU D 184 -39.81 49.64 18.95
N PRO D 185 -40.64 50.18 19.84
CA PRO D 185 -41.63 51.20 19.42
C PRO D 185 -41.01 52.43 18.76
N GLY D 186 -41.50 52.76 17.58
CA GLY D 186 -41.03 53.94 16.87
C GLY D 186 -39.96 53.68 15.83
N TRP D 187 -39.73 52.41 15.51
CA TRP D 187 -38.70 52.06 14.53
C TRP D 187 -39.20 51.02 13.53
N THR D 188 -38.52 50.94 12.38
CA THR D 188 -38.90 49.99 11.33
C THR D 188 -37.67 49.57 10.51
N GLY D 189 -37.90 48.67 9.56
CA GLY D 189 -36.82 48.15 8.73
C GLY D 189 -36.53 46.69 9.04
N TYR D 191 -33.75 45.60 10.21
CA TYR D 191 -32.98 45.55 11.44
C TYR D 191 -33.39 46.65 12.40
N CYS D 192 -34.56 47.22 12.16
CA CYS D 192 -35.14 48.26 13.00
C CYS D 192 -34.17 49.41 13.25
N ASP D 193 -33.60 49.95 12.17
CA ASP D 193 -32.69 51.08 12.27
C ASP D 193 -33.25 52.27 11.50
N GLN D 194 -34.42 52.08 10.91
CA GLN D 194 -35.12 53.14 10.20
C GLN D 194 -36.17 53.77 11.13
N PRO D 195 -36.06 55.08 11.37
CA PRO D 195 -36.99 55.79 12.25
C PRO D 195 -38.39 55.90 11.66
N ILE D 196 -39.41 55.74 12.51
CA ILE D 196 -40.79 55.96 12.09
C ILE D 196 -41.18 57.41 12.28
N CYS D 197 -41.37 58.12 11.16
CA CYS D 197 -41.67 59.55 11.21
C CYS D 197 -43.01 59.83 11.89
N LEU D 198 -43.25 61.09 12.22
CA LEU D 198 -44.47 61.52 12.89
C LEU D 198 -45.72 61.09 12.13
N SER D 199 -46.80 60.82 12.86
CA SER D 199 -48.04 60.35 12.26
C SER D 199 -48.61 61.34 11.26
N GLY D 200 -48.75 60.90 10.01
CA GLY D 200 -49.32 61.72 8.97
C GLY D 200 -48.32 62.53 8.17
N CYS D 201 -47.05 62.45 8.57
CA CYS D 201 -45.97 63.13 7.84
C CYS D 201 -45.93 62.64 6.40
N HIS D 202 -45.77 63.57 5.45
CA HIS D 202 -45.84 63.25 4.04
C HIS D 202 -44.76 62.23 3.65
N GLU D 203 -45.20 61.11 3.09
CA GLU D 203 -44.31 60.02 2.72
C GLU D 203 -43.31 60.45 1.63
N GLN D 204 -43.77 61.32 0.73
CA GLN D 204 -42.97 61.74 -0.41
C GLN D 204 -42.10 62.96 -0.11
N ASN D 205 -42.68 63.95 0.56
CA ASN D 205 -42.01 65.23 0.76
C ASN D 205 -41.37 65.39 2.14
N GLY D 206 -41.65 64.45 3.04
CA GLY D 206 -41.14 64.54 4.39
C GLY D 206 -40.24 63.37 4.79
N TYR D 207 -39.38 63.60 5.77
CA TYR D 207 -38.50 62.56 6.29
C TYR D 207 -38.15 62.83 7.75
N CYS D 208 -37.46 61.87 8.37
CA CYS D 208 -37.06 62.01 9.77
C CYS D 208 -35.77 61.27 10.08
N SER D 209 -35.08 61.71 11.12
CA SER D 209 -33.86 61.06 11.59
C SER D 209 -34.08 60.49 12.99
N PRO D 211 -37.45 59.12 15.86
CA PRO D 211 -38.87 58.72 15.93
C PRO D 211 -39.82 59.89 16.21
N ASP D 212 -41.01 59.83 15.62
CA ASP D 212 -42.06 60.83 15.82
C ASP D 212 -41.63 62.24 15.41
N GLU D 213 -40.71 62.34 14.47
CA GLU D 213 -40.31 63.64 13.93
C GLU D 213 -40.72 63.77 12.47
N CYS D 214 -40.86 65.00 11.99
CA CYS D 214 -41.19 65.24 10.59
C CYS D 214 -40.48 66.48 10.06
N ASN D 215 -39.52 66.26 9.15
CA ASN D 215 -38.79 67.35 8.51
C ASN D 215 -39.18 67.46 7.05
N CYS D 216 -39.08 68.65 6.49
CA CYS D 216 -39.56 68.89 5.13
C CYS D 216 -38.41 68.99 4.12
N ARG D 217 -38.56 68.26 3.01
CA ARG D 217 -37.65 68.37 1.89
C ARG D 217 -37.84 69.74 1.22
N PRO D 218 -36.80 70.26 0.56
CA PRO D 218 -36.81 71.60 -0.04
C PRO D 218 -38.07 71.94 -0.83
N GLY D 219 -38.73 73.02 -0.43
CA GLY D 219 -39.93 73.50 -1.11
C GLY D 219 -41.22 73.22 -0.37
N TRP D 220 -41.13 72.65 0.83
CA TRP D 220 -42.32 72.31 1.59
C TRP D 220 -42.24 72.79 3.03
N GLN D 221 -43.40 72.98 3.64
CA GLN D 221 -43.48 73.43 5.03
C GLN D 221 -44.73 72.87 5.70
N GLY D 222 -44.89 73.14 6.99
CA GLY D 222 -46.05 72.67 7.72
C GLY D 222 -45.72 71.53 8.66
N PRO D 223 -46.70 71.14 9.49
CA PRO D 223 -46.52 70.05 10.46
C PRO D 223 -46.33 68.69 9.78
N LEU D 224 -46.91 68.53 8.58
CA LEU D 224 -46.85 67.26 7.88
C LEU D 224 -46.14 67.37 6.53
N CYS D 225 -45.48 68.50 6.29
CA CYS D 225 -44.78 68.76 5.04
C CYS D 225 -45.65 68.49 3.81
N ASN D 226 -46.92 68.85 3.93
CA ASN D 226 -47.88 68.69 2.85
C ASN D 226 -48.26 70.03 2.23
N GLU D 227 -47.60 71.08 2.69
CA GLU D 227 -47.89 72.44 2.25
C GLU D 227 -46.71 73.03 1.47
N CYS D 228 -46.97 73.48 0.25
CA CYS D 228 -45.92 74.01 -0.61
C CYS D 228 -45.50 75.42 -0.22
N ILE D 229 -44.32 75.82 -0.69
CA ILE D 229 -43.84 77.18 -0.56
C ILE D 229 -43.84 77.86 -1.92
N PRO D 230 -44.69 78.89 -2.09
CA PRO D 230 -44.81 79.60 -3.36
C PRO D 230 -43.47 80.20 -3.80
N HIS D 231 -43.32 80.43 -5.10
CA HIS D 231 -42.10 80.99 -5.68
C HIS D 231 -41.61 82.19 -4.88
N LYS D 232 -40.32 82.22 -4.59
CA LYS D 232 -39.71 83.35 -3.91
C LYS D 232 -40.01 84.65 -4.65
N GLY D 233 -40.80 85.52 -4.01
CA GLY D 233 -41.21 86.77 -4.62
C GLY D 233 -42.62 86.72 -5.19
N CYS D 234 -43.34 85.65 -4.89
CA CYS D 234 -44.74 85.53 -5.28
C CYS D 234 -45.59 86.29 -4.27
N ARG D 235 -46.28 87.32 -4.74
CA ARG D 235 -47.00 88.22 -3.83
C ARG D 235 -48.48 87.88 -3.78
N HIS D 236 -49.12 87.81 -4.95
CA HIS D 236 -50.54 87.49 -5.03
C HIS D 236 -50.80 86.25 -5.87
N GLY D 237 -50.22 85.12 -5.44
CA GLY D 237 -50.41 83.86 -6.14
C GLY D 237 -50.27 82.68 -5.19
N THR D 238 -50.69 81.51 -5.63
CA THR D 238 -50.65 80.32 -4.79
C THR D 238 -49.74 79.24 -5.36
N CYS D 239 -49.80 78.05 -4.77
CA CYS D 239 -49.01 76.91 -5.22
C CYS D 239 -49.71 75.59 -4.97
N THR D 240 -49.30 74.57 -5.73
CA THR D 240 -49.61 73.19 -5.41
C THR D 240 -48.28 72.46 -5.31
N ILE D 241 -47.36 72.87 -6.17
CA ILE D 241 -45.99 72.38 -6.19
C ILE D 241 -45.01 73.52 -5.90
N PRO D 242 -43.98 73.24 -5.09
CA PRO D 242 -42.91 74.19 -4.78
C PRO D 242 -42.40 74.97 -5.99
N TRP D 243 -42.04 76.24 -5.75
CA TRP D 243 -41.53 77.14 -6.79
C TRP D 243 -42.58 77.34 -7.89
N GLN D 244 -43.78 77.72 -7.45
CA GLN D 244 -44.86 78.04 -8.36
C GLN D 244 -45.50 79.36 -7.92
N CYS D 245 -46.15 80.03 -8.87
CA CYS D 245 -46.84 81.28 -8.59
C CYS D 245 -48.08 81.35 -9.46
N ALA D 246 -49.14 80.65 -9.03
CA ALA D 246 -50.39 80.63 -9.76
C ALA D 246 -51.26 81.79 -9.32
N CYS D 247 -51.44 82.76 -10.22
CA CYS D 247 -52.07 84.04 -9.88
C CYS D 247 -53.51 83.90 -9.42
N ASP D 248 -53.92 84.81 -8.55
CA ASP D 248 -55.28 84.85 -8.03
C ASP D 248 -56.20 85.59 -9.00
N GLU D 249 -57.36 86.02 -8.49
CA GLU D 249 -58.32 86.75 -9.31
C GLU D 249 -57.83 88.17 -9.56
N GLY D 250 -57.91 88.61 -10.82
CA GLY D 250 -57.55 89.97 -11.18
C GLY D 250 -56.06 90.25 -11.18
N TRP D 251 -55.24 89.23 -10.96
CA TRP D 251 -53.80 89.39 -10.99
C TRP D 251 -53.17 88.58 -12.12
N GLY D 252 -51.97 88.98 -12.52
CA GLY D 252 -51.26 88.31 -13.60
C GLY D 252 -49.76 88.60 -13.55
N GLY D 253 -49.04 88.13 -14.55
CA GLY D 253 -47.59 88.27 -14.57
C GLY D 253 -46.94 87.12 -13.84
N LEU D 254 -45.65 86.90 -14.09
CA LEU D 254 -44.90 85.80 -13.50
C LEU D 254 -45.05 85.72 -11.98
N PHE D 255 -44.73 86.82 -11.30
CA PHE D 255 -44.78 86.85 -9.85
C PHE D 255 -46.14 87.32 -9.34
N CYS D 256 -47.10 87.39 -10.26
CA CYS D 256 -48.49 87.79 -9.94
C CYS D 256 -48.53 89.13 -9.23
N ASP D 257 -48.39 90.21 -10.00
CA ASP D 257 -48.35 91.54 -9.43
C ASP D 257 -48.85 92.62 -10.39
N GLN D 258 -49.66 92.23 -11.36
CA GLN D 258 -50.22 93.18 -12.30
C GLN D 258 -51.53 92.68 -12.91
N ALA D 259 -52.53 93.56 -12.94
CA ALA D 259 -53.85 93.22 -13.45
C ALA D 259 -53.86 92.94 -14.95
N ALA D 260 -54.70 91.99 -15.37
CA ALA D 260 -54.80 91.62 -16.76
C ALA D 260 -56.16 92.01 -17.34
N ASP E 3 41.80 -54.08 -25.25
CA ASP E 3 41.53 -54.28 -23.83
C ASP E 3 40.39 -53.38 -23.35
N GLU E 4 40.64 -52.63 -22.29
CA GLU E 4 39.59 -51.87 -21.59
C GLU E 4 38.81 -50.90 -22.48
N CYS E 5 39.48 -50.33 -23.47
CA CYS E 5 38.84 -49.30 -24.30
C CYS E 5 37.90 -49.85 -25.37
N ALA E 6 38.19 -51.06 -25.84
CA ALA E 6 37.40 -51.66 -26.90
C ALA E 6 36.08 -52.24 -26.38
N LEU E 7 35.91 -52.21 -25.06
CA LEU E 7 34.77 -52.87 -24.43
C LEU E 7 33.46 -52.09 -24.55
N GLY E 8 33.20 -51.51 -25.72
CA GLY E 8 31.93 -50.88 -25.99
C GLY E 8 31.94 -49.37 -25.98
N ALA E 9 31.19 -48.78 -25.05
CA ALA E 9 31.04 -47.33 -24.97
C ALA E 9 32.33 -46.64 -24.53
N ASN E 10 32.22 -45.33 -24.24
CA ASN E 10 33.37 -44.54 -23.86
C ASN E 10 33.23 -44.04 -22.41
N PRO E 11 34.16 -44.45 -21.53
CA PRO E 11 34.13 -44.06 -20.12
C PRO E 11 34.60 -42.63 -19.88
N CYS E 12 35.31 -42.07 -20.85
CA CYS E 12 35.75 -40.68 -20.76
C CYS E 12 34.67 -39.79 -21.37
N GLU E 13 34.05 -38.96 -20.54
CA GLU E 13 32.77 -38.34 -20.87
C GLU E 13 32.84 -37.13 -21.80
N HIS E 14 33.74 -36.19 -21.52
CA HIS E 14 33.80 -34.96 -22.32
C HIS E 14 34.78 -35.08 -23.48
N ALA E 15 34.46 -36.00 -24.40
CA ALA E 15 35.25 -36.23 -25.61
C ALA E 15 36.72 -36.54 -25.31
N GLY E 16 36.99 -36.99 -24.09
CA GLY E 16 38.33 -37.41 -23.71
C GLY E 16 38.65 -38.76 -24.33
N LYS E 17 39.93 -39.04 -24.49
CA LYS E 17 40.34 -40.30 -25.11
C LYS E 17 40.60 -41.39 -24.08
N CYS E 18 40.15 -42.59 -24.39
CA CYS E 18 40.38 -43.75 -23.53
C CYS E 18 41.77 -44.31 -23.79
N LEU E 19 42.53 -44.50 -22.71
CA LEU E 19 43.85 -45.12 -22.81
C LEU E 19 43.87 -46.44 -22.05
N ASN E 20 44.37 -47.48 -22.70
CA ASN E 20 44.41 -48.80 -22.10
C ASN E 20 45.63 -49.00 -21.19
N THR E 21 45.37 -49.36 -19.94
CA THR E 21 46.42 -49.75 -19.02
C THR E 21 46.36 -51.27 -18.86
N LEU E 22 47.39 -51.88 -18.29
CA LEU E 22 47.38 -53.32 -18.07
C LEU E 22 46.38 -53.62 -16.95
N GLY E 23 45.31 -54.32 -17.28
CA GLY E 23 44.25 -54.65 -16.33
C GLY E 23 43.34 -53.52 -15.89
N SER E 24 43.54 -52.32 -16.43
CA SER E 24 42.60 -51.22 -16.22
C SER E 24 42.73 -50.14 -17.29
N PHE E 25 42.27 -48.93 -16.98
CA PHE E 25 42.34 -47.83 -17.93
C PHE E 25 42.51 -46.48 -17.22
N GLU E 26 42.80 -45.46 -18.00
CA GLU E 26 42.85 -44.09 -17.50
C GLU E 26 42.35 -43.16 -18.59
N CYS E 27 41.75 -42.04 -18.19
CA CYS E 27 41.15 -41.12 -19.15
C CYS E 27 42.07 -39.95 -19.48
N GLN E 28 42.37 -39.81 -20.76
CA GLN E 28 43.13 -38.66 -21.25
C GLN E 28 42.20 -37.48 -21.49
N CYS E 29 42.18 -36.56 -20.55
CA CYS E 29 41.22 -35.45 -20.58
C CYS E 29 41.61 -34.38 -21.59
N LEU E 30 40.62 -33.85 -22.30
CA LEU E 30 40.81 -32.67 -23.12
C LEU E 30 41.12 -31.46 -22.23
N GLN E 31 41.67 -30.41 -22.82
CA GLN E 31 42.01 -29.20 -22.07
C GLN E 31 40.78 -28.58 -21.41
N GLY E 32 40.88 -28.38 -20.10
CA GLY E 32 39.78 -27.79 -19.34
C GLY E 32 38.96 -28.79 -18.56
N TYR E 33 39.44 -30.03 -18.50
CA TYR E 33 38.74 -31.09 -17.77
C TYR E 33 39.67 -31.89 -16.87
N THR E 34 39.23 -32.14 -15.64
CA THR E 34 40.01 -32.93 -14.70
C THR E 34 39.16 -34.02 -14.07
N GLY E 35 39.73 -34.72 -13.09
CA GLY E 35 39.05 -35.84 -12.47
C GLY E 35 39.49 -37.14 -13.12
N PRO E 36 39.16 -38.27 -12.49
CA PRO E 36 39.52 -39.59 -13.03
C PRO E 36 39.01 -39.82 -14.44
N ARG E 37 37.75 -39.47 -14.70
CA ARG E 37 37.14 -39.71 -16.01
C ARG E 37 36.64 -38.43 -16.69
N CYS E 38 37.31 -37.31 -16.38
CA CYS E 38 37.02 -36.02 -17.00
C CYS E 38 35.54 -35.62 -16.91
N GLU E 39 34.94 -35.80 -15.73
CA GLU E 39 33.53 -35.45 -15.56
C GLU E 39 33.36 -34.12 -14.82
N ILE E 40 34.48 -33.47 -14.51
CA ILE E 40 34.45 -32.21 -13.79
C ILE E 40 35.02 -31.06 -14.61
N ASP E 41 34.26 -29.99 -14.75
CA ASP E 41 34.78 -28.78 -15.39
C ASP E 41 35.83 -28.12 -14.51
N VAL E 42 37.04 -27.98 -15.04
CA VAL E 42 38.08 -27.25 -14.34
C VAL E 42 37.71 -25.79 -14.24
N ASN E 43 37.87 -25.22 -13.05
CA ASN E 43 37.71 -23.79 -12.89
C ASN E 43 38.96 -23.09 -13.37
N GLU E 44 38.85 -22.37 -14.48
CA GLU E 44 40.00 -21.70 -15.06
C GLU E 44 40.30 -20.38 -14.35
N CYS E 45 39.39 -19.99 -13.46
CA CYS E 45 39.49 -18.71 -12.77
C CYS E 45 39.95 -18.84 -11.31
N ILE E 46 40.69 -19.90 -10.99
CA ILE E 46 41.21 -20.05 -9.64
C ILE E 46 42.37 -19.11 -9.38
N SER E 47 43.19 -18.89 -10.41
CA SER E 47 44.39 -18.08 -10.26
C SER E 47 44.08 -16.58 -10.16
N ASN E 48 42.80 -16.23 -10.30
CA ASN E 48 42.37 -14.83 -10.24
C ASN E 48 43.22 -13.93 -11.15
N PRO E 49 43.25 -14.25 -12.45
CA PRO E 49 44.25 -13.68 -13.37
C PRO E 49 44.05 -12.20 -13.66
N CYS E 50 42.83 -11.71 -13.54
CA CYS E 50 42.51 -10.37 -13.98
C CYS E 50 42.41 -9.35 -12.84
N GLN E 51 42.92 -8.16 -13.11
CA GLN E 51 43.04 -7.11 -12.10
C GLN E 51 42.06 -5.97 -12.34
N ASN E 52 42.20 -4.92 -11.53
CA ASN E 52 41.40 -3.70 -11.67
C ASN E 52 39.91 -3.95 -11.48
N ASP E 53 39.58 -4.73 -10.45
CA ASP E 53 38.20 -5.04 -10.08
C ASP E 53 37.38 -5.60 -11.25
N ALA E 54 38.02 -6.43 -12.06
CA ALA E 54 37.35 -7.05 -13.20
C ALA E 54 36.52 -8.25 -12.77
N THR E 55 35.89 -8.91 -13.72
CA THR E 55 35.09 -10.10 -13.45
C THR E 55 35.57 -11.30 -14.27
N CYS E 56 35.88 -12.39 -13.58
CA CYS E 56 36.39 -13.60 -14.23
C CYS E 56 35.27 -14.55 -14.62
N LEU E 57 35.27 -14.98 -15.88
CA LEU E 57 34.30 -15.96 -16.35
C LEU E 57 34.95 -17.31 -16.61
N ASP E 58 34.48 -18.34 -15.90
CA ASP E 58 34.98 -19.69 -16.13
C ASP E 58 34.35 -20.31 -17.37
N GLN E 59 35.16 -20.48 -18.41
CA GLN E 59 34.70 -21.10 -19.64
C GLN E 59 35.28 -22.51 -19.76
N ILE E 60 35.05 -23.16 -20.89
CA ILE E 60 35.55 -24.51 -21.11
C ILE E 60 36.97 -24.47 -21.69
N GLY E 61 37.96 -24.69 -20.82
CA GLY E 61 39.34 -24.77 -21.25
C GLY E 61 40.10 -23.45 -21.22
N GLU E 62 39.39 -22.37 -20.90
CA GLU E 62 40.00 -21.04 -20.88
C GLU E 62 39.17 -20.05 -20.08
N PHE E 63 39.75 -18.90 -19.77
CA PHE E 63 39.07 -17.86 -19.01
C PHE E 63 38.85 -16.58 -19.81
N GLN E 64 37.78 -15.87 -19.51
CA GLN E 64 37.50 -14.58 -20.13
C GLN E 64 37.11 -13.55 -19.07
N CYS E 65 37.66 -12.35 -19.18
CA CYS E 65 37.41 -11.33 -18.17
C CYS E 65 36.71 -10.08 -18.70
N ILE E 66 35.79 -9.57 -17.90
CA ILE E 66 35.11 -8.33 -18.22
C ILE E 66 35.73 -7.21 -17.40
N CYS E 67 36.37 -6.28 -18.09
CA CYS E 67 37.08 -5.19 -17.43
C CYS E 67 36.13 -4.10 -16.95
N MET E 68 36.51 -3.41 -15.89
CA MET E 68 35.87 -2.16 -15.53
C MET E 68 36.09 -1.19 -16.69
N PRO E 69 35.15 -0.27 -16.91
CA PRO E 69 35.30 0.69 -18.02
C PRO E 69 36.62 1.45 -17.95
N GLY E 70 37.31 1.58 -19.07
CA GLY E 70 38.57 2.30 -19.12
C GLY E 70 39.79 1.39 -19.04
N TYR E 71 39.58 0.15 -18.64
CA TYR E 71 40.66 -0.82 -18.59
C TYR E 71 40.54 -1.84 -19.71
N GLU E 72 41.67 -2.41 -20.11
CA GLU E 72 41.68 -3.36 -21.21
C GLU E 72 42.80 -4.38 -21.06
N GLY E 73 42.91 -5.28 -22.05
CA GLY E 73 43.90 -6.34 -22.02
C GLY E 73 43.27 -7.68 -21.65
N VAL E 74 44.04 -8.74 -21.82
CA VAL E 74 43.58 -10.09 -21.51
C VAL E 74 43.31 -10.24 -20.01
N TYR E 75 44.19 -9.67 -19.19
CA TYR E 75 44.02 -9.72 -17.74
C TYR E 75 43.47 -8.41 -17.20
N CYS E 76 42.93 -7.57 -18.07
CA CYS E 76 42.47 -6.23 -17.71
C CYS E 76 43.58 -5.46 -17.01
N GLU E 77 44.80 -5.61 -17.52
CA GLU E 77 45.98 -5.06 -16.86
C GLU E 77 46.34 -3.66 -17.37
N ILE E 78 45.75 -3.28 -18.50
CA ILE E 78 46.07 -2.00 -19.12
C ILE E 78 45.00 -0.93 -18.88
N ASN E 79 45.38 0.15 -18.20
CA ASN E 79 44.55 1.35 -18.12
C ASN E 79 44.65 2.07 -19.46
N THR E 80 43.54 2.09 -20.19
CA THR E 80 43.55 2.67 -21.53
C THR E 80 43.97 4.14 -21.50
N ASP E 81 45.09 4.40 -22.16
CA ASP E 81 45.50 5.76 -22.44
C ASP E 81 44.58 6.30 -23.51
N GLU E 82 43.58 7.06 -23.10
CA GLU E 82 42.57 7.58 -24.01
C GLU E 82 43.15 8.68 -24.90
N CYS E 83 44.40 9.06 -24.62
CA CYS E 83 45.09 10.07 -25.41
C CYS E 83 45.97 9.45 -26.49
N ALA E 84 45.84 8.13 -26.67
CA ALA E 84 46.71 7.39 -27.59
C ALA E 84 46.45 7.76 -29.05
N SER E 85 45.23 8.18 -29.35
CA SER E 85 44.84 8.49 -30.73
C SER E 85 45.12 9.93 -31.11
N SER E 86 45.77 10.67 -30.20
CA SER E 86 46.01 12.10 -30.36
C SER E 86 44.73 12.86 -30.70
N PRO E 87 43.79 12.93 -29.73
CA PRO E 87 42.46 13.47 -29.99
C PRO E 87 42.39 14.99 -30.05
N CYS E 88 42.97 15.68 -29.08
CA CYS E 88 42.91 17.14 -29.03
C CYS E 88 43.64 17.75 -30.22
N LEU E 89 42.95 18.57 -31.00
CA LEU E 89 43.52 19.17 -32.19
C LEU E 89 44.09 20.56 -31.94
N HIS E 90 44.93 21.02 -32.88
CA HIS E 90 45.49 22.37 -32.86
C HIS E 90 46.28 22.67 -31.58
N ASN E 91 47.19 21.76 -31.25
CA ASN E 91 48.10 21.92 -30.12
C ASN E 91 47.39 22.08 -28.78
N GLY E 92 46.30 21.34 -28.59
CA GLY E 92 45.65 21.27 -27.30
C GLY E 92 46.41 20.29 -26.41
N ARG E 93 46.16 20.33 -25.12
CA ARG E 93 46.81 19.42 -24.20
C ARG E 93 45.87 18.28 -23.80
N CYS E 94 46.41 17.08 -23.66
CA CYS E 94 45.58 15.91 -23.39
C CYS E 94 45.78 15.40 -21.96
N VAL E 95 44.67 15.15 -21.28
CA VAL E 95 44.70 14.62 -19.92
C VAL E 95 43.91 13.32 -19.83
N ASP E 96 44.63 12.20 -19.75
CA ASP E 96 43.98 10.89 -19.63
C ASP E 96 43.54 10.59 -18.21
N LYS E 97 42.42 9.91 -18.09
CA LYS E 97 41.95 9.40 -16.80
C LYS E 97 41.66 7.92 -16.93
N ILE E 98 40.38 7.58 -16.86
CA ILE E 98 39.91 6.20 -16.99
C ILE E 98 38.61 6.21 -17.77
N ASN E 99 38.65 5.68 -18.99
CA ASN E 99 37.52 5.75 -19.93
C ASN E 99 37.06 7.20 -20.14
N GLU E 100 38.02 8.12 -20.13
CA GLU E 100 37.72 9.54 -20.15
C GLU E 100 38.98 10.35 -20.41
N PHE E 101 38.86 11.37 -21.24
CA PHE E 101 39.99 12.26 -21.54
C PHE E 101 39.53 13.71 -21.60
N LEU E 102 40.37 14.60 -21.10
CA LEU E 102 40.04 16.02 -21.08
C LEU E 102 41.06 16.81 -21.89
N CYS E 103 40.58 17.72 -22.73
CA CYS E 103 41.46 18.55 -23.54
C CYS E 103 41.53 19.96 -22.98
N GLN E 104 42.71 20.35 -22.51
CA GLN E 104 42.93 21.75 -22.17
C GLN E 104 42.97 22.56 -23.46
N CYS E 105 42.09 23.55 -23.58
CA CYS E 105 41.99 24.30 -24.82
C CYS E 105 42.68 25.66 -24.66
N PRO E 106 43.67 25.93 -25.51
CA PRO E 106 44.30 27.26 -25.53
C PRO E 106 43.29 28.33 -25.92
N LYS E 107 43.54 29.57 -25.51
CA LYS E 107 42.60 30.66 -25.74
C LYS E 107 42.25 30.85 -27.21
N GLY E 108 40.96 31.05 -27.49
CA GLY E 108 40.47 31.20 -28.84
C GLY E 108 39.87 29.93 -29.40
N PHE E 109 40.22 28.79 -28.79
CA PHE E 109 39.68 27.51 -29.21
C PHE E 109 38.69 26.95 -28.19
N SER E 110 37.66 26.27 -28.68
CA SER E 110 36.66 25.65 -27.81
C SER E 110 36.15 24.34 -28.39
N GLY E 111 35.19 23.73 -27.70
CA GLY E 111 34.64 22.46 -28.12
C GLY E 111 35.28 21.29 -27.40
N HIS E 112 34.78 20.10 -27.68
CA HIS E 112 35.29 18.87 -27.07
C HIS E 112 36.75 18.60 -27.44
N LEU E 113 37.02 18.61 -28.74
CA LEU E 113 38.35 18.31 -29.25
C LEU E 113 39.22 19.55 -29.41
N CYS E 114 38.76 20.68 -28.87
CA CYS E 114 39.35 21.99 -29.15
C CYS E 114 39.43 22.12 -30.67
N GLN E 115 38.27 22.28 -31.30
CA GLN E 115 38.18 22.19 -32.77
C GLN E 115 37.70 23.45 -33.47
N SER E 116 37.04 24.34 -32.73
CA SER E 116 36.51 25.56 -33.35
C SER E 116 37.06 26.82 -32.70
N GLY E 117 36.72 27.97 -33.30
CA GLY E 117 37.22 29.25 -32.83
C GLY E 117 36.23 29.99 -31.96
N ARG E 118 36.73 30.87 -31.10
CA ARG E 118 35.86 31.63 -30.21
C ARG E 118 36.57 32.83 -29.55
N LEU E 119 36.74 33.90 -30.31
CA LEU E 119 37.34 35.13 -29.78
C LEU E 119 37.22 36.28 -30.78
N SER F 1 28.17 -25.05 -23.00
CA SER F 1 26.80 -24.90 -22.53
C SER F 1 26.56 -25.75 -21.28
N SER F 2 27.05 -25.28 -20.14
CA SER F 2 26.96 -26.03 -18.89
C SER F 2 25.81 -25.55 -18.03
N SER F 3 25.42 -24.29 -18.22
CA SER F 3 24.35 -23.69 -17.43
C SER F 3 23.44 -22.84 -18.30
N ILE F 4 22.22 -22.61 -17.83
CA ILE F 4 21.20 -21.92 -18.63
C ILE F 4 20.44 -20.87 -17.81
N PHE F 5 20.34 -19.66 -18.35
CA PHE F 5 19.51 -18.63 -17.75
C PHE F 5 18.10 -18.71 -18.34
N GLN F 6 17.11 -18.86 -17.47
CA GLN F 6 15.72 -18.99 -17.92
C GLN F 6 14.88 -17.80 -17.46
N LEU F 7 14.10 -17.25 -18.38
CA LEU F 7 13.31 -16.06 -18.11
C LEU F 7 11.86 -16.27 -18.55
N ARG F 8 10.94 -16.27 -17.59
CA ARG F 8 9.53 -16.47 -17.89
C ARG F 8 8.74 -15.17 -17.83
N LEU F 9 8.19 -14.76 -18.97
CA LEU F 9 7.30 -13.61 -19.01
C LEU F 9 5.88 -14.05 -18.66
N GLN F 10 5.28 -13.39 -17.67
CA GLN F 10 4.00 -13.84 -17.12
C GLN F 10 2.85 -12.93 -17.47
N GLU F 11 2.98 -11.65 -17.17
CA GLU F 11 1.92 -10.70 -17.45
C GLU F 11 2.46 -9.30 -17.77
N PHE F 12 1.79 -8.62 -18.70
CA PHE F 12 2.18 -7.28 -19.11
C PHE F 12 0.97 -6.36 -19.15
N ALA F 13 1.06 -5.23 -18.44
CA ALA F 13 -0.04 -4.29 -18.37
C ALA F 13 0.32 -2.97 -19.05
N ASN F 14 -0.40 -2.65 -20.12
CA ASN F 14 -0.17 -1.40 -20.84
C ASN F 14 -1.47 -0.83 -21.40
N GLU F 15 -2.27 -0.24 -20.52
CA GLU F 15 -3.48 0.47 -20.94
C GLU F 15 -3.09 1.70 -21.74
N ARG F 16 -4.07 2.29 -22.43
CA ARG F 16 -3.89 3.50 -23.25
C ARG F 16 -3.01 3.25 -24.48
N GLY F 17 -2.10 2.29 -24.41
CA GLY F 17 -1.21 1.99 -25.50
C GLY F 17 -0.28 3.15 -25.84
N MET F 18 0.59 3.48 -24.90
CA MET F 18 1.49 4.63 -25.06
C MET F 18 2.91 4.22 -25.38
N LEU F 19 3.47 4.81 -26.43
CA LEU F 19 4.87 4.62 -26.78
C LEU F 19 5.75 5.42 -25.83
N ALA F 20 7.06 5.31 -26.00
CA ALA F 20 8.00 6.07 -25.19
C ALA F 20 7.84 7.56 -25.45
N ASN F 21 7.72 7.92 -26.73
CA ASN F 21 7.64 9.32 -27.16
C ASN F 21 6.32 10.00 -26.79
N GLY F 22 5.43 9.28 -26.11
CA GLY F 22 4.19 9.84 -25.65
C GLY F 22 3.05 9.71 -26.64
N ARG F 23 3.38 9.24 -27.84
CA ARG F 23 2.37 9.03 -28.88
C ARG F 23 1.67 7.69 -28.70
N PRO F 24 0.36 7.65 -28.96
CA PRO F 24 -0.43 6.41 -28.87
C PRO F 24 -0.17 5.47 -30.05
N CYS F 25 -0.22 4.17 -29.78
CA CYS F 25 -0.07 3.16 -30.83
C CYS F 25 -1.24 3.21 -31.82
N GLU F 26 -0.95 2.94 -33.09
CA GLU F 26 -1.97 2.82 -34.11
C GLU F 26 -1.75 1.59 -34.98
N PRO F 27 -2.75 0.69 -35.01
CA PRO F 27 -4.02 0.78 -34.29
C PRO F 27 -3.90 0.36 -32.82
N GLY F 28 -2.97 -0.53 -32.53
CA GLY F 28 -2.73 -0.99 -31.17
C GLY F 28 -1.28 -1.39 -30.99
N CYS F 29 -0.81 -1.39 -29.75
CA CYS F 29 0.58 -1.73 -29.47
C CYS F 29 0.84 -3.22 -29.67
N ARG F 30 1.32 -3.58 -30.85
CA ARG F 30 1.74 -4.95 -31.14
C ARG F 30 3.07 -5.21 -30.43
N THR F 31 2.99 -5.76 -29.23
CA THR F 31 4.13 -5.79 -28.31
C THR F 31 5.03 -7.01 -28.47
N PHE F 32 6.32 -6.74 -28.68
CA PHE F 32 7.34 -7.80 -28.59
C PHE F 32 8.43 -7.35 -27.63
N PHE F 33 9.27 -8.30 -27.20
CA PHE F 33 10.25 -8.00 -26.17
C PHE F 33 11.68 -8.29 -26.62
N ARG F 34 12.59 -7.37 -26.31
CA ARG F 34 14.02 -7.60 -26.52
C ARG F 34 14.69 -7.72 -25.15
N ILE F 35 15.46 -8.78 -24.97
CA ILE F 35 16.10 -9.03 -23.68
C ILE F 35 17.61 -8.92 -23.74
N CYS F 36 18.19 -8.21 -22.76
CA CYS F 36 19.63 -8.06 -22.67
C CYS F 36 20.14 -8.51 -21.31
N LEU F 37 20.88 -9.62 -21.30
CA LEU F 37 21.49 -10.11 -20.09
C LEU F 37 22.98 -9.81 -20.13
N LYS F 38 23.47 -9.11 -19.11
CA LYS F 38 24.89 -8.78 -19.04
C LYS F 38 25.39 -8.73 -17.60
N HIS F 39 26.69 -8.55 -17.45
CA HIS F 39 27.33 -8.60 -16.14
C HIS F 39 26.87 -7.49 -15.22
N TYR F 40 27.00 -7.73 -13.91
CA TYR F 40 26.71 -6.70 -12.92
C TYR F 40 27.69 -5.54 -13.08
N GLN F 41 27.14 -4.35 -13.30
CA GLN F 41 27.97 -3.14 -13.32
C GLN F 41 27.29 -2.04 -12.50
N ALA F 42 27.93 -1.72 -11.37
CA ALA F 42 27.42 -0.69 -10.47
C ALA F 42 27.44 0.67 -11.17
N THR F 43 28.51 0.91 -11.93
CA THR F 43 28.58 2.11 -12.76
C THR F 43 27.50 2.06 -13.83
N PHE F 44 27.27 3.20 -14.48
CA PHE F 44 26.20 3.30 -15.48
C PHE F 44 26.38 2.30 -16.61
N SER F 45 25.27 1.85 -17.17
CA SER F 45 25.26 0.78 -18.17
C SER F 45 26.09 1.10 -19.40
N GLU F 46 27.18 0.36 -19.58
CA GLU F 46 28.03 0.50 -20.75
C GLU F 46 28.22 -0.85 -21.45
N GLY F 47 28.35 -0.81 -22.77
CA GLY F 47 28.69 -1.98 -23.56
C GLY F 47 27.50 -2.82 -23.99
N PRO F 48 27.78 -3.97 -24.61
CA PRO F 48 26.77 -4.88 -25.16
C PRO F 48 26.27 -5.90 -24.14
N CYS F 49 25.49 -6.86 -24.60
CA CYS F 49 24.98 -7.92 -23.74
C CYS F 49 25.93 -9.11 -23.76
N THR F 50 26.74 -9.23 -22.71
CA THR F 50 27.81 -10.22 -22.66
C THR F 50 27.32 -11.63 -22.36
N PHE F 51 26.13 -11.74 -21.78
CA PHE F 51 25.60 -13.05 -21.42
C PHE F 51 24.66 -13.57 -22.50
N GLY F 52 24.35 -12.72 -23.48
CA GLY F 52 23.50 -13.10 -24.59
C GLY F 52 22.22 -12.28 -24.67
N ASN F 53 21.77 -12.02 -25.90
CA ASN F 53 20.54 -11.28 -26.12
C ASN F 53 19.53 -12.10 -26.92
N VAL F 54 18.26 -11.73 -26.82
CA VAL F 54 17.21 -12.46 -27.52
C VAL F 54 15.97 -11.57 -27.78
N SER F 55 15.43 -11.68 -28.98
CA SER F 55 14.21 -10.96 -29.33
C SER F 55 13.07 -11.95 -29.52
N THR F 56 11.90 -11.61 -28.99
CA THR F 56 10.73 -12.47 -29.07
C THR F 56 9.76 -11.97 -30.14
N PRO F 57 8.91 -12.86 -30.66
CA PRO F 57 7.85 -12.39 -31.56
C PRO F 57 6.76 -11.66 -30.78
N VAL F 58 5.77 -11.12 -31.49
CA VAL F 58 4.67 -10.41 -30.84
C VAL F 58 3.88 -11.35 -29.95
N LEU F 59 3.78 -11.01 -28.67
CA LEU F 59 3.14 -11.89 -27.70
C LEU F 59 1.71 -11.47 -27.36
N GLY F 60 1.42 -10.18 -27.53
CA GLY F 60 0.09 -9.67 -27.24
C GLY F 60 -0.09 -8.20 -27.58
N THR F 61 -1.28 -7.69 -27.31
CA THR F 61 -1.61 -6.29 -27.59
C THR F 61 -2.04 -5.57 -26.32
N ASN F 62 -1.41 -4.42 -26.06
CA ASN F 62 -1.68 -3.62 -24.88
C ASN F 62 -1.45 -4.40 -23.59
N SER F 63 -2.53 -4.68 -22.87
CA SER F 63 -2.46 -5.47 -21.64
C SER F 63 -2.87 -6.91 -21.92
N PHE F 64 -2.04 -7.86 -21.47
CA PHE F 64 -2.28 -9.27 -21.75
C PHE F 64 -1.53 -10.20 -20.80
N VAL F 65 -2.10 -11.38 -20.58
CA VAL F 65 -1.44 -12.42 -19.79
C VAL F 65 -0.69 -13.37 -20.72
N ILE F 66 0.56 -13.66 -20.38
CA ILE F 66 1.39 -14.52 -21.23
C ILE F 66 1.35 -15.97 -20.78
N ARG F 67 0.92 -16.85 -21.68
CA ARG F 67 0.83 -18.28 -21.39
C ARG F 67 2.17 -18.96 -21.63
N ASP F 68 2.41 -20.05 -20.91
CA ASP F 68 3.64 -20.82 -21.09
C ASP F 68 3.59 -21.60 -22.40
N LYS F 69 4.75 -21.69 -23.07
CA LYS F 69 4.86 -22.47 -24.29
C LYS F 69 6.04 -23.43 -24.21
N ASN F 70 5.73 -24.72 -24.22
CA ASN F 70 6.76 -25.75 -24.11
C ASN F 70 7.67 -25.78 -25.33
N SER F 71 7.12 -25.40 -26.48
CA SER F 71 7.88 -25.40 -27.73
C SER F 71 7.66 -24.10 -28.50
N GLY F 74 8.04 -18.08 -29.74
CA GLY F 74 7.25 -17.84 -28.54
C GLY F 74 7.67 -18.74 -27.39
N ARG F 75 8.90 -19.23 -27.46
CA ARG F 75 9.45 -20.12 -26.43
C ARG F 75 9.41 -19.48 -25.05
N ASN F 76 8.51 -19.97 -24.19
CA ASN F 76 8.39 -19.45 -22.83
C ASN F 76 8.40 -20.56 -21.80
N PRO F 77 9.27 -20.45 -20.79
CA PRO F 77 10.23 -19.36 -20.50
C PRO F 77 11.38 -19.27 -21.51
N LEU F 78 11.96 -18.08 -21.65
CA LEU F 78 13.05 -17.86 -22.60
C LEU F 78 14.29 -18.64 -22.16
N GLN F 79 15.13 -19.00 -23.13
CA GLN F 79 16.31 -19.81 -22.85
C GLN F 79 17.59 -19.10 -23.25
N LEU F 80 18.52 -18.97 -22.32
CA LEU F 80 19.82 -18.38 -22.61
C LEU F 80 20.97 -19.29 -22.17
N PRO F 81 21.46 -20.13 -23.10
CA PRO F 81 22.62 -20.98 -22.83
C PRO F 81 23.90 -20.16 -22.71
N LEU F 82 24.73 -20.47 -21.72
CA LEU F 82 25.92 -19.68 -21.45
C LEU F 82 27.19 -20.39 -21.85
N ASN F 83 28.13 -19.65 -22.43
CA ASN F 83 29.45 -20.19 -22.79
C ASN F 83 30.37 -20.31 -21.58
N PHE F 84 29.81 -20.12 -20.40
CA PHE F 84 30.61 -20.02 -19.18
C PHE F 84 29.84 -20.44 -17.93
N THR F 85 30.56 -20.61 -16.83
CA THR F 85 29.94 -20.93 -15.55
C THR F 85 29.33 -19.67 -14.94
N TRP F 86 28.15 -19.82 -14.34
CA TRP F 86 27.43 -18.68 -13.76
C TRP F 86 28.26 -17.95 -12.71
N PRO F 87 28.43 -16.63 -12.88
CA PRO F 87 29.25 -15.76 -12.03
C PRO F 87 28.62 -15.46 -10.68
N GLY F 88 27.29 -15.49 -10.59
CA GLY F 88 26.59 -15.20 -9.37
C GLY F 88 25.93 -13.84 -9.37
N THR F 89 26.53 -12.90 -10.08
CA THR F 89 25.94 -11.57 -10.22
C THR F 89 25.60 -11.29 -11.68
N PHE F 90 24.63 -10.42 -11.91
CA PHE F 90 24.13 -10.19 -13.26
C PHE F 90 23.42 -8.84 -13.38
N SER F 91 23.11 -8.46 -14.63
CA SER F 91 22.29 -7.30 -14.90
C SER F 91 21.27 -7.66 -15.97
N LEU F 92 19.99 -7.41 -15.69
CA LEU F 92 18.94 -7.80 -16.62
C LEU F 92 18.20 -6.60 -17.19
N ASN F 93 18.13 -6.52 -18.51
CA ASN F 93 17.46 -5.43 -19.20
C ASN F 93 16.33 -5.96 -20.10
N ILE F 94 15.09 -5.65 -19.73
CA ILE F 94 13.93 -6.07 -20.50
C ILE F 94 13.21 -4.89 -21.13
N GLN F 95 13.13 -4.88 -22.45
CA GLN F 95 12.49 -3.78 -23.17
C GLN F 95 11.22 -4.21 -23.88
N ALA F 96 10.17 -3.41 -23.74
CA ALA F 96 8.91 -3.66 -24.44
C ALA F 96 8.80 -2.73 -25.64
N TRP F 97 8.50 -3.32 -26.80
CA TRP F 97 8.50 -2.59 -28.07
C TRP F 97 7.18 -2.70 -28.83
N HIS F 98 7.07 -1.91 -29.89
CA HIS F 98 5.94 -2.00 -30.81
C HIS F 98 6.44 -2.13 -32.24
N THR F 99 5.75 -2.95 -33.04
CA THR F 99 6.12 -3.09 -34.44
C THR F 99 4.87 -3.07 -35.33
N PRO F 100 4.94 -2.31 -36.44
CA PRO F 100 3.88 -2.26 -37.44
C PRO F 100 4.04 -3.35 -38.50
N GLY F 101 5.16 -4.07 -38.43
CA GLY F 101 5.48 -5.08 -39.41
C GLY F 101 5.01 -6.47 -39.03
N ASP F 102 5.55 -7.48 -39.71
CA ASP F 102 5.16 -8.86 -39.49
C ASP F 102 5.54 -9.34 -38.09
N ASP F 103 4.84 -10.37 -37.62
CA ASP F 103 5.12 -10.94 -36.30
C ASP F 103 6.36 -11.83 -36.35
N LEU F 104 6.68 -12.32 -37.54
CA LEU F 104 7.89 -13.09 -37.76
C LEU F 104 9.09 -12.14 -37.76
N ARG F 105 9.92 -12.24 -36.72
CA ARG F 105 11.07 -11.36 -36.53
C ARG F 105 10.66 -9.90 -36.55
N PRO F 106 10.01 -9.43 -35.46
CA PRO F 106 9.59 -8.05 -35.32
C PRO F 106 10.76 -7.08 -35.29
N GLU F 107 11.94 -7.58 -34.92
CA GLU F 107 13.15 -6.77 -34.89
C GLU F 107 13.54 -6.35 -36.30
N THR F 108 13.02 -7.07 -37.29
CA THR F 108 13.28 -6.75 -38.69
C THR F 108 12.14 -5.90 -39.26
N SER F 109 11.96 -4.72 -38.69
CA SER F 109 10.93 -3.78 -39.14
C SER F 109 11.37 -2.36 -38.86
N PRO F 110 11.15 -1.45 -39.83
CA PRO F 110 11.63 -0.07 -39.75
C PRO F 110 10.83 0.80 -38.78
N GLY F 111 9.58 0.44 -38.52
CA GLY F 111 8.70 1.29 -37.73
C GLY F 111 8.70 0.97 -36.24
N ASN F 112 9.68 0.20 -35.80
CA ASN F 112 9.78 -0.17 -34.40
C ASN F 112 10.02 1.03 -33.48
N SER F 113 9.19 1.16 -32.45
CA SER F 113 9.31 2.24 -31.49
C SER F 113 9.15 1.71 -30.07
N LEU F 114 9.96 2.24 -29.15
CA LEU F 114 10.00 1.73 -27.77
C LEU F 114 8.74 2.09 -26.99
N ILE F 115 8.28 1.13 -26.19
CA ILE F 115 7.15 1.37 -25.28
C ILE F 115 7.65 1.69 -23.87
N SER F 116 8.23 0.69 -23.22
CA SER F 116 8.77 0.87 -21.87
C SER F 116 9.84 -0.19 -21.59
N GLN F 117 10.65 0.06 -20.57
CA GLN F 117 11.72 -0.86 -20.20
C GLN F 117 12.00 -0.83 -18.70
N ILE F 118 12.58 -1.92 -18.20
CA ILE F 118 12.98 -2.00 -16.80
C ILE F 118 14.41 -2.49 -16.68
N ILE F 119 15.00 -2.31 -15.50
CA ILE F 119 16.37 -2.75 -15.26
C ILE F 119 16.54 -3.26 -13.83
N ILE F 120 17.10 -4.45 -13.70
CA ILE F 120 17.39 -5.03 -12.40
C ILE F 120 18.77 -5.69 -12.40
N GLN F 121 19.43 -5.68 -11.24
CA GLN F 121 20.68 -6.39 -11.08
C GLN F 121 20.89 -6.81 -9.64
N GLY F 122 21.63 -7.90 -9.45
CA GLY F 122 21.89 -8.43 -8.12
C GLY F 122 22.49 -9.81 -8.15
N SER F 123 22.30 -10.55 -7.07
CA SER F 123 22.84 -11.90 -6.96
C SER F 123 21.77 -12.98 -7.19
N LEU F 124 22.20 -14.11 -7.73
CA LEU F 124 21.30 -15.24 -7.95
C LEU F 124 22.05 -16.56 -7.91
N ALA F 125 21.51 -17.52 -7.17
CA ALA F 125 22.13 -18.83 -7.05
C ALA F 125 21.43 -19.85 -7.93
N VAL F 126 22.20 -20.81 -8.46
CA VAL F 126 21.68 -21.84 -9.34
C VAL F 126 20.67 -22.73 -8.63
N GLY F 127 19.52 -22.98 -9.27
CA GLY F 127 18.49 -23.83 -8.71
C GLY F 127 17.22 -23.80 -9.52
N ASN F 129 14.49 -23.04 -8.34
CA ASN F 129 13.65 -22.07 -7.67
C ASN F 129 13.40 -20.83 -8.51
N TRP F 130 12.15 -20.56 -8.82
CA TRP F 130 11.78 -19.37 -9.58
C TRP F 130 11.75 -18.14 -8.67
N LYS F 131 12.49 -17.10 -9.07
CA LYS F 131 12.43 -15.82 -8.37
C LYS F 131 11.50 -14.87 -9.10
N SER F 132 10.43 -14.44 -8.43
CA SER F 132 9.43 -13.59 -9.05
C SER F 132 9.57 -12.14 -8.62
N ASP F 133 9.21 -11.23 -9.52
CA ASP F 133 9.34 -9.81 -9.27
C ASP F 133 8.31 -9.00 -10.06
N GLU F 134 7.88 -7.88 -9.50
CA GLU F 134 6.96 -6.98 -10.20
C GLU F 134 7.58 -5.61 -10.38
N GLN F 135 7.23 -4.95 -11.48
CA GLN F 135 7.67 -3.58 -11.73
C GLN F 135 6.50 -2.71 -12.18
N ASN F 136 5.98 -1.90 -11.26
CA ASN F 136 4.86 -1.02 -11.56
C ASN F 136 5.33 0.41 -11.83
N ASN F 137 4.73 1.04 -12.83
CA ASN F 137 4.87 2.47 -13.02
C ASN F 137 3.55 3.09 -13.41
N THR F 138 3.52 4.40 -13.60
CA THR F 138 2.28 5.11 -13.91
C THR F 138 1.71 4.67 -15.26
N LEU F 139 2.59 4.30 -16.18
CA LEU F 139 2.16 3.87 -17.51
C LEU F 139 1.97 2.37 -17.59
N THR F 140 3.00 1.62 -17.21
CA THR F 140 2.99 0.16 -17.41
C THR F 140 3.24 -0.63 -16.12
N ARG F 141 2.83 -1.90 -16.14
CA ARG F 141 3.16 -2.84 -15.08
C ARG F 141 3.70 -4.12 -15.70
N LEU F 142 4.77 -4.66 -15.11
CA LEU F 142 5.32 -5.92 -15.60
C LEU F 142 5.52 -6.92 -14.47
N ARG F 143 4.99 -8.13 -14.66
CA ARG F 143 5.15 -9.21 -13.68
C ARG F 143 5.85 -10.39 -14.34
N TYR F 144 6.96 -10.82 -13.76
CA TYR F 144 7.80 -11.84 -14.38
C TYR F 144 8.53 -12.69 -13.34
N SER F 145 9.19 -13.74 -13.82
CA SER F 145 9.98 -14.61 -12.96
C SER F 145 11.16 -15.20 -13.74
N TYR F 146 12.23 -15.53 -13.03
CA TYR F 146 13.45 -16.00 -13.68
C TYR F 146 14.28 -16.89 -12.75
N ARG F 147 15.09 -17.75 -13.36
CA ARG F 147 15.95 -18.66 -12.61
C ARG F 147 17.17 -19.06 -13.42
N VAL F 148 18.17 -19.63 -12.75
CA VAL F 148 19.33 -20.19 -13.42
C VAL F 148 19.46 -21.67 -13.10
N VAL F 149 19.42 -22.51 -14.13
CA VAL F 149 19.48 -23.95 -13.95
C VAL F 149 20.66 -24.55 -14.72
N CYS F 150 20.95 -25.80 -14.43
CA CYS F 150 22.03 -26.51 -15.09
C CYS F 150 21.54 -27.15 -16.38
N SER F 151 22.43 -27.30 -17.35
CA SER F 151 22.12 -28.06 -18.55
C SER F 151 21.80 -29.50 -18.16
N ASP F 152 21.11 -30.22 -19.02
CA ASP F 152 20.74 -31.60 -18.73
C ASP F 152 21.99 -32.45 -18.46
N ASN F 153 21.87 -33.37 -17.51
CA ASN F 153 22.96 -34.24 -17.07
C ASN F 153 24.07 -33.51 -16.33
N TYR F 154 23.87 -32.22 -16.06
CA TYR F 154 24.83 -31.44 -15.30
C TYR F 154 24.32 -31.16 -13.89
N TYR F 155 25.20 -31.29 -12.90
CA TYR F 155 24.80 -31.13 -11.51
C TYR F 155 25.81 -30.29 -10.74
N GLY F 156 25.50 -29.96 -9.50
CA GLY F 156 26.40 -29.17 -8.67
C GLY F 156 25.94 -27.75 -8.48
N ASP F 157 26.65 -27.00 -7.63
CA ASP F 157 26.32 -25.61 -7.36
C ASP F 157 26.67 -24.71 -8.54
N SER F 158 27.60 -25.16 -9.39
CA SER F 158 28.05 -24.36 -10.51
C SER F 158 27.90 -25.09 -11.85
N CYS F 159 27.15 -26.18 -11.83
CA CYS F 159 26.92 -27.00 -13.02
C CYS F 159 28.23 -27.45 -13.66
N SER F 160 29.23 -27.71 -12.81
CA SER F 160 30.57 -28.01 -13.30
C SER F 160 30.91 -29.50 -13.23
N ARG F 161 29.90 -30.33 -12.96
CA ARG F 161 30.11 -31.76 -12.91
C ARG F 161 29.07 -32.52 -13.73
N LEU F 162 29.54 -33.40 -14.61
CA LEU F 162 28.67 -34.18 -15.48
C LEU F 162 28.36 -35.55 -14.89
N CYS F 163 27.09 -35.94 -14.96
CA CYS F 163 26.69 -37.27 -14.51
C CYS F 163 25.66 -37.87 -15.46
N ARG F 166 24.87 -44.94 -15.92
CA ARG F 166 25.39 -46.09 -16.66
C ARG F 166 24.84 -47.38 -16.07
N ASP F 167 24.85 -48.44 -16.87
CA ASP F 167 24.50 -49.77 -16.39
C ASP F 167 25.24 -50.82 -17.20
N ASP F 168 26.56 -50.66 -17.28
CA ASP F 168 27.42 -51.61 -17.98
C ASP F 168 28.74 -51.78 -17.26
N HIS F 169 29.75 -52.25 -17.98
CA HIS F 169 31.05 -52.57 -17.38
C HIS F 169 31.72 -51.37 -16.73
N PHE F 170 31.53 -50.19 -17.32
CA PHE F 170 32.20 -48.99 -16.84
C PHE F 170 31.50 -48.39 -15.63
N GLY F 171 30.29 -48.86 -15.35
CA GLY F 171 29.57 -48.41 -14.18
C GLY F 171 28.13 -48.90 -14.07
N HIS F 172 27.68 -49.06 -12.83
CA HIS F 172 26.29 -49.40 -12.55
C HIS F 172 25.76 -48.46 -11.47
N TYR F 173 25.34 -47.26 -11.88
CA TYR F 173 24.99 -46.22 -10.93
C TYR F 173 23.90 -45.28 -11.41
N GLU F 174 23.30 -44.56 -10.47
CA GLU F 174 22.36 -43.49 -10.78
C GLU F 174 23.03 -42.16 -10.47
N CYS F 175 22.33 -41.05 -10.72
CA CYS F 175 22.91 -39.73 -10.48
C CYS F 175 22.28 -39.02 -9.29
N GLN F 176 23.13 -38.59 -8.36
CA GLN F 176 22.71 -37.79 -7.22
C GLN F 176 22.74 -36.31 -7.59
N PRO F 177 21.96 -35.47 -6.86
CA PRO F 177 21.88 -34.03 -7.15
C PRO F 177 23.24 -33.31 -7.16
N ASP F 178 24.25 -33.87 -6.50
CA ASP F 178 25.56 -33.22 -6.44
C ASP F 178 26.49 -33.75 -7.51
N GLY F 179 26.02 -34.71 -8.30
CA GLY F 179 26.80 -35.25 -9.41
C GLY F 179 27.50 -36.55 -9.09
N SER F 180 27.52 -36.91 -7.80
CA SER F 180 28.15 -38.16 -7.38
C SER F 180 27.28 -39.35 -7.73
N PRO F 181 27.90 -40.45 -8.17
CA PRO F 181 27.15 -41.66 -8.57
C PRO F 181 26.42 -42.31 -7.41
N SER F 182 25.18 -42.70 -7.64
CA SER F 182 24.43 -43.49 -6.67
C SER F 182 24.42 -44.95 -7.11
N CYS F 183 25.23 -45.77 -6.43
CA CYS F 183 25.46 -47.15 -6.85
C CYS F 183 24.19 -47.99 -6.90
N LEU F 184 24.00 -48.69 -8.00
CA LEU F 184 22.93 -49.66 -8.13
C LEU F 184 23.12 -50.78 -7.10
N PRO F 185 22.04 -51.46 -6.71
CA PRO F 185 22.16 -52.52 -5.70
C PRO F 185 23.11 -53.64 -6.12
N GLY F 186 24.06 -53.95 -5.24
CA GLY F 186 25.01 -55.03 -5.50
C GLY F 186 26.32 -54.58 -6.10
N TRP F 187 26.58 -53.28 -6.09
CA TRP F 187 27.81 -52.72 -6.64
C TRP F 187 28.44 -51.69 -5.72
N THR F 188 29.72 -51.42 -5.91
CA THR F 188 30.44 -50.45 -5.10
C THR F 188 31.57 -49.79 -5.89
N GLY F 189 32.24 -48.84 -5.25
CA GLY F 189 33.32 -48.12 -5.90
C GLY F 189 32.96 -46.67 -6.19
N TYR F 191 32.85 -45.35 -9.15
CA TYR F 191 32.01 -45.32 -10.34
C TYR F 191 31.10 -46.54 -10.37
N CYS F 192 30.98 -47.20 -9.22
CA CYS F 192 30.11 -48.37 -9.05
C CYS F 192 30.34 -49.42 -10.13
N ASP F 193 31.60 -49.83 -10.29
CA ASP F 193 31.95 -50.87 -11.25
C ASP F 193 32.56 -52.07 -10.56
N GLN F 194 32.67 -52.00 -9.23
CA GLN F 194 33.19 -53.11 -8.45
C GLN F 194 32.05 -53.95 -7.89
N PRO F 195 32.02 -55.24 -8.26
CA PRO F 195 30.97 -56.15 -7.80
C PRO F 195 31.08 -56.46 -6.32
N ILE F 196 29.94 -56.51 -5.62
CA ILE F 196 29.92 -56.89 -4.23
C ILE F 196 29.80 -58.41 -4.11
N CYS F 197 30.87 -59.06 -3.68
CA CYS F 197 30.91 -60.52 -3.60
C CYS F 197 29.89 -61.04 -2.59
N LEU F 198 29.64 -62.34 -2.63
CA LEU F 198 28.67 -62.98 -1.74
C LEU F 198 28.98 -62.68 -0.27
N SER F 199 27.92 -62.60 0.54
CA SER F 199 28.06 -62.26 1.96
C SER F 199 28.95 -63.25 2.71
N GLY F 200 30.02 -62.74 3.29
CA GLY F 200 30.92 -63.55 4.09
C GLY F 200 32.08 -64.15 3.31
N CYS F 201 32.09 -63.92 2.00
CA CYS F 201 33.19 -64.39 1.15
C CYS F 201 34.51 -63.80 1.64
N HIS F 202 35.55 -64.63 1.67
CA HIS F 202 36.83 -64.25 2.25
C HIS F 202 37.44 -63.05 1.52
N GLU F 203 37.71 -61.99 2.29
CA GLU F 203 38.24 -60.75 1.73
C GLU F 203 39.62 -60.92 1.10
N GLN F 204 40.43 -61.78 1.71
CA GLN F 204 41.81 -61.95 1.28
C GLN F 204 41.98 -63.03 0.21
N ASN F 205 41.32 -64.16 0.41
CA ASN F 205 41.51 -65.31 -0.46
C ASN F 205 40.42 -65.49 -1.53
N GLY F 206 39.37 -64.71 -1.43
CA GLY F 206 38.26 -64.82 -2.38
C GLY F 206 38.02 -63.58 -3.21
N TYR F 207 37.38 -63.75 -4.35
CA TYR F 207 37.03 -62.65 -5.23
C TYR F 207 35.81 -62.99 -6.08
N CYS F 208 35.31 -62.01 -6.84
CA CYS F 208 34.16 -62.23 -7.71
C CYS F 208 34.21 -61.35 -8.94
N SER F 209 33.54 -61.78 -10.00
CA SER F 209 33.44 -61.00 -11.23
C SER F 209 31.99 -60.60 -11.48
N PRO F 211 28.09 -59.88 -9.18
CA PRO F 211 27.49 -59.66 -7.85
C PRO F 211 26.98 -60.93 -7.17
N ASP F 212 27.14 -60.99 -5.85
CA ASP F 212 26.68 -62.11 -5.03
C ASP F 212 27.35 -63.44 -5.44
N GLU F 213 28.55 -63.35 -5.99
CA GLU F 213 29.34 -64.52 -6.32
C GLU F 213 30.58 -64.58 -5.44
N CYS F 214 31.15 -65.77 -5.29
CA CYS F 214 32.38 -65.94 -4.52
C CYS F 214 33.27 -67.01 -5.15
N ASN F 215 34.39 -66.59 -5.72
CA ASN F 215 35.36 -67.50 -6.31
C ASN F 215 36.62 -67.57 -5.45
N CYS F 216 37.30 -68.71 -5.50
CA CYS F 216 38.45 -68.94 -4.64
C CYS F 216 39.77 -68.81 -5.39
N ARG F 217 40.69 -68.04 -4.82
CA ARG F 217 42.05 -67.96 -5.35
C ARG F 217 42.75 -69.30 -5.14
N PRO F 218 43.74 -69.61 -5.99
CA PRO F 218 44.44 -70.91 -5.97
C PRO F 218 44.84 -71.38 -4.58
N GLY F 219 44.38 -72.57 -4.20
CA GLY F 219 44.72 -73.15 -2.92
C GLY F 219 43.59 -73.11 -1.90
N TRP F 220 42.43 -72.62 -2.32
CA TRP F 220 41.29 -72.48 -1.41
C TRP F 220 40.00 -73.05 -1.99
N GLN F 221 39.08 -73.43 -1.11
CA GLN F 221 37.80 -73.98 -1.51
C GLN F 221 36.71 -73.63 -0.50
N GLY F 222 35.48 -74.02 -0.81
CA GLY F 222 34.36 -73.77 0.07
C GLY F 222 33.45 -72.67 -0.44
N PRO F 223 32.30 -72.48 0.23
CA PRO F 223 31.33 -71.45 -0.15
C PRO F 223 31.86 -70.04 0.08
N LEU F 224 32.74 -69.89 1.07
CA LEU F 224 33.27 -68.57 1.44
C LEU F 224 34.77 -68.49 1.25
N CYS F 225 35.35 -69.50 0.58
CA CYS F 225 36.79 -69.58 0.33
C CYS F 225 37.61 -69.38 1.60
N ASN F 226 37.13 -69.94 2.71
CA ASN F 226 37.82 -69.83 4.00
C ASN F 226 38.45 -71.15 4.41
N GLU F 227 38.38 -72.13 3.52
CA GLU F 227 38.89 -73.46 3.79
C GLU F 227 40.12 -73.77 2.92
N CYS F 228 41.22 -74.14 3.55
CA CYS F 228 42.45 -74.41 2.81
C CYS F 228 42.42 -75.75 2.09
N ILE F 229 43.29 -75.88 1.09
CA ILE F 229 43.50 -77.15 0.43
C ILE F 229 44.88 -77.69 0.79
N PRO F 230 44.92 -78.82 1.52
CA PRO F 230 46.19 -79.39 1.98
C PRO F 230 47.11 -79.75 0.82
N HIS F 231 48.41 -79.81 1.12
CA HIS F 231 49.45 -80.17 0.14
C HIS F 231 49.05 -81.41 -0.64
N LYS F 232 49.24 -81.38 -1.95
CA LYS F 232 48.97 -82.54 -2.81
C LYS F 232 49.68 -83.79 -2.30
N GLY F 233 48.89 -84.77 -1.87
CA GLY F 233 49.44 -86.00 -1.34
C GLY F 233 49.46 -86.06 0.17
N CYS F 234 48.79 -85.10 0.82
CA CYS F 234 48.67 -85.11 2.28
C CYS F 234 47.55 -86.06 2.69
N ARG F 235 47.90 -87.11 3.42
CA ARG F 235 46.94 -88.17 3.73
C ARG F 235 46.38 -88.06 5.13
N HIS F 236 47.26 -87.99 6.12
CA HIS F 236 46.82 -87.89 7.52
C HIS F 236 47.36 -86.63 8.18
N GLY F 237 47.01 -85.48 7.62
CA GLY F 237 47.42 -84.20 8.14
C GLY F 237 46.42 -83.12 7.78
N THR F 238 46.53 -81.96 8.43
CA THR F 238 45.60 -80.86 8.20
C THR F 238 46.28 -79.64 7.61
N CYS F 239 45.56 -78.52 7.56
CA CYS F 239 46.13 -77.28 7.05
C CYS F 239 45.50 -76.04 7.71
N THR F 240 46.24 -74.94 7.65
CA THR F 240 45.68 -73.62 7.92
C THR F 240 45.96 -72.76 6.70
N ILE F 241 47.11 -73.00 6.09
CA ILE F 241 47.51 -72.35 4.85
C ILE F 241 47.70 -73.40 3.75
N PRO F 242 47.24 -73.09 2.53
CA PRO F 242 47.43 -73.94 1.34
C PRO F 242 48.84 -74.50 1.22
N TRP F 243 48.95 -75.73 0.69
CA TRP F 243 50.20 -76.43 0.50
C TRP F 243 50.93 -76.65 1.83
N GLN F 244 50.18 -77.22 2.77
CA GLN F 244 50.71 -77.61 4.07
C GLN F 244 50.26 -79.02 4.41
N CYS F 245 51.00 -79.68 5.28
CA CYS F 245 50.63 -81.01 5.74
C CYS F 245 51.04 -81.19 7.19
N ALA F 246 50.22 -80.66 8.10
CA ALA F 246 50.49 -80.76 9.53
C ALA F 246 49.89 -82.05 10.09
N CYS F 247 50.76 -82.98 10.47
CA CYS F 247 50.37 -84.34 10.81
C CYS F 247 49.44 -84.42 12.02
N ASP F 248 48.57 -85.44 12.00
CA ASP F 248 47.64 -85.69 13.10
C ASP F 248 48.32 -86.49 14.21
N GLU F 249 47.50 -87.10 15.07
CA GLU F 249 48.00 -87.92 16.17
C GLU F 249 48.54 -89.25 15.67
N GLY F 250 49.73 -89.63 16.15
CA GLY F 250 50.31 -90.91 15.80
C GLY F 250 50.85 -90.98 14.38
N TRP F 251 50.84 -89.84 13.68
CA TRP F 251 51.36 -89.80 12.32
C TRP F 251 52.57 -88.87 12.22
N GLY F 252 53.38 -89.08 11.19
CA GLY F 252 54.56 -88.27 10.97
C GLY F 252 55.03 -88.36 9.53
N GLY F 253 56.18 -87.75 9.24
CA GLY F 253 56.69 -87.69 7.88
C GLY F 253 56.12 -86.50 7.13
N LEU F 254 56.79 -86.12 6.04
CA LEU F 254 56.39 -84.97 5.24
C LEU F 254 54.91 -84.99 4.84
N PHE F 255 54.49 -86.08 4.20
CA PHE F 255 53.13 -86.20 3.71
C PHE F 255 52.22 -86.84 4.76
N CYS F 256 52.73 -86.95 5.98
CA CYS F 256 52.00 -87.53 7.11
C CYS F 256 51.43 -88.90 6.79
N ASP F 257 52.30 -89.91 6.82
CA ASP F 257 51.90 -91.28 6.51
C ASP F 257 52.82 -92.28 7.17
N GLN F 258 53.48 -91.87 8.26
CA GLN F 258 54.43 -92.74 8.97
C GLN F 258 54.50 -92.40 10.46
N ALA F 259 55.26 -93.22 11.19
CA ALA F 259 55.45 -93.07 12.63
C ALA F 259 54.13 -92.93 13.39
N ASP G 3 -5.06 -56.84 15.06
CA ASP G 3 -5.25 -57.01 16.49
C ASP G 3 -6.39 -56.11 16.98
N GLU G 4 -6.11 -55.33 18.02
CA GLU G 4 -7.14 -54.55 18.72
C GLU G 4 -7.93 -53.58 17.84
N CYS G 5 -7.29 -53.05 16.81
CA CYS G 5 -7.92 -52.00 16.00
C CYS G 5 -8.93 -52.56 14.99
N ALA G 6 -8.72 -53.79 14.54
CA ALA G 6 -9.58 -54.40 13.54
C ALA G 6 -10.89 -54.93 14.12
N LEU G 7 -11.02 -54.87 15.44
CA LEU G 7 -12.15 -55.48 16.15
C LEU G 7 -13.45 -54.67 16.04
N GLY G 8 -13.73 -54.13 14.86
CA GLY G 8 -14.99 -53.45 14.62
C GLY G 8 -14.89 -51.94 14.59
N ALA G 9 -15.57 -51.29 15.53
CA ALA G 9 -15.63 -49.84 15.59
C ALA G 9 -14.29 -49.19 15.96
N ASN G 10 -14.33 -47.89 16.23
CA ASN G 10 -13.14 -47.12 16.54
C ASN G 10 -13.17 -46.60 17.97
N PRO G 11 -12.19 -47.04 18.79
CA PRO G 11 -12.12 -46.62 20.20
C PRO G 11 -11.60 -45.20 20.38
N CYS G 12 -10.94 -44.66 19.35
CA CYS G 12 -10.50 -43.28 19.38
C CYS G 12 -11.62 -42.41 18.80
N GLU G 13 -12.20 -41.56 19.63
CA GLU G 13 -13.49 -40.97 19.33
C GLU G 13 -13.47 -39.80 18.35
N HIS G 14 -12.57 -38.85 18.55
CA HIS G 14 -12.54 -37.67 17.71
C HIS G 14 -11.60 -37.84 16.51
N ALA G 15 -11.94 -38.80 15.65
CA ALA G 15 -11.19 -39.09 14.44
C ALA G 15 -9.72 -39.38 14.71
N GLY G 16 -9.41 -39.78 15.94
CA GLY G 16 -8.06 -40.17 16.30
C GLY G 16 -7.73 -41.52 15.71
N LYS G 17 -6.45 -41.81 15.55
CA LYS G 17 -6.03 -43.07 14.94
C LYS G 17 -5.78 -44.16 15.98
N CYS G 18 -6.27 -45.35 15.70
CA CYS G 18 -6.03 -46.50 16.56
C CYS G 18 -4.67 -47.10 16.25
N LEU G 19 -3.86 -47.31 17.28
CA LEU G 19 -2.56 -47.94 17.13
C LEU G 19 -2.50 -49.26 17.87
N ASN G 20 -2.05 -50.30 17.20
CA ASN G 20 -1.98 -51.62 17.83
C ASN G 20 -0.70 -51.80 18.64
N THR G 21 -0.88 -52.12 19.92
CA THR G 21 0.23 -52.51 20.78
C THR G 21 0.14 -54.02 21.01
N LEU G 22 1.19 -54.63 21.55
CA LEU G 22 1.15 -56.06 21.84
C LEU G 22 0.22 -56.28 23.03
N GLY G 23 -0.88 -57.00 22.79
CA GLY G 23 -1.87 -57.28 23.80
C GLY G 23 -2.76 -56.12 24.23
N SER G 24 -2.60 -54.97 23.61
CA SER G 24 -3.53 -53.85 23.80
C SER G 24 -3.46 -52.84 22.65
N PHE G 25 -3.90 -51.61 22.93
CA PHE G 25 -3.89 -50.56 21.92
C PHE G 25 -3.66 -49.19 22.55
N GLU G 26 -3.39 -48.19 21.72
CA GLU G 26 -3.26 -46.82 22.18
C GLU G 26 -3.83 -45.88 21.12
N CYS G 27 -4.36 -44.74 21.56
CA CYS G 27 -4.98 -43.80 20.64
C CYS G 27 -4.04 -42.68 20.26
N GLN G 28 -3.78 -42.56 18.96
CA GLN G 28 -3.01 -41.44 18.44
C GLN G 28 -3.95 -40.28 18.22
N CYS G 29 -3.96 -39.34 19.17
CA CYS G 29 -4.94 -38.26 19.14
C CYS G 29 -4.59 -37.21 18.10
N LEU G 30 -5.60 -36.71 17.40
CA LEU G 30 -5.42 -35.56 16.52
C LEU G 30 -5.07 -34.34 17.36
N GLN G 31 -4.54 -33.31 16.71
CA GLN G 31 -4.15 -32.09 17.41
C GLN G 31 -5.35 -31.44 18.09
N GLY G 32 -5.22 -31.20 19.39
CA GLY G 32 -6.27 -30.58 20.16
C GLY G 32 -7.08 -31.54 21.00
N TYR G 33 -6.63 -32.79 21.07
CA TYR G 33 -7.33 -33.81 21.86
C TYR G 33 -6.37 -34.62 22.73
N THR G 34 -6.75 -34.82 23.98
CA THR G 34 -5.95 -35.62 24.90
C THR G 34 -6.81 -36.66 25.62
N GLY G 35 -6.22 -37.35 26.58
CA GLY G 35 -6.91 -38.43 27.27
C GLY G 35 -6.54 -39.77 26.66
N PRO G 36 -6.89 -40.86 27.35
CA PRO G 36 -6.59 -42.22 26.87
C PRO G 36 -7.16 -42.49 25.48
N ARG G 37 -8.40 -42.09 25.25
CA ARG G 37 -9.07 -42.37 23.97
C ARG G 37 -9.51 -41.08 23.27
N CYS G 38 -8.79 -39.99 23.52
CA CYS G 38 -9.05 -38.71 22.89
C CYS G 38 -10.50 -38.25 23.03
N GLU G 39 -11.05 -38.38 24.24
CA GLU G 39 -12.44 -37.99 24.46
C GLU G 39 -12.52 -36.63 25.15
N ILE G 40 -11.37 -36.03 25.40
CA ILE G 40 -11.31 -34.75 26.09
C ILE G 40 -10.75 -33.64 25.20
N ASP G 41 -11.48 -32.54 25.08
CA ASP G 41 -10.98 -31.37 24.38
C ASP G 41 -9.87 -30.72 25.18
N VAL G 42 -8.69 -30.61 24.57
CA VAL G 42 -7.60 -29.88 25.19
C VAL G 42 -7.95 -28.41 25.27
N ASN G 43 -7.72 -27.81 26.43
CA ASN G 43 -7.89 -26.38 26.57
C ASN G 43 -6.66 -25.67 26.03
N GLU G 44 -6.84 -24.97 24.91
CA GLU G 44 -5.73 -24.29 24.26
C GLU G 44 -5.39 -22.97 24.93
N CYS G 45 -6.25 -22.53 25.85
CA CYS G 45 -6.08 -21.23 26.51
C CYS G 45 -5.59 -21.35 27.95
N ILE G 46 -4.91 -22.43 28.29
CA ILE G 46 -4.36 -22.57 29.64
C ILE G 46 -3.13 -21.70 29.83
N SER G 47 -2.34 -21.56 28.77
CA SER G 47 -1.09 -20.82 28.84
C SER G 47 -1.32 -19.31 28.93
N ASN G 48 -2.59 -18.90 28.82
CA ASN G 48 -2.98 -17.50 28.88
C ASN G 48 -2.13 -16.62 27.95
N PRO G 49 -2.12 -16.94 26.65
CA PRO G 49 -1.13 -16.39 25.72
C PRO G 49 -1.31 -14.91 25.40
N CYS G 50 -2.53 -14.40 25.56
CA CYS G 50 -2.84 -13.05 25.08
C CYS G 50 -2.86 -12.01 26.20
N GLN G 51 -2.35 -10.83 25.88
CA GLN G 51 -2.17 -9.76 26.85
C GLN G 51 -3.13 -8.61 26.62
N ASN G 52 -2.96 -7.54 27.41
CA ASN G 52 -3.73 -6.31 27.26
C ASN G 52 -5.22 -6.53 27.47
N ASP G 53 -5.56 -7.30 28.50
CA ASP G 53 -6.95 -7.57 28.89
C ASP G 53 -7.80 -8.09 27.74
N ALA G 54 -7.21 -8.94 26.91
CA ALA G 54 -7.94 -9.54 25.79
C ALA G 54 -8.79 -10.71 26.28
N THR G 55 -9.48 -11.37 25.36
CA THR G 55 -10.30 -12.52 25.72
C THR G 55 -9.90 -13.75 24.91
N CYS G 56 -9.58 -14.83 25.62
CA CYS G 56 -9.11 -16.07 24.98
C CYS G 56 -10.27 -17.02 24.70
N LEU G 57 -10.34 -17.51 23.47
CA LEU G 57 -11.36 -18.48 23.09
C LEU G 57 -10.77 -19.87 22.87
N ASP G 58 -11.23 -20.85 23.66
CA ASP G 58 -10.77 -22.22 23.46
C ASP G 58 -11.50 -22.87 22.29
N GLN G 59 -10.76 -23.09 21.21
CA GLN G 59 -11.31 -23.76 20.04
C GLN G 59 -10.77 -25.19 19.94
N ILE G 60 -11.10 -25.86 18.83
CA ILE G 60 -10.64 -27.22 18.61
C ILE G 60 -9.27 -27.23 17.93
N GLY G 61 -8.22 -27.46 18.72
CA GLY G 61 -6.88 -27.57 18.18
C GLY G 61 -6.10 -26.27 18.14
N GLU G 62 -6.74 -25.17 18.53
CA GLU G 62 -6.09 -23.86 18.51
C GLU G 62 -6.81 -22.86 19.40
N PHE G 63 -6.17 -21.72 19.64
CA PHE G 63 -6.76 -20.67 20.46
C PHE G 63 -6.99 -19.41 19.63
N GLN G 64 -8.02 -18.65 19.99
CA GLN G 64 -8.31 -17.38 19.33
C GLN G 64 -8.57 -16.30 20.36
N CYS G 65 -7.99 -15.12 20.16
CA CYS G 65 -8.14 -14.04 21.13
C CYS G 65 -8.84 -12.80 20.58
N ILE G 66 -9.72 -12.24 21.40
CA ILE G 66 -10.40 -10.99 21.07
C ILE G 66 -9.74 -9.83 21.81
N CYS G 67 -9.15 -8.91 21.06
CA CYS G 67 -8.41 -7.80 21.64
C CYS G 67 -9.33 -6.71 22.15
N MET G 68 -8.88 -5.99 23.18
CA MET G 68 -9.50 -4.72 23.54
C MET G 68 -9.34 -3.77 22.36
N PRO G 69 -10.28 -2.84 22.19
CA PRO G 69 -10.18 -1.89 21.07
C PRO G 69 -8.83 -1.16 21.06
N GLY G 70 -8.22 -1.05 19.89
CA GLY G 70 -6.95 -0.36 19.75
C GLY G 70 -5.72 -1.26 19.76
N TYR G 71 -5.90 -2.50 20.21
CA TYR G 71 -4.81 -3.46 20.21
C TYR G 71 -5.02 -4.52 19.14
N GLU G 72 -3.93 -5.13 18.67
CA GLU G 72 -4.02 -6.13 17.62
C GLU G 72 -2.89 -7.15 17.72
N GLY G 73 -2.87 -8.08 16.76
CA GLY G 73 -1.90 -9.16 16.77
C GLY G 73 -2.51 -10.48 17.21
N VAL G 74 -1.78 -11.57 17.01
CA VAL G 74 -2.25 -12.90 17.38
C VAL G 74 -2.44 -13.02 18.89
N TYR G 75 -1.51 -12.46 19.65
CA TYR G 75 -1.60 -12.49 21.10
C TYR G 75 -2.09 -11.16 21.65
N CYS G 76 -2.64 -10.33 20.75
CA CYS G 76 -3.05 -8.97 21.09
C CYS G 76 -1.91 -8.22 21.75
N GLU G 77 -0.70 -8.42 21.22
CA GLU G 77 0.51 -7.89 21.84
C GLU G 77 0.87 -6.52 21.28
N ILE G 78 0.26 -6.17 20.15
CA ILE G 78 0.59 -4.92 19.47
C ILE G 78 -0.44 -3.83 19.72
N ASN G 79 -0.01 -2.73 20.34
CA ASN G 79 -0.82 -1.52 20.39
C ASN G 79 -0.75 -0.85 19.03
N THR G 80 -1.88 -0.84 18.32
CA THR G 80 -1.93 -0.32 16.97
C THR G 80 -1.51 1.14 16.91
N ASP G 81 -0.43 1.42 16.18
CA ASP G 81 -0.04 2.78 15.88
C ASP G 81 -1.06 3.36 14.90
N GLU G 82 -2.01 4.12 15.41
CA GLU G 82 -3.09 4.66 14.60
C GLU G 82 -2.59 5.77 13.67
N CYS G 83 -1.32 6.15 13.83
CA CYS G 83 -0.70 7.17 12.99
C CYS G 83 0.10 6.54 11.85
N ALA G 84 -0.03 5.24 11.67
CA ALA G 84 0.77 4.50 10.70
C ALA G 84 0.44 4.86 9.25
N SER G 85 -0.79 5.30 9.02
CA SER G 85 -1.25 5.59 7.65
C SER G 85 -0.98 7.03 7.24
N SER G 86 -0.27 7.76 8.10
CA SER G 86 -0.01 9.19 7.89
C SER G 86 -1.31 9.97 7.62
N PRO G 87 -2.18 10.06 8.63
CA PRO G 87 -3.53 10.63 8.45
C PRO G 87 -3.57 12.15 8.39
N CYS G 88 -2.91 12.84 9.32
CA CYS G 88 -2.96 14.30 9.37
C CYS G 88 -2.28 14.89 8.14
N LEU G 89 -3.01 15.72 7.40
CA LEU G 89 -2.49 16.32 6.17
C LEU G 89 -1.87 17.70 6.41
N HIS G 90 -1.08 18.14 5.44
CA HIS G 90 -0.48 19.48 5.43
C HIS G 90 0.39 19.73 6.66
N ASN G 91 1.30 18.80 6.93
CA ASN G 91 2.27 18.93 8.00
C ASN G 91 1.64 19.11 9.38
N GLY G 92 0.56 18.38 9.63
CA GLY G 92 -0.03 18.33 10.95
C GLY G 92 0.76 17.35 11.81
N ARG G 93 0.59 17.42 13.12
CA ARG G 93 1.28 16.51 14.02
C ARG G 93 0.34 15.41 14.49
N CYS G 94 0.86 14.20 14.63
CA CYS G 94 0.04 13.04 14.97
C CYS G 94 0.29 12.56 16.40
N VAL G 95 -0.79 12.33 17.13
CA VAL G 95 -0.70 11.84 18.50
C VAL G 95 -1.47 10.53 18.65
N ASP G 96 -0.75 9.42 18.75
CA ASP G 96 -1.37 8.11 18.92
C ASP G 96 -1.79 7.88 20.36
N LYS G 97 -2.94 7.24 20.54
CA LYS G 97 -3.40 6.84 21.86
C LYS G 97 -3.81 5.37 21.84
N ILE G 98 -5.11 5.11 21.97
CA ILE G 98 -5.64 3.74 21.94
C ILE G 98 -6.95 3.71 21.17
N ASN G 99 -6.93 3.09 19.99
CA ASN G 99 -8.06 3.10 19.06
C ASN G 99 -8.49 4.53 18.76
N GLU G 100 -7.52 5.43 18.72
CA GLU G 100 -7.78 6.86 18.63
C GLU G 100 -6.52 7.64 18.31
N PHE G 101 -6.65 8.65 17.47
CA PHE G 101 -5.51 9.49 17.11
C PHE G 101 -5.94 10.96 17.07
N LEU G 102 -5.05 11.85 17.50
CA LEU G 102 -5.34 13.27 17.53
C LEU G 102 -4.36 14.03 16.65
N CYS G 103 -4.88 14.94 15.83
CA CYS G 103 -4.03 15.74 14.95
C CYS G 103 -3.87 17.15 15.50
N GLN G 104 -2.65 17.50 15.87
CA GLN G 104 -2.34 18.88 16.20
C GLN G 104 -2.42 19.69 14.91
N CYS G 105 -3.26 20.72 14.90
CA CYS G 105 -3.53 21.48 13.69
C CYS G 105 -2.74 22.77 13.73
N PRO G 106 -1.86 22.97 12.73
CA PRO G 106 -1.19 24.27 12.61
C PRO G 106 -2.22 25.36 12.30
N LYS G 107 -1.92 26.60 12.67
CA LYS G 107 -2.87 27.70 12.50
C LYS G 107 -3.30 27.86 11.04
N GLY G 108 -4.60 28.06 10.83
CA GLY G 108 -5.15 28.21 9.50
C GLY G 108 -5.76 26.93 8.96
N PHE G 109 -5.62 25.84 9.71
CA PHE G 109 -6.20 24.56 9.32
C PHE G 109 -7.11 24.00 10.40
N SER G 110 -8.17 23.33 9.97
CA SER G 110 -9.12 22.72 10.88
C SER G 110 -9.68 21.41 10.32
N GLY G 111 -10.62 20.82 11.05
CA GLY G 111 -11.21 19.56 10.64
C GLY G 111 -10.53 18.40 11.35
N HIS G 112 -11.05 17.20 11.12
CA HIS G 112 -10.51 15.99 11.74
C HIS G 112 -9.07 15.73 11.31
N LEU G 113 -8.84 15.72 10.00
CA LEU G 113 -7.53 15.40 9.44
C LEU G 113 -6.65 16.63 9.22
N CYS G 114 -7.09 17.78 9.73
CA CYS G 114 -6.44 19.06 9.42
C CYS G 114 -6.35 19.19 7.90
N GLN G 115 -7.48 19.42 7.25
CA GLN G 115 -7.57 19.36 5.80
C GLN G 115 -8.16 20.62 5.16
N SER G 116 -9.00 21.33 5.91
CA SER G 116 -9.62 22.54 5.38
C SER G 116 -9.00 23.80 5.98
N GLY G 117 -9.32 24.95 5.41
CA GLY G 117 -8.73 26.21 5.83
C GLY G 117 -9.63 27.01 6.75
N ARG G 118 -9.03 27.93 7.50
CA ARG G 118 -9.77 28.78 8.42
C ARG G 118 -9.14 30.18 8.43
N LEU G 119 -9.56 31.03 9.36
CA LEU G 119 -9.05 32.39 9.48
C LEU G 119 -9.26 33.20 8.21
N SER H 1 -18.01 -27.49 17.11
CA SER H 1 -19.35 -27.26 17.62
C SER H 1 -19.61 -28.10 18.87
N SER H 2 -19.08 -27.65 20.00
CA SER H 2 -19.17 -28.39 21.25
C SER H 2 -20.28 -27.84 22.14
N SER H 3 -20.64 -26.58 21.93
CA SER H 3 -21.67 -25.93 22.74
C SER H 3 -22.61 -25.09 21.88
N ILE H 4 -23.80 -24.82 22.42
CA ILE H 4 -24.83 -24.11 21.66
C ILE H 4 -25.51 -23.03 22.50
N PHE H 5 -25.60 -21.83 21.94
CA PHE H 5 -26.34 -20.75 22.58
C PHE H 5 -27.79 -20.77 22.09
N GLN H 6 -28.73 -20.87 23.03
CA GLN H 6 -30.14 -20.94 22.69
C GLN H 6 -30.91 -19.72 23.18
N LEU H 7 -31.73 -19.16 22.30
CA LEU H 7 -32.47 -17.94 22.57
C LEU H 7 -33.95 -18.11 22.24
N ARG H 8 -34.81 -18.00 23.25
CA ARG H 8 -36.24 -18.16 23.06
C ARG H 8 -36.97 -16.82 23.10
N LEU H 9 -37.57 -16.43 21.98
CA LEU H 9 -38.43 -15.26 21.92
C LEU H 9 -39.83 -15.64 22.35
N GLN H 10 -40.38 -14.93 23.33
CA GLN H 10 -41.63 -15.35 23.95
C GLN H 10 -42.80 -14.41 23.62
N GLU H 11 -42.63 -13.12 23.87
CA GLU H 11 -43.69 -12.15 23.59
C GLU H 11 -43.13 -10.79 23.22
N PHE H 12 -43.79 -10.12 22.28
CA PHE H 12 -43.38 -8.80 21.84
C PHE H 12 -44.56 -7.84 21.79
N ALA H 13 -44.44 -6.71 22.47
CA ALA H 13 -45.52 -5.74 22.53
C ALA H 13 -45.14 -4.44 21.82
N ASN H 14 -45.87 -4.12 20.76
CA ASN H 14 -45.63 -2.89 20.01
C ASN H 14 -46.92 -2.28 19.50
N GLU H 15 -47.67 -1.68 20.41
CA GLU H 15 -48.86 -0.93 20.07
C GLU H 15 -48.48 0.31 19.27
N ARG H 16 -49.48 0.95 18.66
CA ARG H 16 -49.30 2.13 17.80
C ARG H 16 -48.59 1.82 16.49
N GLY H 17 -47.74 0.79 16.50
CA GLY H 17 -46.98 0.39 15.33
C GLY H 17 -46.04 1.49 14.87
N MET H 18 -45.09 1.82 15.73
CA MET H 18 -44.17 2.93 15.47
C MET H 18 -42.78 2.44 15.10
N LEU H 19 -42.24 2.95 14.00
CA LEU H 19 -40.86 2.67 13.63
C LEU H 19 -39.93 3.45 14.56
N ALA H 20 -38.62 3.26 14.38
CA ALA H 20 -37.64 3.99 15.18
C ALA H 20 -37.72 5.48 14.93
N ASN H 21 -37.82 5.86 13.65
CA ASN H 21 -37.81 7.27 13.26
C ASN H 21 -39.07 8.04 13.65
N GLY H 22 -39.98 7.38 14.35
CA GLY H 22 -41.18 8.02 14.84
C GLY H 22 -42.36 7.94 13.89
N ARG H 23 -42.13 7.43 12.70
CA ARG H 23 -43.22 7.24 11.74
C ARG H 23 -43.94 5.93 12.00
N PRO H 24 -45.27 5.93 11.83
CA PRO H 24 -46.05 4.71 12.01
C PRO H 24 -45.88 3.73 10.86
N CYS H 25 -45.93 2.43 11.15
CA CYS H 25 -45.86 1.42 10.10
C CYS H 25 -47.07 1.53 9.19
N GLU H 26 -46.87 1.27 7.91
CA GLU H 26 -47.98 1.24 6.96
C GLU H 26 -47.91 0.00 6.07
N PRO H 27 -48.95 -0.84 6.12
CA PRO H 27 -50.15 -0.67 6.96
C PRO H 27 -49.94 -1.11 8.40
N GLY H 28 -49.04 -2.08 8.62
CA GLY H 28 -48.74 -2.55 9.95
C GLY H 28 -47.31 -3.06 10.05
N CYS H 29 -46.77 -3.10 11.26
CA CYS H 29 -45.39 -3.52 11.46
C CYS H 29 -45.23 -5.03 11.27
N ARG H 30 -44.85 -5.44 10.07
CA ARG H 30 -44.52 -6.83 9.79
C ARG H 30 -43.15 -7.15 10.38
N THR H 31 -43.15 -7.67 11.60
CA THR H 31 -41.95 -7.71 12.43
C THR H 31 -41.08 -8.96 12.24
N PHE H 32 -39.79 -8.74 11.96
CA PHE H 32 -38.81 -9.82 12.01
C PHE H 32 -37.66 -9.39 12.92
N PHE H 33 -36.83 -10.35 13.33
CA PHE H 33 -35.80 -10.08 14.33
C PHE H 33 -34.39 -10.40 13.85
N ARG H 34 -33.46 -9.49 14.16
CA ARG H 34 -32.04 -9.73 13.92
C ARG H 34 -31.31 -9.89 15.26
N ILE H 35 -30.53 -10.97 15.39
CA ILE H 35 -29.82 -11.23 16.63
C ILE H 35 -28.31 -11.15 16.44
N CYS H 36 -27.64 -10.45 17.35
CA CYS H 36 -26.18 -10.35 17.32
C CYS H 36 -25.58 -10.80 18.64
N LEU H 37 -24.89 -11.94 18.63
CA LEU H 37 -24.21 -12.42 19.82
C LEU H 37 -22.71 -12.19 19.67
N LYS H 38 -22.14 -11.47 20.63
CA LYS H 38 -20.71 -11.20 20.61
C LYS H 38 -20.15 -11.13 22.03
N HIS H 39 -18.83 -10.99 22.12
CA HIS H 39 -18.13 -11.01 23.40
C HIS H 39 -18.53 -9.85 24.30
N TYR H 40 -18.35 -10.04 25.61
CA TYR H 40 -18.58 -8.98 26.58
C TYR H 40 -17.57 -7.87 26.35
N GLN H 41 -18.07 -6.65 26.14
CA GLN H 41 -17.19 -5.50 26.06
C GLN H 41 -17.79 -4.37 26.89
N ALA H 42 -17.10 -4.05 27.99
CA ALA H 42 -17.52 -3.01 28.91
C ALA H 42 -17.50 -1.65 28.21
N THR H 43 -16.48 -1.44 27.39
CA THR H 43 -16.44 -0.26 26.53
C THR H 43 -17.58 -0.34 25.53
N PHE H 44 -17.88 0.77 24.88
CA PHE H 44 -19.00 0.83 23.94
C PHE H 44 -18.83 -0.17 22.80
N SER H 45 -19.95 -0.71 22.34
CA SER H 45 -19.97 -1.79 21.35
C SER H 45 -19.28 -1.43 20.04
N GLU H 46 -18.17 -2.11 19.77
CA GLU H 46 -17.44 -1.95 18.51
C GLU H 46 -17.26 -3.31 17.84
N GLY H 47 -17.23 -3.31 16.51
CA GLY H 47 -16.93 -4.52 15.76
C GLY H 47 -18.17 -5.35 15.46
N PRO H 48 -17.94 -6.56 14.89
CA PRO H 48 -19.01 -7.46 14.45
C PRO H 48 -19.50 -8.41 15.53
N CYS H 49 -20.34 -9.36 15.14
CA CYS H 49 -20.86 -10.37 16.05
C CYS H 49 -19.94 -11.59 16.02
N THR H 50 -19.10 -11.70 17.05
CA THR H 50 -18.05 -12.72 17.08
C THR H 50 -18.55 -14.12 17.43
N PHE H 51 -19.72 -14.21 18.07
CA PHE H 51 -20.25 -15.50 18.47
C PHE H 51 -21.27 -16.01 17.46
N GLY H 52 -21.63 -15.16 16.50
CA GLY H 52 -22.57 -15.53 15.46
C GLY H 52 -23.83 -14.69 15.47
N ASN H 53 -24.37 -14.44 14.28
CA ASN H 53 -25.60 -13.67 14.14
C ASN H 53 -26.67 -14.48 13.42
N VAL H 54 -27.93 -14.11 13.61
CA VAL H 54 -29.03 -14.82 12.98
C VAL H 54 -30.25 -13.91 12.81
N SER H 55 -30.88 -13.99 11.64
CA SER H 55 -32.09 -13.24 11.35
C SER H 55 -33.29 -14.16 11.22
N THR H 56 -34.41 -13.75 11.79
CA THR H 56 -35.63 -14.56 11.77
C THR H 56 -36.61 -14.06 10.72
N PRO H 57 -37.53 -14.94 10.27
CA PRO H 57 -38.61 -14.48 9.39
C PRO H 57 -39.65 -13.68 10.17
N VAL H 58 -40.66 -13.15 9.47
CA VAL H 58 -41.71 -12.38 10.14
C VAL H 58 -42.50 -13.27 11.10
N LEU H 59 -42.54 -12.88 12.36
CA LEU H 59 -43.17 -13.69 13.39
C LEU H 59 -44.55 -13.19 13.77
N GLY H 60 -44.79 -11.90 13.57
CA GLY H 60 -46.07 -11.32 13.91
C GLY H 60 -46.23 -9.86 13.52
N THR H 61 -47.38 -9.28 13.83
CA THR H 61 -47.66 -7.88 13.53
C THR H 61 -48.03 -7.12 14.79
N ASN H 62 -47.35 -5.99 15.01
CA ASN H 62 -47.54 -5.15 16.19
C ASN H 62 -47.30 -5.92 17.49
N SER H 63 -48.36 -6.14 18.25
CA SER H 63 -48.25 -6.92 19.49
C SER H 63 -48.68 -8.36 19.26
N PHE H 64 -47.84 -9.30 19.69
CA PHE H 64 -48.11 -10.72 19.46
C PHE H 64 -47.30 -11.62 20.38
N VAL H 65 -47.85 -12.79 20.68
CA VAL H 65 -47.16 -13.81 21.45
C VAL H 65 -46.50 -14.82 20.49
N ILE H 66 -45.24 -15.17 20.76
CA ILE H 66 -44.50 -16.08 19.89
C ILE H 66 -44.59 -17.52 20.38
N ARG H 67 -45.11 -18.40 19.52
CA ARG H 67 -45.24 -19.83 19.84
C ARG H 67 -43.97 -20.61 19.53
N ASP H 68 -43.78 -21.71 20.24
CA ASP H 68 -42.64 -22.58 19.99
C ASP H 68 -42.79 -23.36 18.69
N LYS H 69 -41.68 -23.53 17.99
CA LYS H 69 -41.65 -24.31 16.75
C LYS H 69 -40.53 -25.34 16.79
N ASN H 70 -40.91 -26.61 16.76
CA ASN H 70 -39.95 -27.71 16.82
C ASN H 70 -39.06 -27.75 15.57
N SER H 71 -39.60 -27.30 14.44
CA SER H 71 -38.86 -27.28 13.20
C SER H 71 -39.04 -25.95 12.46
N GLY H 74 -38.47 -20.48 10.82
CA GLY H 74 -39.07 -19.98 12.04
C GLY H 74 -38.70 -20.82 13.25
N ARG H 75 -37.44 -21.22 13.32
CA ARG H 75 -36.94 -22.03 14.43
C ARG H 75 -36.99 -21.29 15.76
N ASN H 76 -37.53 -21.96 16.78
CA ASN H 76 -37.62 -21.41 18.11
C ASN H 76 -37.64 -22.52 19.16
N PRO H 77 -36.74 -22.44 20.16
CA PRO H 77 -35.74 -21.39 20.40
C PRO H 77 -34.62 -21.36 19.36
N LEU H 78 -34.01 -20.21 19.17
CA LEU H 78 -32.96 -20.04 18.17
C LEU H 78 -31.71 -20.82 18.52
N GLN H 79 -30.95 -21.20 17.49
CA GLN H 79 -29.76 -22.01 17.66
C GLN H 79 -28.51 -21.30 17.14
N LEU H 80 -27.52 -21.15 18.00
CA LEU H 80 -26.24 -20.57 17.61
C LEU H 80 -25.09 -21.49 18.00
N PRO H 81 -24.68 -22.36 17.07
CA PRO H 81 -23.53 -23.24 17.29
C PRO H 81 -22.22 -22.47 17.36
N LEU H 82 -21.38 -22.82 18.32
CA LEU H 82 -20.15 -22.07 18.54
C LEU H 82 -18.92 -22.87 18.12
N ASN H 83 -17.98 -22.17 17.47
CA ASN H 83 -16.71 -22.77 17.06
C ASN H 83 -15.73 -22.88 18.22
N PHE H 84 -16.23 -22.64 19.43
CA PHE H 84 -15.37 -22.51 20.60
C PHE H 84 -16.08 -22.86 21.89
N THR H 85 -15.31 -22.99 22.97
CA THR H 85 -15.85 -23.25 24.30
C THR H 85 -16.40 -21.95 24.89
N TRP H 86 -17.55 -22.04 25.54
CA TRP H 86 -18.22 -20.87 26.12
C TRP H 86 -17.34 -20.14 27.14
N PRO H 87 -17.16 -18.83 26.93
CA PRO H 87 -16.28 -17.97 27.75
C PRO H 87 -16.85 -17.63 29.13
N GLY H 88 -18.17 -17.63 29.26
CA GLY H 88 -18.81 -17.31 30.52
C GLY H 88 -19.45 -15.93 30.53
N THR H 89 -18.86 -15.00 29.77
CA THR H 89 -19.43 -13.66 29.64
C THR H 89 -19.80 -13.44 28.18
N PHE H 90 -20.76 -12.55 27.94
CA PHE H 90 -21.31 -12.37 26.61
C PHE H 90 -21.97 -11.01 26.44
N SER H 91 -22.31 -10.70 25.18
CA SER H 91 -23.11 -9.52 24.88
C SER H 91 -24.19 -9.89 23.88
N LEU H 92 -25.44 -9.59 24.21
CA LEU H 92 -26.55 -9.97 23.36
C LEU H 92 -27.29 -8.74 22.82
N ASN H 93 -27.45 -8.71 21.50
CA ASN H 93 -28.13 -7.60 20.83
C ASN H 93 -29.34 -8.11 20.06
N ILE H 94 -30.53 -7.75 20.52
CA ILE H 94 -31.76 -8.16 19.85
C ILE H 94 -32.47 -6.97 19.23
N GLN H 95 -32.63 -7.01 17.91
CA GLN H 95 -33.27 -5.94 17.18
C GLN H 95 -34.59 -6.38 16.56
N ALA H 96 -35.62 -5.56 16.74
CA ALA H 96 -36.91 -5.80 16.11
C ALA H 96 -37.05 -4.90 14.90
N TRP H 97 -37.40 -5.50 13.76
CA TRP H 97 -37.44 -4.76 12.50
C TRP H 97 -38.79 -4.84 11.81
N HIS H 98 -38.95 -4.06 10.75
CA HIS H 98 -40.13 -4.11 9.91
C HIS H 98 -39.76 -4.28 8.45
N THR H 99 -40.51 -5.11 7.74
CA THR H 99 -40.27 -5.32 6.31
C THR H 99 -41.59 -5.31 5.53
N PRO H 100 -41.59 -4.61 4.38
CA PRO H 100 -42.74 -4.59 3.47
C PRO H 100 -42.69 -5.72 2.44
N GLY H 101 -41.60 -6.46 2.43
CA GLY H 101 -41.39 -7.52 1.46
C GLY H 101 -41.85 -8.89 1.91
N ASP H 102 -41.39 -9.91 1.20
CA ASP H 102 -41.78 -11.30 1.46
C ASP H 102 -41.27 -11.77 2.83
N ASP H 103 -41.93 -12.78 3.38
CA ASP H 103 -41.55 -13.33 4.67
C ASP H 103 -40.31 -14.22 4.55
N LEU H 104 -40.07 -14.73 3.34
CA LEU H 104 -38.86 -15.49 3.05
C LEU H 104 -37.68 -14.53 2.93
N ARG H 105 -36.76 -14.63 3.90
CA ARG H 105 -35.60 -13.73 3.98
C ARG H 105 -36.01 -12.26 4.01
N PRO H 106 -36.56 -11.80 5.15
CA PRO H 106 -36.93 -10.39 5.29
C PRO H 106 -35.73 -9.45 5.22
N GLU H 107 -34.54 -9.96 5.54
CA GLU H 107 -33.33 -9.15 5.48
C GLU H 107 -32.97 -8.79 4.03
N THR H 108 -33.53 -9.55 3.09
CA THR H 108 -33.32 -9.28 1.68
C THR H 108 -34.46 -8.43 1.11
N SER H 109 -34.61 -7.22 1.65
CA SER H 109 -35.65 -6.30 1.21
C SER H 109 -35.20 -4.86 1.40
N PRO H 110 -35.48 -4.00 0.41
CA PRO H 110 -35.00 -2.62 0.43
C PRO H 110 -35.73 -1.74 1.45
N GLY H 111 -36.95 -2.12 1.81
CA GLY H 111 -37.78 -1.29 2.66
C GLY H 111 -37.66 -1.58 4.14
N ASN H 112 -36.63 -2.33 4.53
CA ASN H 112 -36.43 -2.67 5.94
C ASN H 112 -36.14 -1.45 6.80
N SER H 113 -36.89 -1.29 7.88
CA SER H 113 -36.68 -0.18 8.80
C SER H 113 -36.76 -0.67 10.24
N LEU H 114 -35.87 -0.16 11.09
CA LEU H 114 -35.77 -0.61 12.46
C LEU H 114 -36.96 -0.17 13.32
N ILE H 115 -37.42 -1.06 14.18
CA ILE H 115 -38.48 -0.75 15.12
C ILE H 115 -37.89 -0.37 16.47
N SER H 116 -37.29 -1.35 17.13
CA SER H 116 -36.66 -1.13 18.43
C SER H 116 -35.58 -2.17 18.68
N GLN H 117 -34.71 -1.90 19.65
CA GLN H 117 -33.64 -2.82 19.99
C GLN H 117 -33.31 -2.76 21.47
N ILE H 118 -32.72 -3.84 21.98
CA ILE H 118 -32.30 -3.90 23.36
C ILE H 118 -30.88 -4.43 23.44
N ILE H 119 -30.23 -4.25 24.57
CA ILE H 119 -28.87 -4.73 24.77
C ILE H 119 -28.67 -5.20 26.20
N ILE H 120 -28.12 -6.42 26.34
CA ILE H 120 -27.81 -6.97 27.65
C ILE H 120 -26.45 -7.65 27.63
N GLN H 121 -25.77 -7.62 28.77
CA GLN H 121 -24.52 -8.34 28.92
C GLN H 121 -24.28 -8.72 30.38
N GLY H 122 -23.54 -9.81 30.59
CA GLY H 122 -23.24 -10.30 31.91
C GLY H 122 -22.65 -11.70 31.88
N SER H 123 -22.79 -12.42 32.98
CA SER H 123 -22.26 -13.78 33.08
C SER H 123 -23.35 -14.81 32.92
N LEU H 124 -22.99 -15.97 32.38
CA LEU H 124 -23.93 -17.06 32.21
C LEU H 124 -23.20 -18.40 32.26
N ALA H 125 -23.72 -19.32 33.06
CA ALA H 125 -23.12 -20.64 33.20
C ALA H 125 -23.88 -21.67 32.38
N VAL H 126 -23.15 -22.65 31.86
CA VAL H 126 -23.73 -23.71 31.04
C VAL H 126 -24.72 -24.53 31.86
N GLY H 127 -25.91 -24.76 31.30
CA GLY H 127 -26.92 -25.55 31.97
C GLY H 127 -28.25 -25.51 31.25
N ASN H 129 -30.92 -24.78 32.65
CA ASN H 129 -31.70 -23.73 33.30
C ASN H 129 -31.88 -22.51 32.42
N TRP H 130 -33.14 -22.20 32.09
CA TRP H 130 -33.46 -21.02 31.30
C TRP H 130 -33.43 -19.77 32.17
N LYS H 131 -32.68 -18.76 31.73
CA LYS H 131 -32.68 -17.48 32.40
C LYS H 131 -33.63 -16.53 31.67
N SER H 132 -34.66 -16.06 32.36
CA SER H 132 -35.67 -15.23 31.74
C SER H 132 -35.51 -13.76 32.10
N ASP H 133 -35.88 -12.88 31.18
CA ASP H 133 -35.71 -11.45 31.36
C ASP H 133 -36.74 -10.66 30.57
N GLU H 134 -37.13 -9.49 31.10
CA GLU H 134 -38.04 -8.59 30.39
C GLU H 134 -37.40 -7.24 30.13
N GLN H 135 -37.77 -6.60 29.04
CA GLN H 135 -37.31 -5.25 28.74
C GLN H 135 -38.47 -4.36 28.31
N ASN H 136 -38.94 -3.54 29.25
CA ASN H 136 -40.05 -2.61 28.99
C ASN H 136 -39.59 -1.19 28.72
N ASN H 137 -40.22 -0.55 27.72
CA ASN H 137 -40.08 0.89 27.51
C ASN H 137 -41.44 1.48 27.13
N THR H 138 -41.46 2.80 26.91
CA THR H 138 -42.70 3.50 26.61
C THR H 138 -43.34 3.03 25.30
N LEU H 139 -42.52 2.63 24.35
CA LEU H 139 -43.01 2.16 23.06
C LEU H 139 -43.20 0.65 23.02
N THR H 140 -42.14 -0.10 23.35
CA THR H 140 -42.16 -1.54 23.18
C THR H 140 -41.89 -2.32 24.45
N ARG H 141 -42.30 -3.59 24.45
CA ARG H 141 -41.96 -4.52 25.52
C ARG H 141 -41.45 -5.82 24.91
N LEU H 142 -40.39 -6.36 25.49
CA LEU H 142 -39.84 -7.63 25.02
C LEU H 142 -39.63 -8.60 26.18
N ARG H 143 -40.18 -9.80 26.05
CA ARG H 143 -40.00 -10.84 27.06
C ARG H 143 -39.36 -12.06 26.42
N TYR H 144 -38.24 -12.50 26.99
CA TYR H 144 -37.44 -13.56 26.38
C TYR H 144 -36.69 -14.38 27.42
N SER H 145 -36.07 -15.47 26.97
CA SER H 145 -35.29 -16.33 27.84
C SER H 145 -34.15 -16.98 27.05
N TYR H 146 -33.06 -17.30 27.74
CA TYR H 146 -31.87 -17.84 27.07
C TYR H 146 -31.03 -18.69 27.99
N ARG H 147 -30.26 -19.60 27.39
CA ARG H 147 -29.39 -20.50 28.13
C ARG H 147 -28.22 -20.96 27.27
N VAL H 148 -27.22 -21.57 27.89
CA VAL H 148 -26.13 -22.19 27.16
C VAL H 148 -26.06 -23.67 27.50
N VAL H 149 -26.22 -24.53 26.50
CA VAL H 149 -26.19 -25.97 26.72
C VAL H 149 -25.11 -26.64 25.88
N CYS H 150 -24.85 -27.91 26.18
CA CYS H 150 -23.85 -28.68 25.44
C CYS H 150 -24.45 -29.34 24.22
N SER H 151 -23.62 -29.51 23.18
CA SER H 151 -24.03 -30.29 22.02
C SER H 151 -24.34 -31.72 22.45
N ASP H 152 -25.08 -32.44 21.63
CA ASP H 152 -25.44 -33.82 21.96
C ASP H 152 -24.19 -34.66 22.18
N ASN H 153 -24.28 -35.57 23.15
CA ASN H 153 -23.19 -36.47 23.54
C ASN H 153 -22.01 -35.76 24.22
N TYR H 154 -22.15 -34.47 24.49
CA TYR H 154 -21.12 -33.71 25.19
C TYR H 154 -21.53 -33.36 26.61
N TYR H 155 -20.59 -33.48 27.54
CA TYR H 155 -20.88 -33.27 28.96
C TYR H 155 -19.81 -32.40 29.62
N GLY H 156 -20.05 -32.03 30.87
CA GLY H 156 -19.11 -31.23 31.62
C GLY H 156 -19.56 -29.78 31.76
N ASP H 157 -18.81 -29.01 32.56
CA ASP H 157 -19.14 -27.60 32.78
C ASP H 157 -18.83 -26.76 31.55
N SER H 158 -17.93 -27.25 30.69
CA SER H 158 -17.51 -26.50 29.52
C SER H 158 -17.72 -27.29 28.23
N CYS H 159 -18.49 -28.37 28.32
CA CYS H 159 -18.79 -29.23 27.18
C CYS H 159 -17.52 -29.72 26.48
N SER H 160 -16.47 -29.96 27.28
CA SER H 160 -15.17 -30.29 26.73
C SER H 160 -14.85 -31.78 26.83
N ARG H 161 -15.86 -32.58 27.19
CA ARG H 161 -15.67 -34.02 27.32
C ARG H 161 -16.77 -34.78 26.59
N LEU H 162 -16.35 -35.71 25.73
CA LEU H 162 -17.28 -36.51 24.93
C LEU H 162 -17.60 -37.85 25.59
N CYS H 163 -18.87 -38.23 25.57
CA CYS H 163 -19.27 -39.54 26.08
C CYS H 163 -20.36 -40.16 25.19
N ARG H 166 -21.48 -47.28 24.84
CA ARG H 166 -21.03 -48.47 24.12
C ARG H 166 -21.57 -49.74 24.74
N ASP H 167 -21.61 -50.81 23.95
CA ASP H 167 -21.95 -52.12 24.46
C ASP H 167 -21.25 -53.19 23.62
N ASP H 168 -19.94 -53.04 23.48
CA ASP H 168 -19.12 -53.99 22.75
C ASP H 168 -17.77 -54.20 23.42
N HIS H 169 -16.80 -54.68 22.65
CA HIS H 169 -15.49 -55.06 23.19
C HIS H 169 -14.76 -53.90 23.86
N PHE H 170 -14.89 -52.71 23.30
CA PHE H 170 -14.14 -51.56 23.79
C PHE H 170 -14.77 -50.92 25.02
N GLY H 171 -16.00 -51.31 25.34
CA GLY H 171 -16.64 -50.80 26.54
C GLY H 171 -18.10 -51.21 26.71
N HIS H 172 -18.51 -51.31 27.97
CA HIS H 172 -19.89 -51.57 28.32
C HIS H 172 -20.33 -50.59 29.39
N TYR H 173 -20.75 -49.39 28.98
CA TYR H 173 -21.01 -48.32 29.92
C TYR H 173 -22.10 -47.35 29.49
N GLU H 174 -22.61 -46.60 30.46
CA GLU H 174 -23.53 -45.49 30.21
C GLU H 174 -22.80 -44.17 30.45
N CYS H 175 -23.49 -43.06 30.23
CA CYS H 175 -22.86 -41.76 30.40
C CYS H 175 -23.39 -41.00 31.62
N GLN H 176 -22.47 -40.58 32.48
CA GLN H 176 -22.80 -39.74 33.61
C GLN H 176 -22.73 -38.27 33.20
N PRO H 177 -23.43 -37.38 33.94
CA PRO H 177 -23.46 -35.95 33.60
C PRO H 177 -22.08 -35.28 33.49
N ASP H 178 -21.06 -35.87 34.12
CA ASP H 178 -19.73 -35.28 34.09
C ASP H 178 -18.84 -35.87 33.01
N GLY H 179 -19.38 -36.84 32.26
CA GLY H 179 -18.65 -37.44 31.16
C GLY H 179 -17.98 -38.75 31.52
N SER H 180 -17.92 -39.04 32.81
CA SER H 180 -17.31 -40.29 33.28
C SER H 180 -18.25 -41.45 33.02
N PRO H 181 -17.69 -42.60 32.60
CA PRO H 181 -18.51 -43.78 32.28
C PRO H 181 -19.20 -44.38 33.50
N SER H 182 -20.47 -44.72 33.35
CA SER H 182 -21.18 -45.48 34.38
C SER H 182 -21.25 -46.93 33.94
N CYS H 183 -20.44 -47.79 34.56
CA CYS H 183 -20.28 -49.17 34.13
C CYS H 183 -21.57 -49.97 34.16
N LEU H 184 -21.85 -50.66 33.06
CA LEU H 184 -22.96 -51.59 32.98
C LEU H 184 -22.75 -52.72 34.00
N PRO H 185 -23.83 -53.37 34.44
CA PRO H 185 -23.70 -54.44 35.45
C PRO H 185 -22.79 -55.59 35.01
N GLY H 186 -21.82 -55.92 35.86
CA GLY H 186 -20.91 -57.02 35.59
C GLY H 186 -19.59 -56.60 34.95
N TRP H 187 -19.31 -55.31 34.96
CA TRP H 187 -18.08 -54.79 34.35
C TRP H 187 -17.39 -53.76 35.24
N THR H 188 -16.11 -53.53 34.97
CA THR H 188 -15.32 -52.56 35.74
C THR H 188 -14.21 -51.94 34.90
N GLY H 189 -13.49 -50.99 35.49
CA GLY H 189 -12.43 -50.29 34.79
C GLY H 189 -12.76 -48.84 34.50
N TYR H 191 -12.97 -47.58 31.40
CA TYR H 191 -13.88 -47.58 30.27
C TYR H 191 -14.82 -48.79 30.31
N CYS H 192 -14.90 -49.42 31.48
CA CYS H 192 -15.78 -50.55 31.71
C CYS H 192 -15.63 -51.65 30.66
N ASP H 193 -14.40 -52.10 30.45
CA ASP H 193 -14.13 -53.17 29.50
C ASP H 193 -13.53 -54.40 30.18
N GLN H 194 -13.34 -54.31 31.49
CA GLN H 194 -12.83 -55.43 32.27
C GLN H 194 -13.99 -56.20 32.92
N PRO H 195 -14.10 -57.49 32.60
CA PRO H 195 -15.17 -58.33 33.14
C PRO H 195 -15.02 -58.61 34.63
N ILE H 196 -16.12 -58.61 35.35
CA ILE H 196 -16.12 -58.97 36.75
C ILE H 196 -16.29 -60.48 36.89
N CYS H 197 -15.23 -61.16 37.31
CA CYS H 197 -15.23 -62.61 37.40
C CYS H 197 -16.25 -63.12 38.40
N LEU H 198 -16.52 -64.43 38.33
CA LEU H 198 -17.49 -65.07 39.22
C LEU H 198 -17.16 -64.81 40.69
N SER H 199 -18.20 -64.74 41.52
CA SER H 199 -18.05 -64.43 42.93
C SER H 199 -17.15 -65.44 43.66
N GLY H 200 -16.07 -64.95 44.23
CA GLY H 200 -15.16 -65.78 45.00
C GLY H 200 -14.03 -66.40 44.20
N CYS H 201 -14.05 -66.17 42.88
CA CYS H 201 -12.99 -66.66 42.01
C CYS H 201 -11.64 -66.11 42.46
N HIS H 202 -10.62 -66.96 42.48
CA HIS H 202 -9.30 -66.59 42.99
C HIS H 202 -8.71 -65.43 42.19
N GLU H 203 -8.39 -64.35 42.89
CA GLU H 203 -7.86 -63.14 42.24
C GLU H 203 -6.51 -63.39 41.57
N GLN H 204 -5.69 -64.25 42.19
CA GLN H 204 -4.33 -64.50 41.70
C GLN H 204 -4.26 -65.63 40.68
N ASN H 205 -4.95 -66.73 40.96
CA ASN H 205 -4.84 -67.92 40.12
C ASN H 205 -5.98 -68.07 39.13
N GLY H 206 -7.00 -67.23 39.26
CA GLY H 206 -8.15 -67.29 38.38
C GLY H 206 -8.36 -66.01 37.59
N TYR H 207 -9.04 -66.13 36.45
CA TYR H 207 -9.36 -64.98 35.62
C TYR H 207 -10.62 -65.26 34.81
N CYS H 208 -11.09 -64.24 34.07
CA CYS H 208 -12.28 -64.40 33.24
C CYS H 208 -12.25 -63.52 31.99
N SER H 209 -12.98 -63.94 30.97
CA SER H 209 -13.11 -63.18 29.74
C SER H 209 -14.56 -62.74 29.55
N PRO H 211 -18.33 -61.92 32.00
CA PRO H 211 -18.84 -61.69 33.36
C PRO H 211 -19.35 -62.94 34.06
N ASP H 212 -19.13 -63.00 35.37
CA ASP H 212 -19.57 -64.11 36.21
C ASP H 212 -18.99 -65.45 35.78
N GLU H 213 -17.81 -65.40 35.16
CA GLU H 213 -17.09 -66.61 34.78
C GLU H 213 -15.80 -66.72 35.60
N CYS H 214 -15.28 -67.94 35.71
CA CYS H 214 -14.03 -68.16 36.42
C CYS H 214 -13.20 -69.22 35.72
N ASN H 215 -12.08 -68.81 35.14
CA ASN H 215 -11.17 -69.74 34.48
C ASN H 215 -9.89 -69.88 35.30
N CYS H 216 -9.26 -71.06 35.20
CA CYS H 216 -8.10 -71.36 36.03
C CYS H 216 -6.78 -71.26 35.25
N ARG H 217 -5.82 -70.55 35.82
CA ARG H 217 -4.47 -70.50 35.29
C ARG H 217 -3.80 -71.87 35.48
N PRO H 218 -2.82 -72.20 34.61
CA PRO H 218 -2.15 -73.51 34.62
C PRO H 218 -1.75 -74.03 35.99
N GLY H 219 -2.24 -75.22 36.34
CA GLY H 219 -1.91 -75.85 37.61
C GLY H 219 -3.02 -75.77 38.63
N TRP H 220 -4.17 -75.23 38.22
CA TRP H 220 -5.28 -75.04 39.15
C TRP H 220 -6.59 -75.57 38.61
N GLN H 221 -7.50 -75.91 39.53
CA GLN H 221 -8.81 -76.43 39.17
C GLN H 221 -9.84 -76.03 40.21
N GLY H 222 -11.10 -76.39 39.96
CA GLY H 222 -12.17 -76.10 40.89
C GLY H 222 -13.08 -74.98 40.41
N PRO H 223 -14.19 -74.75 41.12
CA PRO H 223 -15.14 -73.69 40.78
C PRO H 223 -14.55 -72.29 40.98
N LEU H 224 -13.62 -72.17 41.93
CA LEU H 224 -13.04 -70.88 42.26
C LEU H 224 -11.53 -70.84 42.01
N CYS H 225 -11.02 -71.88 41.33
CA CYS H 225 -9.60 -72.00 41.02
C CYS H 225 -8.72 -71.83 42.26
N ASN H 226 -9.18 -72.37 43.38
CA ASN H 226 -8.43 -72.27 44.63
C ASN H 226 -7.81 -73.60 45.02
N GLU H 227 -7.96 -74.58 44.13
CA GLU H 227 -7.47 -75.93 44.37
C GLU H 227 -6.32 -76.27 43.44
N CYS H 228 -5.19 -76.68 44.01
CA CYS H 228 -4.00 -76.98 43.23
C CYS H 228 -4.09 -78.32 42.52
N ILE H 229 -3.26 -78.50 41.50
CA ILE H 229 -3.12 -79.78 40.83
C ILE H 229 -1.75 -80.35 41.19
N PRO H 230 -1.74 -81.48 41.92
CA PRO H 230 -0.49 -82.10 42.37
C PRO H 230 0.39 -82.52 41.20
N HIS H 231 1.70 -82.62 41.45
CA HIS H 231 2.68 -83.04 40.46
C HIS H 231 2.21 -84.30 39.73
N LYS H 232 2.36 -84.31 38.41
CA LYS H 232 2.02 -85.47 37.60
C LYS H 232 2.70 -86.73 38.12
N GLY H 233 1.88 -87.68 38.59
CA GLY H 233 2.39 -88.92 39.13
C GLY H 233 2.45 -88.96 40.65
N CYS H 234 1.83 -87.98 41.31
CA CYS H 234 1.75 -87.97 42.75
C CYS H 234 0.60 -88.87 43.20
N ARG H 235 0.92 -89.94 43.92
CA ARG H 235 -0.06 -90.96 44.26
C ARG H 235 -0.62 -90.83 45.66
N HIS H 236 0.27 -90.77 46.65
CA HIS H 236 -0.16 -90.65 48.04
C HIS H 236 0.42 -89.40 48.67
N GLY H 237 0.11 -88.25 48.07
CA GLY H 237 0.57 -86.97 48.56
C GLY H 237 -0.38 -85.85 48.17
N THR H 238 -0.22 -84.69 48.80
CA THR H 238 -1.10 -83.55 48.55
C THR H 238 -0.33 -82.37 47.94
N CYS H 239 -1.00 -81.22 47.88
CA CYS H 239 -0.40 -80.00 47.36
C CYS H 239 -0.95 -78.76 48.04
N THR H 240 -0.18 -77.69 47.98
CA THR H 240 -0.68 -76.36 48.29
C THR H 240 -0.45 -75.49 47.07
N ILE H 241 0.67 -75.76 46.41
CA ILE H 241 1.04 -75.10 45.16
C ILE H 241 1.13 -76.17 44.07
N PRO H 242 0.64 -75.85 42.85
CA PRO H 242 0.75 -76.72 41.68
C PRO H 242 2.13 -77.35 41.52
N TRP H 243 2.16 -78.58 41.01
CA TRP H 243 3.39 -79.34 40.82
C TRP H 243 4.12 -79.57 42.13
N GLN H 244 3.38 -80.10 43.11
CA GLN H 244 3.95 -80.47 44.39
C GLN H 244 3.48 -81.86 44.79
N CYS H 245 4.25 -82.52 45.66
CA CYS H 245 3.88 -83.85 46.14
C CYS H 245 4.32 -84.04 47.58
N ALA H 246 3.54 -83.49 48.51
CA ALA H 246 3.83 -83.60 49.93
C ALA H 246 3.19 -84.87 50.51
N CYS H 247 4.02 -85.83 50.87
CA CYS H 247 3.56 -87.17 51.24
C CYS H 247 2.64 -87.18 52.46
N ASP H 248 1.72 -88.13 52.47
CA ASP H 248 0.80 -88.31 53.59
C ASP H 248 1.43 -89.10 54.73
N GLU H 249 0.61 -89.63 55.61
CA GLU H 249 1.10 -90.41 56.75
C GLU H 249 1.60 -91.77 56.30
N GLY H 250 2.77 -92.15 56.79
CA GLY H 250 3.35 -93.46 56.51
C GLY H 250 3.89 -93.59 55.09
N TRP H 251 3.87 -92.48 54.35
CA TRP H 251 4.39 -92.47 52.99
C TRP H 251 5.58 -91.54 52.87
N GLY H 252 6.41 -91.76 51.85
CA GLY H 252 7.59 -90.95 51.62
C GLY H 252 8.07 -91.10 50.19
N GLY H 253 9.21 -90.51 49.87
CA GLY H 253 9.71 -90.53 48.52
C GLY H 253 9.16 -89.39 47.68
N LEU H 254 9.84 -89.10 46.57
CA LEU H 254 9.48 -88.00 45.68
C LEU H 254 8.00 -88.02 45.28
N PHE H 255 7.56 -89.13 44.69
CA PHE H 255 6.19 -89.26 44.23
C PHE H 255 5.27 -89.88 45.28
N CYS H 256 5.78 -89.99 46.51
CA CYS H 256 5.02 -90.52 47.64
C CYS H 256 4.45 -91.90 47.34
N ASP H 257 5.29 -92.91 47.43
CA ASP H 257 4.89 -94.28 47.12
C ASP H 257 5.72 -95.30 47.90
N GLN H 258 6.27 -94.87 49.02
CA GLN H 258 7.07 -95.75 49.88
C GLN H 258 7.05 -95.24 51.32
N ALA H 259 7.31 -96.12 52.27
CA ALA H 259 7.29 -95.76 53.68
C ALA H 259 8.64 -95.23 54.15
N ALA H 260 8.70 -94.82 55.42
CA ALA H 260 9.93 -94.27 55.99
C ALA H 260 10.13 -94.73 57.43
N ALA H 261 10.41 -96.02 57.60
CA ALA H 261 10.62 -96.59 58.93
C ALA H 261 11.98 -96.17 59.49
#